data_9CIY
# 
_entry.id   9CIY 
# 
_audit_conform.dict_name       mmcif_pdbx.dic 
_audit_conform.dict_version    5.404 
_audit_conform.dict_location   http://mmcif.pdb.org/dictionaries/ascii/mmcif_pdbx.dic 
# 
loop_
_database_2.database_id 
_database_2.database_code 
_database_2.pdbx_database_accession 
_database_2.pdbx_DOI 
PDB   9CIY         pdb_00009ciy 10.2210/pdb9ciy/pdb 
WWPDB D_1000285606 ?            ?                   
# 
_pdbx_audit_revision_history.ordinal             1 
_pdbx_audit_revision_history.data_content_type   'Structure model' 
_pdbx_audit_revision_history.major_revision      1 
_pdbx_audit_revision_history.minor_revision      0 
_pdbx_audit_revision_history.revision_date       2025-07-09 
_pdbx_audit_revision_history.part_number         ? 
# 
_pdbx_audit_revision_details.ordinal             1 
_pdbx_audit_revision_details.revision_ordinal    1 
_pdbx_audit_revision_details.data_content_type   'Structure model' 
_pdbx_audit_revision_details.provider            repository 
_pdbx_audit_revision_details.type                'Initial release' 
_pdbx_audit_revision_details.description         ? 
_pdbx_audit_revision_details.details             ? 
# 
_pdbx_database_status.status_code                     REL 
_pdbx_database_status.status_code_sf                  REL 
_pdbx_database_status.status_code_mr                  ? 
_pdbx_database_status.entry_id                        9CIY 
_pdbx_database_status.recvd_initial_deposition_date   2024-07-05 
_pdbx_database_status.SG_entry                        N 
_pdbx_database_status.deposit_site                    RCSB 
_pdbx_database_status.process_site                    RCSB 
_pdbx_database_status.status_code_cs                  ? 
_pdbx_database_status.status_code_nmr_data            ? 
_pdbx_database_status.methods_development_category    ? 
_pdbx_database_status.pdb_format_compatible           Y 
# 
_pdbx_contact_author.id                 2 
_pdbx_contact_author.email              lyatsun1@swarthmore.edu 
_pdbx_contact_author.name_first         Liliya 
_pdbx_contact_author.name_last          Yatsunyk 
_pdbx_contact_author.name_mi            ? 
_pdbx_contact_author.role               'principal investigator/group leader' 
_pdbx_contact_author.identifier_ORCID   0000-0003-3946-0939 
# 
loop_
_audit_author.name 
_audit_author.pdbx_ordinal 
_audit_author.identifier_ORCID 
'Xing, E.R.'     1 0000-0002-5248-142X 
'Yatsunyk, L.A.' 2 0000-0003-3946-0939 
# 
_citation.abstract                  ? 
_citation.abstract_id_CAS           ? 
_citation.book_id_ISBN              ? 
_citation.book_publisher            ? 
_citation.book_publisher_city       ? 
_citation.book_title                ? 
_citation.coordinate_linkage        ? 
_citation.country                   ? 
_citation.database_id_Medline       ? 
_citation.details                   ? 
_citation.id                        primary 
_citation.journal_abbrev            'To be Published' 
_citation.journal_id_ASTM           ? 
_citation.journal_id_CSD            0353 
_citation.journal_id_ISSN           ? 
_citation.journal_full              ? 
_citation.journal_issue             ? 
_citation.journal_volume            ? 
_citation.language                  ? 
_citation.page_first                ? 
_citation.page_last                 ? 
_citation.title                     'Structure of a left-right-handed G-quadruplex from the promoter of the NSD1 gene' 
_citation.year                      ? 
_citation.database_id_CSD           ? 
_citation.pdbx_database_id_DOI      ? 
_citation.pdbx_database_id_PubMed   ? 
_citation.pdbx_database_id_patent   ? 
_citation.unpublished_flag          ? 
# 
loop_
_citation_author.citation_id 
_citation_author.name 
_citation_author.ordinal 
_citation_author.identifier_ORCID 
primary 'Xing, E.R.'     1 0000-0002-5248-142X 
primary 'Yatsunyk, L.A.' 2 0000-0003-3946-0939 
# 
loop_
_entity.id 
_entity.type 
_entity.src_method 
_entity.pdbx_description 
_entity.formula_weight 
_entity.pdbx_number_of_molecules 
_entity.pdbx_ec 
_entity.pdbx_mutation 
_entity.pdbx_fragment 
_entity.details 
1 polymer     syn 'DNA (25-MER)'                         8264.264 1 ? ? ? ? 
2 non-polymer syn 'POTASSIUM ION'                        39.098   4 ? ? ? ? 
3 non-polymer syn 'COBALT HEXAMMINE(III)'                161.116  3 ? ? ? ? 
4 non-polymer syn '2-(N-MORPHOLINO)-ETHANESULFONIC ACID' 195.237  1 ? ? ? ? 
5 non-polymer syn 'DI(HYDROXYETHYL)ETHER'                106.120  6 ? ? ? ? 
6 water       nat water                                  18.015   4 ? ? ? ? 
# 
_entity_poly.entity_id                      1 
_entity_poly.type                           polydeoxyribonucleotide 
_entity_poly.nstd_linkage                   no 
_entity_poly.nstd_monomer                   no 
_entity_poly.pdbx_seq_one_letter_code       
;(DG)(DT)(DG)(DG)(DT)(DG)(DG)(DT)(DG)(DG)(DT)(DG)(DT)(DT)(DG)(DG)(DT)(DG)(DG)(DT)
(DG)(DG)(DT)(DG)(DT)(DG)
;
_entity_poly.pdbx_seq_one_letter_code_can   GTGGTGGTGGTGTTGGTGGTGGTGTG 
_entity_poly.pdbx_strand_id                 A 
_entity_poly.pdbx_target_identifier         ? 
# 
loop_
_pdbx_entity_nonpoly.entity_id 
_pdbx_entity_nonpoly.name 
_pdbx_entity_nonpoly.comp_id 
2 'POTASSIUM ION'                        K   
3 'COBALT HEXAMMINE(III)'                NCO 
4 '2-(N-MORPHOLINO)-ETHANESULFONIC ACID' MES 
5 'DI(HYDROXYETHYL)ETHER'                PEG 
6 water                                  HOH 
# 
loop_
_entity_poly_seq.entity_id 
_entity_poly_seq.num 
_entity_poly_seq.mon_id 
_entity_poly_seq.hetero 
1 1  DG n 
1 2  DT n 
1 3  DG n 
1 4  DG n 
1 5  DT n 
1 6  DG n 
1 7  DG n 
1 8  DT n 
1 9  DG n 
1 10 DG n 
1 11 DT n 
1 12 DG n 
1 13 DT n 
1 14 DT n 
1 15 DG n 
1 16 DG n 
1 17 DT n 
1 18 DG n 
1 19 DG n 
1 20 DT n 
1 21 DG n 
1 22 DG n 
1 23 DT n 
1 24 DG n 
1 25 DT n 
1 26 DG n 
# 
_pdbx_entity_src_syn.entity_id              1 
_pdbx_entity_src_syn.pdbx_src_id            1 
_pdbx_entity_src_syn.pdbx_alt_source_flag   sample 
_pdbx_entity_src_syn.pdbx_beg_seq_num       1 
_pdbx_entity_src_syn.pdbx_end_seq_num       26 
_pdbx_entity_src_syn.organism_scientific    'Homo sapiens' 
_pdbx_entity_src_syn.organism_common_name   ? 
_pdbx_entity_src_syn.ncbi_taxonomy_id       9606 
_pdbx_entity_src_syn.details                ? 
# 
loop_
_chem_comp.id 
_chem_comp.type 
_chem_comp.mon_nstd_flag 
_chem_comp.name 
_chem_comp.pdbx_synonyms 
_chem_comp.formula 
_chem_comp.formula_weight 
DG  'DNA linking' y "2'-DEOXYGUANOSINE-5'-MONOPHOSPHATE"   ? 'C10 H14 N5 O7 P' 347.221 
DT  'DNA linking' y "THYMIDINE-5'-MONOPHOSPHATE"           ? 'C10 H15 N2 O8 P' 322.208 
HOH non-polymer   . WATER                                  ? 'H2 O'            18.015  
K   non-polymer   . 'POTASSIUM ION'                        ? 'K 1'             39.098  
MES non-polymer   . '2-(N-MORPHOLINO)-ETHANESULFONIC ACID' ? 'C6 H13 N O4 S'   195.237 
NCO non-polymer   . 'COBALT HEXAMMINE(III)'                ? 'Co H18 N6 3'     161.116 
PEG non-polymer   . 'DI(HYDROXYETHYL)ETHER'                ? 'C4 H10 O3'       106.120 
# 
loop_
_pdbx_poly_seq_scheme.asym_id 
_pdbx_poly_seq_scheme.entity_id 
_pdbx_poly_seq_scheme.seq_id 
_pdbx_poly_seq_scheme.mon_id 
_pdbx_poly_seq_scheme.ndb_seq_num 
_pdbx_poly_seq_scheme.pdb_seq_num 
_pdbx_poly_seq_scheme.auth_seq_num 
_pdbx_poly_seq_scheme.pdb_mon_id 
_pdbx_poly_seq_scheme.auth_mon_id 
_pdbx_poly_seq_scheme.pdb_strand_id 
_pdbx_poly_seq_scheme.pdb_ins_code 
_pdbx_poly_seq_scheme.hetero 
A 1 1  DG 1  1  1  DG DG A . n 
A 1 2  DT 2  2  2  DT DT A . n 
A 1 3  DG 3  3  3  DG DG A . n 
A 1 4  DG 4  4  4  DG DG A . n 
A 1 5  DT 5  5  5  DT DT A . n 
A 1 6  DG 6  6  6  DG DG A . n 
A 1 7  DG 7  7  7  DG DG A . n 
A 1 8  DT 8  8  8  DT DT A . n 
A 1 9  DG 9  9  9  DG DG A . n 
A 1 10 DG 10 10 10 DG DG A . n 
A 1 11 DT 11 11 11 DT DT A . n 
A 1 12 DG 12 12 12 DG DG A . n 
A 1 13 DT 13 13 13 DT DT A . n 
A 1 14 DT 14 14 14 DT DT A . n 
A 1 15 DG 15 15 15 DG DG A . n 
A 1 16 DG 16 16 16 DG DG A . n 
A 1 17 DT 17 17 17 DT DT A . n 
A 1 18 DG 18 18 18 DG DG A . n 
A 1 19 DG 19 19 19 DG DG A . n 
A 1 20 DT 20 20 20 DT DT A . n 
A 1 21 DG 21 21 21 DG DG A . n 
A 1 22 DG 22 22 22 DG DG A . n 
A 1 23 DT 23 23 23 DT DT A . n 
A 1 24 DG 24 24 24 DG DG A . n 
A 1 25 DT 25 25 25 DT DT A . n 
A 1 26 DG 26 26 26 DG DG A . n 
# 
loop_
_pdbx_nonpoly_scheme.asym_id 
_pdbx_nonpoly_scheme.entity_id 
_pdbx_nonpoly_scheme.mon_id 
_pdbx_nonpoly_scheme.ndb_seq_num 
_pdbx_nonpoly_scheme.pdb_seq_num 
_pdbx_nonpoly_scheme.auth_seq_num 
_pdbx_nonpoly_scheme.pdb_mon_id 
_pdbx_nonpoly_scheme.auth_mon_id 
_pdbx_nonpoly_scheme.pdb_strand_id 
_pdbx_nonpoly_scheme.pdb_ins_code 
B 2 K   1 101 1 K   K   A . 
C 2 K   1 102 2 K   K   A . 
D 2 K   1 103 3 K   K   A . 
E 2 K   1 104 4 K   K   A . 
F 3 NCO 1 105 1 NCO NCO A . 
G 3 NCO 1 106 2 NCO NCO A . 
H 3 NCO 1 107 3 NCO NCO A . 
I 4 MES 1 108 1 MES MES A . 
J 5 PEG 1 109 1 PEG PEG A . 
K 5 PEG 1 110 2 PEG PEG A . 
L 5 PEG 1 111 3 PEG PEG A . 
M 5 PEG 1 112 4 PEG PEG A . 
N 5 PEG 1 113 5 PEG PEG A . 
O 5 PEG 1 114 6 PEG PEG A . 
P 6 HOH 1 201 3 HOH HOH A . 
P 6 HOH 2 202 1 HOH HOH A . 
P 6 HOH 3 203 2 HOH HOH A . 
P 6 HOH 4 204 4 HOH HOH A . 
# 
loop_
_software.citation_id 
_software.classification 
_software.compiler_name 
_software.compiler_version 
_software.contact_author 
_software.contact_author_email 
_software.date 
_software.description 
_software.dependencies 
_software.hardware 
_software.language 
_software.location 
_software.mods 
_software.name 
_software.os 
_software.os_version 
_software.type 
_software.version 
_software.pdbx_ordinal 
? refinement       ? ? ? ? ? ? ? ? ? ? ? PHENIX   ? ? ? '(1.21.1_5286: ???)' 1 
? 'model building' ? ? ? ? ? ? ? ? ? ? ? Coot     ? ? ? 0.8.9.2              2 
? 'data reduction' ? ? ? ? ? ? ? ? ? ? ? autoPROC ? ? ? .                    3 
? 'data scaling'   ? ? ? ? ? ? ? ? ? ? ? autoPROC ? ? ? .                    4 
? phasing          ? ? ? ? ? ? ? ? ? ? ? PHENIX   ? ? ? 1.19.2_4158          5 
# 
_cell.angle_alpha                  90.00 
_cell.angle_alpha_esd              ? 
_cell.angle_beta                   90.00 
_cell.angle_beta_esd               ? 
_cell.angle_gamma                  90.00 
_cell.angle_gamma_esd              ? 
_cell.entry_id                     9CIY 
_cell.details                      ? 
_cell.formula_units_Z              ? 
_cell.length_a                     71.849 
_cell.length_a_esd                 ? 
_cell.length_b                     71.849 
_cell.length_b_esd                 ? 
_cell.length_c                     41.637 
_cell.length_c_esd                 ? 
_cell.volume                       ? 
_cell.volume_esd                   ? 
_cell.Z_PDB                        8 
_cell.reciprocal_angle_alpha       ? 
_cell.reciprocal_angle_beta        ? 
_cell.reciprocal_angle_gamma       ? 
_cell.reciprocal_angle_alpha_esd   ? 
_cell.reciprocal_angle_beta_esd    ? 
_cell.reciprocal_angle_gamma_esd   ? 
_cell.reciprocal_length_a          ? 
_cell.reciprocal_length_b          ? 
_cell.reciprocal_length_c          ? 
_cell.reciprocal_length_a_esd      ? 
_cell.reciprocal_length_b_esd      ? 
_cell.reciprocal_length_c_esd      ? 
_cell.pdbx_unique_axis             ? 
_cell.pdbx_esd_method              ? 
# 
_symmetry.entry_id                         9CIY 
_symmetry.cell_setting                     ? 
_symmetry.Int_Tables_number                93 
_symmetry.space_group_name_Hall            ? 
_symmetry.space_group_name_H-M             'P 42 2 2' 
_symmetry.pdbx_full_space_group_name_H-M   ? 
# 
_exptl.absorpt_coefficient_mu     ? 
_exptl.absorpt_correction_T_max   ? 
_exptl.absorpt_correction_T_min   ? 
_exptl.absorpt_correction_type    ? 
_exptl.absorpt_process_details    ? 
_exptl.entry_id                   9CIY 
_exptl.crystals_number            1 
_exptl.details                    ? 
_exptl.method                     'X-RAY DIFFRACTION' 
_exptl.method_details             ? 
# 
_exptl_crystal.colour                       ? 
_exptl_crystal.density_diffrn               ? 
_exptl_crystal.density_Matthews             3.32 
_exptl_crystal.density_method               ? 
_exptl_crystal.density_percent_sol          63 
_exptl_crystal.description                  'Large square rods' 
_exptl_crystal.F_000                        ? 
_exptl_crystal.id                           1 
_exptl_crystal.preparation                  ? 
_exptl_crystal.size_max                     ? 
_exptl_crystal.size_mid                     ? 
_exptl_crystal.size_min                     ? 
_exptl_crystal.size_rad                     ? 
_exptl_crystal.colour_lustre                ? 
_exptl_crystal.colour_modifier              ? 
_exptl_crystal.colour_primary               ? 
_exptl_crystal.density_meas                 ? 
_exptl_crystal.density_meas_esd             ? 
_exptl_crystal.density_meas_gt              ? 
_exptl_crystal.density_meas_lt              ? 
_exptl_crystal.density_meas_temp            ? 
_exptl_crystal.density_meas_temp_esd        ? 
_exptl_crystal.density_meas_temp_gt         ? 
_exptl_crystal.density_meas_temp_lt         ? 
_exptl_crystal.pdbx_crystal_image_url       ? 
_exptl_crystal.pdbx_crystal_image_format    ? 
_exptl_crystal.pdbx_mosaicity               ? 
_exptl_crystal.pdbx_mosaicity_esd           ? 
_exptl_crystal.pdbx_mosaic_method           ? 
_exptl_crystal.pdbx_mosaic_block_size       ? 
_exptl_crystal.pdbx_mosaic_block_size_esd   ? 
# 
_exptl_crystal_grow.apparatus       ? 
_exptl_crystal_grow.atmosphere      ? 
_exptl_crystal_grow.crystal_id      1 
_exptl_crystal_grow.details         ? 
_exptl_crystal_grow.method          'VAPOR DIFFUSION, HANGING DROP' 
_exptl_crystal_grow.method_ref      ? 
_exptl_crystal_grow.pH              6.5 
_exptl_crystal_grow.pressure        ? 
_exptl_crystal_grow.pressure_esd    ? 
_exptl_crystal_grow.seeding         ? 
_exptl_crystal_grow.seeding_ref     ? 
_exptl_crystal_grow.temp_details    ? 
_exptl_crystal_grow.temp_esd        ? 
_exptl_crystal_grow.time            ? 
_exptl_crystal_grow.pdbx_details    
;0.2 M potassium chloride
5 mM Hexammine cobalt chloride
0.05 M MES pH 6.5
25% PEG 4000
;
_exptl_crystal_grow.pdbx_pH_range   ? 
_exptl_crystal_grow.temp            285 
# 
_diffrn.ambient_environment              ? 
_diffrn.ambient_temp                     196 
_diffrn.ambient_temp_details             'Liquid Nitrogen' 
_diffrn.ambient_temp_esd                 ? 
_diffrn.crystal_id                       1 
_diffrn.crystal_support                  ? 
_diffrn.crystal_treatment                ? 
_diffrn.details                          ? 
_diffrn.id                               1 
_diffrn.ambient_pressure                 ? 
_diffrn.ambient_pressure_esd             ? 
_diffrn.ambient_pressure_gt              ? 
_diffrn.ambient_pressure_lt              ? 
_diffrn.ambient_temp_gt                  ? 
_diffrn.ambient_temp_lt                  ? 
_diffrn.pdbx_serial_crystal_experiment   N 
# 
_diffrn_detector.details                      ? 
_diffrn_detector.detector                     PIXEL 
_diffrn_detector.diffrn_id                    1 
_diffrn_detector.type                         'DECTRIS PILATUS 6M-F' 
_diffrn_detector.area_resol_mean              ? 
_diffrn_detector.dtime                        ? 
_diffrn_detector.pdbx_frames_total            ? 
_diffrn_detector.pdbx_collection_time_total   ? 
_diffrn_detector.pdbx_collection_date         2023-07-09 
_diffrn_detector.pdbx_frequency               ? 
_diffrn_detector.id                           ? 
_diffrn_detector.number_of_axes               ? 
# 
_diffrn_radiation.collimation                      ? 
_diffrn_radiation.diffrn_id                        1 
_diffrn_radiation.filter_edge                      ? 
_diffrn_radiation.inhomogeneity                    ? 
_diffrn_radiation.monochromator                    ? 
_diffrn_radiation.polarisn_norm                    ? 
_diffrn_radiation.polarisn_ratio                   ? 
_diffrn_radiation.probe                            ? 
_diffrn_radiation.type                             ? 
_diffrn_radiation.xray_symbol                      ? 
_diffrn_radiation.wavelength_id                    1 
_diffrn_radiation.pdbx_monochromatic_or_laue_m_l   M 
_diffrn_radiation.pdbx_wavelength_list             ? 
_diffrn_radiation.pdbx_wavelength                  ? 
_diffrn_radiation.pdbx_diffrn_protocol             'SINGLE WAVELENGTH' 
_diffrn_radiation.pdbx_analyzer                    ? 
_diffrn_radiation.pdbx_scattering_type             x-ray 
# 
_diffrn_radiation_wavelength.id           1 
_diffrn_radiation_wavelength.wavelength   0.920105 
_diffrn_radiation_wavelength.wt           1.0 
# 
_diffrn_source.current                     ? 
_diffrn_source.details                     ? 
_diffrn_source.diffrn_id                   1 
_diffrn_source.power                       ? 
_diffrn_source.size                        ? 
_diffrn_source.source                      SYNCHROTRON 
_diffrn_source.target                      ? 
_diffrn_source.type                        'NSLS-II BEAMLINE 17-ID-1' 
_diffrn_source.voltage                     ? 
_diffrn_source.take-off_angle              ? 
_diffrn_source.pdbx_wavelength_list        0.920105 
_diffrn_source.pdbx_wavelength             ? 
_diffrn_source.pdbx_synchrotron_beamline   17-ID-1 
_diffrn_source.pdbx_synchrotron_site       NSLS-II 
# 
_reflns.B_iso_Wilson_estimate                          64.06 
_reflns.entry_id                                       9CIY 
_reflns.data_reduction_details                         ? 
_reflns.data_reduction_method                          ? 
_reflns.d_resolution_high                              2.39 
_reflns.d_resolution_low                               41.64 
_reflns.details                                        ? 
_reflns.limit_h_max                                    ? 
_reflns.limit_h_min                                    ? 
_reflns.limit_k_max                                    ? 
_reflns.limit_k_min                                    ? 
_reflns.limit_l_max                                    ? 
_reflns.limit_l_min                                    ? 
_reflns.number_all                                     ? 
_reflns.number_obs                                     4625 
_reflns.observed_criterion                             ? 
_reflns.observed_criterion_F_max                       ? 
_reflns.observed_criterion_F_min                       ? 
_reflns.observed_criterion_I_max                       ? 
_reflns.observed_criterion_I_min                       ? 
_reflns.observed_criterion_sigma_F                     ? 
_reflns.observed_criterion_sigma_I                     ? 
_reflns.percent_possible_obs                           99.76 
_reflns.R_free_details                                 ? 
_reflns.Rmerge_F_all                                   ? 
_reflns.Rmerge_F_obs                                   ? 
_reflns.Friedel_coverage                               ? 
_reflns.number_gt                                      ? 
_reflns.threshold_expression                           ? 
_reflns.pdbx_redundancy                                15.1 
_reflns.pdbx_netI_over_av_sigmaI                       ? 
_reflns.pdbx_netI_over_sigmaI                          12.9 
_reflns.pdbx_res_netI_over_av_sigmaI_2                 ? 
_reflns.pdbx_res_netI_over_sigmaI_2                    ? 
_reflns.pdbx_chi_squared                               ? 
_reflns.pdbx_scaling_rejects                           ? 
_reflns.pdbx_d_res_high_opt                            ? 
_reflns.pdbx_d_res_low_opt                             ? 
_reflns.pdbx_d_res_opt_method                          ? 
_reflns.phase_calculation_details                      ? 
_reflns.pdbx_Rrim_I_all                                ? 
_reflns.pdbx_Rpim_I_all                                ? 
_reflns.pdbx_d_opt                                     ? 
_reflns.pdbx_number_measured_all                       ? 
_reflns.pdbx_diffrn_id                                 1 
_reflns.pdbx_ordinal                                   1 
_reflns.pdbx_CC_half                                   0.997 
_reflns.pdbx_CC_star                                   ? 
_reflns.pdbx_R_split                                   ? 
_reflns.pdbx_Rmerge_I_obs                              0.120 
_reflns.pdbx_Rmerge_I_all                              ? 
_reflns.pdbx_Rsym_value                                ? 
_reflns.pdbx_CC_split_method                           ? 
_reflns.pdbx_aniso_diffraction_limit_axis_1_ortho[1]   ? 
_reflns.pdbx_aniso_diffraction_limit_axis_1_ortho[2]   ? 
_reflns.pdbx_aniso_diffraction_limit_axis_1_ortho[3]   ? 
_reflns.pdbx_aniso_diffraction_limit_axis_2_ortho[1]   ? 
_reflns.pdbx_aniso_diffraction_limit_axis_2_ortho[2]   ? 
_reflns.pdbx_aniso_diffraction_limit_axis_2_ortho[3]   ? 
_reflns.pdbx_aniso_diffraction_limit_axis_3_ortho[1]   ? 
_reflns.pdbx_aniso_diffraction_limit_axis_3_ortho[2]   ? 
_reflns.pdbx_aniso_diffraction_limit_axis_3_ortho[3]   ? 
_reflns.pdbx_aniso_diffraction_limit_1                 ? 
_reflns.pdbx_aniso_diffraction_limit_2                 ? 
_reflns.pdbx_aniso_diffraction_limit_3                 ? 
_reflns.pdbx_aniso_B_tensor_eigenvector_1_ortho[1]     ? 
_reflns.pdbx_aniso_B_tensor_eigenvector_1_ortho[2]     ? 
_reflns.pdbx_aniso_B_tensor_eigenvector_1_ortho[3]     ? 
_reflns.pdbx_aniso_B_tensor_eigenvector_2_ortho[1]     ? 
_reflns.pdbx_aniso_B_tensor_eigenvector_2_ortho[2]     ? 
_reflns.pdbx_aniso_B_tensor_eigenvector_2_ortho[3]     ? 
_reflns.pdbx_aniso_B_tensor_eigenvector_3_ortho[1]     ? 
_reflns.pdbx_aniso_B_tensor_eigenvector_3_ortho[2]     ? 
_reflns.pdbx_aniso_B_tensor_eigenvector_3_ortho[3]     ? 
_reflns.pdbx_aniso_B_tensor_eigenvalue_1               ? 
_reflns.pdbx_aniso_B_tensor_eigenvalue_2               ? 
_reflns.pdbx_aniso_B_tensor_eigenvalue_3               ? 
_reflns.pdbx_orthogonalization_convention              ? 
_reflns.pdbx_percent_possible_ellipsoidal              ? 
_reflns.pdbx_percent_possible_spherical                ? 
_reflns.pdbx_percent_possible_ellipsoidal_anomalous    ? 
_reflns.pdbx_percent_possible_spherical_anomalous      ? 
_reflns.pdbx_redundancy_anomalous                      ? 
_reflns.pdbx_CC_half_anomalous                         ? 
_reflns.pdbx_absDiff_over_sigma_anomalous              ? 
_reflns.pdbx_percent_possible_anomalous                ? 
_reflns.pdbx_observed_signal_threshold                 ? 
_reflns.pdbx_signal_type                               ? 
_reflns.pdbx_signal_details                            ? 
_reflns.pdbx_signal_software_id                        ? 
# 
_reflns_shell.d_res_high                                    2.39 
_reflns_shell.d_res_low                                     2.49 
_reflns_shell.meanI_over_sigI_all                           ? 
_reflns_shell.meanI_over_sigI_obs                           ? 
_reflns_shell.number_measured_all                           ? 
_reflns_shell.number_measured_obs                           ? 
_reflns_shell.number_possible                               ? 
_reflns_shell.number_unique_all                             ? 
_reflns_shell.number_unique_obs                             828 
_reflns_shell.percent_possible_obs                          ? 
_reflns_shell.Rmerge_F_all                                  ? 
_reflns_shell.Rmerge_F_obs                                  ? 
_reflns_shell.meanI_over_sigI_gt                            ? 
_reflns_shell.meanI_over_uI_all                             ? 
_reflns_shell.meanI_over_uI_gt                              ? 
_reflns_shell.number_measured_gt                            ? 
_reflns_shell.number_unique_gt                              ? 
_reflns_shell.percent_possible_gt                           ? 
_reflns_shell.Rmerge_F_gt                                   ? 
_reflns_shell.Rmerge_I_gt                                   ? 
_reflns_shell.pdbx_redundancy                               14.1 
_reflns_shell.pdbx_chi_squared                              ? 
_reflns_shell.pdbx_netI_over_sigmaI_all                     ? 
_reflns_shell.pdbx_netI_over_sigmaI_obs                     ? 
_reflns_shell.pdbx_Rrim_I_all                               ? 
_reflns_shell.pdbx_Rpim_I_all                               ? 
_reflns_shell.pdbx_rejects                                  ? 
_reflns_shell.pdbx_ordinal                                  1 
_reflns_shell.pdbx_diffrn_id                                1 
_reflns_shell.pdbx_CC_half                                  0.563 
_reflns_shell.pdbx_CC_star                                  ? 
_reflns_shell.pdbx_R_split                                  ? 
_reflns_shell.percent_possible_all                          98.9 
_reflns_shell.Rmerge_I_all                                  ? 
_reflns_shell.Rmerge_I_obs                                  2.266 
_reflns_shell.pdbx_Rsym_value                               ? 
_reflns_shell.pdbx_percent_possible_ellipsoidal             ? 
_reflns_shell.pdbx_percent_possible_spherical               ? 
_reflns_shell.pdbx_percent_possible_ellipsoidal_anomalous   ? 
_reflns_shell.pdbx_percent_possible_spherical_anomalous     ? 
_reflns_shell.pdbx_redundancy_anomalous                     ? 
_reflns_shell.pdbx_CC_half_anomalous                        ? 
_reflns_shell.pdbx_absDiff_over_sigma_anomalous             ? 
_reflns_shell.pdbx_percent_possible_anomalous               ? 
# 
_refine.aniso_B[1][1]                            ? 
_refine.aniso_B[1][2]                            ? 
_refine.aniso_B[1][3]                            ? 
_refine.aniso_B[2][2]                            ? 
_refine.aniso_B[2][3]                            ? 
_refine.aniso_B[3][3]                            ? 
_refine.B_iso_max                                ? 
_refine.B_iso_mean                               ? 
_refine.B_iso_min                                ? 
_refine.correlation_coeff_Fo_to_Fc               ? 
_refine.correlation_coeff_Fo_to_Fc_free          ? 
_refine.details                                  ? 
_refine.diff_density_max                         ? 
_refine.diff_density_max_esd                     ? 
_refine.diff_density_min                         ? 
_refine.diff_density_min_esd                     ? 
_refine.diff_density_rms                         ? 
_refine.diff_density_rms_esd                     ? 
_refine.entry_id                                 9CIY 
_refine.pdbx_refine_id                           'X-RAY DIFFRACTION' 
_refine.ls_abs_structure_details                 ? 
_refine.ls_abs_structure_Flack                   ? 
_refine.ls_abs_structure_Flack_esd               ? 
_refine.ls_abs_structure_Rogers                  ? 
_refine.ls_abs_structure_Rogers_esd              ? 
_refine.ls_d_res_high                            2.40 
_refine.ls_d_res_low                             32.20 
_refine.ls_extinction_coef                       ? 
_refine.ls_extinction_coef_esd                   ? 
_refine.ls_extinction_expression                 ? 
_refine.ls_extinction_method                     ? 
_refine.ls_goodness_of_fit_all                   ? 
_refine.ls_goodness_of_fit_all_esd               ? 
_refine.ls_goodness_of_fit_obs                   ? 
_refine.ls_goodness_of_fit_obs_esd               ? 
_refine.ls_hydrogen_treatment                    ? 
_refine.ls_matrix_type                           ? 
_refine.ls_number_constraints                    ? 
_refine.ls_number_parameters                     ? 
_refine.ls_number_reflns_all                     ? 
_refine.ls_number_reflns_obs                     4588 
_refine.ls_number_reflns_R_free                  219 
_refine.ls_number_reflns_R_work                  ? 
_refine.ls_number_restraints                     ? 
_refine.ls_percent_reflns_obs                    99.22 
_refine.ls_percent_reflns_R_free                 4.77 
_refine.ls_R_factor_all                          ? 
_refine.ls_R_factor_obs                          0.1984 
_refine.ls_R_factor_R_free                       0.2321 
_refine.ls_R_factor_R_free_error                 ? 
_refine.ls_R_factor_R_free_error_details         ? 
_refine.ls_R_factor_R_work                       0.1968 
_refine.ls_R_Fsqd_factor_obs                     ? 
_refine.ls_R_I_factor_obs                        ? 
_refine.ls_redundancy_reflns_all                 ? 
_refine.ls_redundancy_reflns_obs                 ? 
_refine.ls_restrained_S_all                      ? 
_refine.ls_restrained_S_obs                      ? 
_refine.ls_shift_over_esd_max                    ? 
_refine.ls_shift_over_esd_mean                   ? 
_refine.ls_structure_factor_coef                 ? 
_refine.ls_weighting_details                     ? 
_refine.ls_weighting_scheme                      ? 
_refine.ls_wR_factor_all                         ? 
_refine.ls_wR_factor_obs                         ? 
_refine.ls_wR_factor_R_free                      ? 
_refine.ls_wR_factor_R_work                      ? 
_refine.occupancy_max                            ? 
_refine.occupancy_min                            ? 
_refine.solvent_model_details                    'FLAT BULK SOLVENT MODEL' 
_refine.solvent_model_param_bsol                 ? 
_refine.solvent_model_param_ksol                 ? 
_refine.pdbx_R_complete                          ? 
_refine.ls_R_factor_gt                           ? 
_refine.ls_goodness_of_fit_gt                    ? 
_refine.ls_goodness_of_fit_ref                   ? 
_refine.ls_shift_over_su_max                     ? 
_refine.ls_shift_over_su_max_lt                  ? 
_refine.ls_shift_over_su_mean                    ? 
_refine.ls_shift_over_su_mean_lt                 ? 
_refine.pdbx_ls_sigma_I                          ? 
_refine.pdbx_ls_sigma_F                          1.34 
_refine.pdbx_ls_sigma_Fsqd                       ? 
_refine.pdbx_data_cutoff_high_absF               ? 
_refine.pdbx_data_cutoff_high_rms_absF           ? 
_refine.pdbx_data_cutoff_low_absF                ? 
_refine.pdbx_isotropic_thermal_model             ? 
_refine.pdbx_ls_cross_valid_method               'FREE R-VALUE' 
_refine.pdbx_method_to_determine_struct          'MOLECULAR REPLACEMENT' 
_refine.pdbx_starting_model                      ? 
_refine.pdbx_stereochemistry_target_values       ML 
_refine.pdbx_R_Free_selection_details            ? 
_refine.pdbx_stereochem_target_val_spec_case     ? 
_refine.pdbx_overall_ESU_R                       ? 
_refine.pdbx_overall_ESU_R_Free                  ? 
_refine.pdbx_solvent_vdw_probe_radii             1.10 
_refine.pdbx_solvent_ion_probe_radii             ? 
_refine.pdbx_solvent_shrinkage_radii             0.90 
_refine.pdbx_real_space_R                        ? 
_refine.pdbx_density_correlation                 ? 
_refine.pdbx_pd_number_of_powder_patterns        ? 
_refine.pdbx_pd_number_of_points                 ? 
_refine.pdbx_pd_meas_number_of_points            ? 
_refine.pdbx_pd_proc_ls_prof_R_factor            ? 
_refine.pdbx_pd_proc_ls_prof_wR_factor           ? 
_refine.pdbx_pd_Marquardt_correlation_coeff      ? 
_refine.pdbx_pd_Fsqrd_R_factor                   ? 
_refine.pdbx_pd_ls_matrix_band_width             ? 
_refine.pdbx_overall_phase_error                 20.71 
_refine.pdbx_overall_SU_R_free_Cruickshank_DPI   ? 
_refine.pdbx_overall_SU_R_free_Blow_DPI          ? 
_refine.pdbx_overall_SU_R_Blow_DPI               ? 
_refine.pdbx_TLS_residual_ADP_flag               ? 
_refine.pdbx_diffrn_id                           1 
_refine.overall_SU_B                             ? 
_refine.overall_SU_ML                            0.28 
_refine.overall_SU_R_Cruickshank_DPI             ? 
_refine.overall_SU_R_free                        ? 
_refine.overall_FOM_free_R_set                   ? 
_refine.overall_FOM_work_R_set                   ? 
_refine.pdbx_average_fsc_overall                 ? 
_refine.pdbx_average_fsc_work                    ? 
_refine.pdbx_average_fsc_free                    ? 
# 
_refine_hist.pdbx_refine_id                   'X-RAY DIFFRACTION' 
_refine_hist.cycle_id                         LAST 
_refine_hist.details                          ? 
_refine_hist.d_res_high                       2.40 
_refine_hist.d_res_low                        32.20 
_refine_hist.number_atoms_solvent             4 
_refine_hist.number_atoms_total               632 
_refine_hist.number_reflns_all                ? 
_refine_hist.number_reflns_obs                ? 
_refine_hist.number_reflns_R_free             ? 
_refine_hist.number_reflns_R_work             ? 
_refine_hist.R_factor_all                     ? 
_refine_hist.R_factor_obs                     ? 
_refine_hist.R_factor_R_free                  ? 
_refine_hist.R_factor_R_work                  ? 
_refine_hist.pdbx_number_residues_total       ? 
_refine_hist.pdbx_B_iso_mean_ligand           ? 
_refine_hist.pdbx_B_iso_mean_solvent          ? 
_refine_hist.pdbx_number_atoms_protein        0 
_refine_hist.pdbx_number_atoms_nucleic_acid   549 
_refine_hist.pdbx_number_atoms_ligand         79 
_refine_hist.pdbx_number_atoms_lipid          ? 
_refine_hist.pdbx_number_atoms_carb           ? 
_refine_hist.pdbx_pseudo_atom_details         ? 
# 
loop_
_refine_ls_restr.pdbx_refine_id 
_refine_ls_restr.criterion 
_refine_ls_restr.dev_ideal 
_refine_ls_restr.dev_ideal_target 
_refine_ls_restr.number 
_refine_ls_restr.rejects 
_refine_ls_restr.type 
_refine_ls_restr.weight 
_refine_ls_restr.pdbx_restraint_function 
'X-RAY DIFFRACTION' ? 0.005  ? 694  ? f_bond_d           ? ? 
'X-RAY DIFFRACTION' ? 0.762  ? 1063 ? f_angle_d          ? ? 
'X-RAY DIFFRACTION' ? 35.808 ? 304  ? f_dihedral_angle_d ? ? 
'X-RAY DIFFRACTION' ? 0.041  ? 105  ? f_chiral_restr     ? ? 
'X-RAY DIFFRACTION' ? 0.005  ? 26   ? f_plane_restr      ? ? 
# 
loop_
_refine_ls_shell.pdbx_refine_id 
_refine_ls_shell.d_res_high 
_refine_ls_shell.d_res_low 
_refine_ls_shell.number_reflns_all 
_refine_ls_shell.number_reflns_obs 
_refine_ls_shell.number_reflns_R_free 
_refine_ls_shell.number_reflns_R_work 
_refine_ls_shell.percent_reflns_obs 
_refine_ls_shell.percent_reflns_R_free 
_refine_ls_shell.R_factor_all 
_refine_ls_shell.R_factor_obs 
_refine_ls_shell.R_factor_R_free_error 
_refine_ls_shell.R_factor_R_work 
_refine_ls_shell.redundancy_reflns_all 
_refine_ls_shell.redundancy_reflns_obs 
_refine_ls_shell.wR_factor_all 
_refine_ls_shell.wR_factor_obs 
_refine_ls_shell.wR_factor_R_free 
_refine_ls_shell.wR_factor_R_work 
_refine_ls_shell.pdbx_R_complete 
_refine_ls_shell.pdbx_total_number_of_bins_used 
_refine_ls_shell.pdbx_phase_error 
_refine_ls_shell.pdbx_fsc_work 
_refine_ls_shell.pdbx_fsc_free 
_refine_ls_shell.R_factor_R_free 
'X-RAY DIFFRACTION' 2.40 3.02  . . 106 2125 100.00 . . . . 0.2838 . . . . . . . . . . . 0.3190 
'X-RAY DIFFRACTION' 3.02 32.20 . . 113 2244 99.00  . . . . 0.1795 . . . . . . . . . . . 0.2129 
# 
_struct.entry_id                     9CIY 
_struct.title                        'Right-left hybrid parallel G-quadruplex from NSD1 promoter' 
_struct.pdbx_model_details           ? 
_struct.pdbx_formula_weight          ? 
_struct.pdbx_formula_weight_method   ? 
_struct.pdbx_model_type_details      ? 
_struct.pdbx_CASP_flag               N 
# 
_struct_keywords.entry_id        9CIY 
_struct_keywords.text            'G-quadruplex, right-left-handed G-quadruplex, parallel, DNA' 
_struct_keywords.pdbx_keywords   DNA 
# 
loop_
_struct_asym.id 
_struct_asym.pdbx_blank_PDB_chainid_flag 
_struct_asym.pdbx_modified 
_struct_asym.entity_id 
_struct_asym.details 
A N N 1 ? 
B N N 2 ? 
C N N 2 ? 
D N N 2 ? 
E N N 2 ? 
F N N 3 ? 
G N N 3 ? 
H N N 3 ? 
I N N 4 ? 
J N N 5 ? 
K N N 5 ? 
L N N 5 ? 
M N N 5 ? 
N N N 5 ? 
O N N 5 ? 
P N N 6 ? 
# 
_struct_ref.id                         1 
_struct_ref.db_name                    PDB 
_struct_ref.db_code                    9CIY 
_struct_ref.pdbx_db_accession          9CIY 
_struct_ref.pdbx_db_isoform            ? 
_struct_ref.entity_id                  1 
_struct_ref.pdbx_seq_one_letter_code   ? 
_struct_ref.pdbx_align_begin           1 
# 
_struct_ref_seq.align_id                      1 
_struct_ref_seq.ref_id                        1 
_struct_ref_seq.pdbx_PDB_id_code              9CIY 
_struct_ref_seq.pdbx_strand_id                A 
_struct_ref_seq.seq_align_beg                 1 
_struct_ref_seq.pdbx_seq_align_beg_ins_code   ? 
_struct_ref_seq.seq_align_end                 26 
_struct_ref_seq.pdbx_seq_align_end_ins_code   ? 
_struct_ref_seq.pdbx_db_accession             9CIY 
_struct_ref_seq.db_align_beg                  1 
_struct_ref_seq.pdbx_db_align_beg_ins_code    ? 
_struct_ref_seq.db_align_end                  26 
_struct_ref_seq.pdbx_db_align_end_ins_code    ? 
_struct_ref_seq.pdbx_auth_seq_align_beg       1 
_struct_ref_seq.pdbx_auth_seq_align_end       26 
# 
_pdbx_struct_assembly.id                   1 
_pdbx_struct_assembly.details              author_defined_assembly 
_pdbx_struct_assembly.method_details       ? 
_pdbx_struct_assembly.oligomeric_details   monomeric 
_pdbx_struct_assembly.oligomeric_count     1 
# 
_pdbx_struct_assembly_gen.assembly_id       1 
_pdbx_struct_assembly_gen.oper_expression   1 
_pdbx_struct_assembly_gen.asym_id_list      A,B,C,D,E,F,G,H,I,J,K,L,M,N,O,P 
# 
_pdbx_struct_oper_list.id                   1 
_pdbx_struct_oper_list.type                 'identity operation' 
_pdbx_struct_oper_list.name                 1_555 
_pdbx_struct_oper_list.symmetry_operation   x,y,z 
_pdbx_struct_oper_list.matrix[1][1]         1.0000000000 
_pdbx_struct_oper_list.matrix[1][2]         0.0000000000 
_pdbx_struct_oper_list.matrix[1][3]         0.0000000000 
_pdbx_struct_oper_list.vector[1]            0.0000000000 
_pdbx_struct_oper_list.matrix[2][1]         0.0000000000 
_pdbx_struct_oper_list.matrix[2][2]         1.0000000000 
_pdbx_struct_oper_list.matrix[2][3]         0.0000000000 
_pdbx_struct_oper_list.vector[2]            0.0000000000 
_pdbx_struct_oper_list.matrix[3][1]         0.0000000000 
_pdbx_struct_oper_list.matrix[3][2]         0.0000000000 
_pdbx_struct_oper_list.matrix[3][3]         1.0000000000 
_pdbx_struct_oper_list.vector[3]            0.0000000000 
# 
loop_
_struct_conn.id 
_struct_conn.conn_type_id 
_struct_conn.pdbx_leaving_atom_flag 
_struct_conn.pdbx_PDB_id 
_struct_conn.ptnr1_label_asym_id 
_struct_conn.ptnr1_label_comp_id 
_struct_conn.ptnr1_label_seq_id 
_struct_conn.ptnr1_label_atom_id 
_struct_conn.pdbx_ptnr1_label_alt_id 
_struct_conn.pdbx_ptnr1_PDB_ins_code 
_struct_conn.pdbx_ptnr1_standard_comp_id 
_struct_conn.ptnr1_symmetry 
_struct_conn.ptnr2_label_asym_id 
_struct_conn.ptnr2_label_comp_id 
_struct_conn.ptnr2_label_seq_id 
_struct_conn.ptnr2_label_atom_id 
_struct_conn.pdbx_ptnr2_label_alt_id 
_struct_conn.pdbx_ptnr2_PDB_ins_code 
_struct_conn.ptnr1_auth_asym_id 
_struct_conn.ptnr1_auth_comp_id 
_struct_conn.ptnr1_auth_seq_id 
_struct_conn.ptnr2_auth_asym_id 
_struct_conn.ptnr2_auth_comp_id 
_struct_conn.ptnr2_auth_seq_id 
_struct_conn.ptnr2_symmetry 
_struct_conn.pdbx_ptnr3_label_atom_id 
_struct_conn.pdbx_ptnr3_label_seq_id 
_struct_conn.pdbx_ptnr3_label_comp_id 
_struct_conn.pdbx_ptnr3_label_asym_id 
_struct_conn.pdbx_ptnr3_label_alt_id 
_struct_conn.pdbx_ptnr3_PDB_ins_code 
_struct_conn.details 
_struct_conn.pdbx_dist_value 
_struct_conn.pdbx_value_order 
_struct_conn.pdbx_role 
covale1  covale none ? A DT 14 O4 ? ? ? 1_555 H NCO .  N1 ? ? A DT 14 A NCO 107 7_554 ? ? ? ? ? ? ?           1.295 ? ? 
metalc1  metalc ?    ? A DG 1  O6 ? ? ? 1_555 B K   .  K  ? ? A DG 1  A K   101 1_555 ? ? ? ? ? ? ?           2.895 ? ? 
metalc2  metalc ?    ? A DG 1  O6 ? ? ? 1_555 C K   .  K  ? ? A DG 1  A K   102 1_555 ? ? ? ? ? ? ?           2.717 ? ? 
metalc3  metalc ?    ? A DG 3  O6 ? ? ? 1_555 B K   .  K  ? ? A DG 3  A K   101 1_555 ? ? ? ? ? ? ?           2.798 ? ? 
metalc4  metalc ?    ? A DG 4  O6 ? ? ? 1_555 B K   .  K  ? ? A DG 4  A K   101 1_555 ? ? ? ? ? ? ?           3.014 ? ? 
metalc5  metalc ?    ? A DG 4  O6 ? ? ? 1_555 C K   .  K  ? ? A DG 4  A K   102 1_555 ? ? ? ? ? ? ?           2.717 ? ? 
metalc6  metalc ?    ? A DG 6  O6 ? ? ? 1_555 B K   .  K  ? ? A DG 6  A K   101 1_555 ? ? ? ? ? ? ?           2.961 ? ? 
metalc7  metalc ?    ? A DG 7  O6 ? ? ? 1_555 B K   .  K  ? ? A DG 7  A K   101 1_555 ? ? ? ? ? ? ?           2.989 ? ? 
metalc8  metalc ?    ? A DG 7  O6 ? ? ? 1_555 C K   .  K  ? ? A DG 7  A K   102 1_555 ? ? ? ? ? ? ?           2.848 ? ? 
metalc9  metalc ?    ? A DG 9  O6 ? ? ? 1_555 B K   .  K  ? ? A DG 9  A K   101 1_555 ? ? ? ? ? ? ?           2.962 ? ? 
metalc10 metalc ?    ? A DG 10 O6 ? ? ? 1_555 B K   .  K  ? ? A DG 10 A K   101 1_555 ? ? ? ? ? ? ?           2.966 ? ? 
metalc11 metalc ?    ? A DG 10 O6 ? ? ? 1_555 C K   .  K  ? ? A DG 10 A K   102 1_555 ? ? ? ? ? ? ?           2.903 ? ? 
metalc12 metalc ?    ? A DG 12 O6 ? ? ? 1_555 B K   .  K  ? ? A DG 12 A K   101 1_555 ? ? ? ? ? ? ?           2.776 ? ? 
metalc13 metalc ?    ? A DG 15 O6 ? ? ? 1_555 C K   .  K  ? ? A DG 15 A K   102 1_555 ? ? ? ? ? ? ?           2.928 ? ? 
metalc14 metalc ?    ? A DG 15 O6 ? ? ? 1_555 D K   .  K  ? ? A DG 15 A K   103 1_555 ? ? ? ? ? ? ?           2.801 ? ? 
metalc15 metalc ?    ? A DG 16 O6 ? ? ? 1_555 D K   .  K  ? ? A DG 16 A K   103 1_555 ? ? ? ? ? ? ?           2.826 ? ? 
metalc16 metalc ?    ? A DG 16 O6 ? ? ? 1_555 E K   .  K  ? ? A DG 16 A K   104 1_555 ? ? ? ? ? ? ?           2.642 ? ? 
metalc17 metalc ?    ? A DG 16 O6 ? ? ? 1_555 E K   .  K  ? ? A DG 16 A K   104 5_655 ? ? ? ? ? ? ?           2.642 ? ? 
metalc18 metalc ?    ? A DG 18 O6 ? ? ? 1_555 C K   .  K  ? ? A DG 18 A K   102 1_555 ? ? ? ? ? ? ?           2.858 ? ? 
metalc19 metalc ?    ? A DG 18 O6 ? ? ? 1_555 D K   .  K  ? ? A DG 18 A K   103 1_555 ? ? ? ? ? ? ?           2.747 ? ? 
metalc20 metalc ?    ? A DG 19 O6 ? ? ? 1_555 D K   .  K  ? ? A DG 19 A K   103 1_555 ? ? ? ? ? ? ?           2.872 ? ? 
metalc21 metalc ?    ? A DG 19 O6 ? ? ? 1_555 E K   .  K  ? ? A DG 19 A K   104 1_555 ? ? ? ? ? ? ?           2.704 ? ? 
metalc22 metalc ?    ? A DG 19 O6 ? ? ? 1_555 E K   .  K  ? ? A DG 19 A K   104 5_655 ? ? ? ? ? ? ?           2.704 ? ? 
metalc23 metalc ?    ? A DG 21 O6 ? ? ? 1_555 C K   .  K  ? ? A DG 21 A K   102 1_555 ? ? ? ? ? ? ?           2.911 ? ? 
metalc24 metalc ?    ? A DG 21 O6 ? ? ? 1_555 D K   .  K  ? ? A DG 21 A K   103 1_555 ? ? ? ? ? ? ?           2.920 ? ? 
metalc25 metalc ?    ? A DG 22 O6 ? ? ? 1_555 D K   .  K  ? ? A DG 22 A K   103 1_555 ? ? ? ? ? ? ?           2.951 ? ? 
metalc26 metalc ?    ? A DG 22 O6 ? ? ? 1_555 E K   .  K  ? ? A DG 22 A K   104 1_555 ? ? ? ? ? ? ?           2.709 ? ? 
metalc27 metalc ?    ? A DG 22 O6 ? ? ? 1_555 E K   .  K  ? ? A DG 22 A K   104 5_655 ? ? ? ? ? ? ?           2.709 ? ? 
metalc28 metalc ?    ? A DG 24 O6 ? ? ? 1_555 C K   .  K  ? ? A DG 24 A K   102 1_555 ? ? ? ? ? ? ?           2.817 ? ? 
metalc29 metalc ?    ? A DG 24 O6 ? ? ? 1_555 D K   .  K  ? ? A DG 24 A K   103 1_555 ? ? ? ? ? ? ?           2.772 ? ? 
metalc30 metalc ?    ? A DG 26 O6 ? ? ? 1_555 D K   .  K  ? ? A DG 26 A K   103 1_555 ? ? ? ? ? ? ?           2.648 ? ? 
metalc31 metalc ?    ? A DG 26 O6 ? ? ? 1_555 E K   .  K  ? ? A DG 26 A K   104 1_555 ? ? ? ? ? ? ?           2.709 ? ? 
metalc32 metalc ?    ? A DG 26 O6 ? ? ? 1_555 E K   .  K  ? ? A DG 26 A K   104 5_655 ? ? ? ? ? ? ?           2.708 ? ? 
hydrog1  hydrog ?    ? A DG 1  N1 ? ? ? 1_555 A DG  4  O6 ? ? A DG 1  A DG  4   1_555 ? ? ? ? ? ? TYPE_6_PAIR ?     ? ? 
hydrog2  hydrog ?    ? A DG 1  N2 ? ? ? 1_555 A DG  4  N7 ? ? A DG 1  A DG  4   1_555 ? ? ? ? ? ? TYPE_6_PAIR ?     ? ? 
hydrog3  hydrog ?    ? A DG 1  N7 ? ? ? 1_555 A DG  10 N2 ? ? A DG 1  A DG  10  1_555 ? ? ? ? ? ? TYPE_6_PAIR ?     ? ? 
hydrog4  hydrog ?    ? A DG 1  O6 ? ? ? 1_555 A DG  10 N1 ? ? A DG 1  A DG  10  1_555 ? ? ? ? ? ? TYPE_6_PAIR ?     ? ? 
hydrog5  hydrog ?    ? A DG 3  N1 ? ? ? 1_555 A DG  6  O6 ? ? A DG 3  A DG  6   1_555 ? ? ? ? ? ? TYPE_6_PAIR ?     ? ? 
hydrog6  hydrog ?    ? A DG 3  N2 ? ? ? 1_555 A DG  6  N7 ? ? A DG 3  A DG  6   1_555 ? ? ? ? ? ? TYPE_6_PAIR ?     ? ? 
hydrog7  hydrog ?    ? A DG 3  N7 ? ? ? 1_555 A DG  12 N2 ? ? A DG 3  A DG  12  1_555 ? ? ? ? ? ? TYPE_6_PAIR ?     ? ? 
hydrog8  hydrog ?    ? A DG 3  O6 ? ? ? 1_555 A DG  12 N1 ? ? A DG 3  A DG  12  1_555 ? ? ? ? ? ? TYPE_6_PAIR ?     ? ? 
hydrog9  hydrog ?    ? A DG 4  N1 ? ? ? 1_555 A DG  7  O6 ? ? A DG 4  A DG  7   1_555 ? ? ? ? ? ? TYPE_6_PAIR ?     ? ? 
hydrog10 hydrog ?    ? A DG 4  N2 ? ? ? 1_555 A DG  7  N7 ? ? A DG 4  A DG  7   1_555 ? ? ? ? ? ? TYPE_6_PAIR ?     ? ? 
hydrog11 hydrog ?    ? A DG 6  N1 ? ? ? 1_555 A DG  9  O6 ? ? A DG 6  A DG  9   1_555 ? ? ? ? ? ? TYPE_6_PAIR ?     ? ? 
hydrog12 hydrog ?    ? A DG 6  N2 ? ? ? 1_555 A DG  9  N7 ? ? A DG 6  A DG  9   1_555 ? ? ? ? ? ? TYPE_6_PAIR ?     ? ? 
hydrog13 hydrog ?    ? A DG 7  N1 ? ? ? 1_555 A DG  10 O6 ? ? A DG 7  A DG  10  1_555 ? ? ? ? ? ? TYPE_6_PAIR ?     ? ? 
hydrog14 hydrog ?    ? A DG 7  N2 ? ? ? 1_555 A DG  10 N7 ? ? A DG 7  A DG  10  1_555 ? ? ? ? ? ? TYPE_6_PAIR ?     ? ? 
hydrog15 hydrog ?    ? A DG 9  N1 ? ? ? 1_555 A DG  12 O6 ? ? A DG 9  A DG  12  1_555 ? ? ? ? ? ? TYPE_6_PAIR ?     ? ? 
hydrog16 hydrog ?    ? A DG 9  N2 ? ? ? 1_555 A DG  12 N7 ? ? A DG 9  A DG  12  1_555 ? ? ? ? ? ? TYPE_6_PAIR ?     ? ? 
hydrog17 hydrog ?    ? A DG 15 N1 ? ? ? 1_555 A DG  18 O6 ? ? A DG 15 A DG  18  1_555 ? ? ? ? ? ? TYPE_6_PAIR ?     ? ? 
hydrog18 hydrog ?    ? A DG 15 N2 ? ? ? 1_555 A DG  18 N7 ? ? A DG 15 A DG  18  1_555 ? ? ? ? ? ? TYPE_6_PAIR ?     ? ? 
hydrog19 hydrog ?    ? A DG 15 N7 ? ? ? 1_555 A DG  24 N2 ? ? A DG 15 A DG  24  1_555 ? ? ? ? ? ? TYPE_6_PAIR ?     ? ? 
hydrog20 hydrog ?    ? A DG 15 O6 ? ? ? 1_555 A DG  24 N1 ? ? A DG 15 A DG  24  1_555 ? ? ? ? ? ? TYPE_6_PAIR ?     ? ? 
hydrog21 hydrog ?    ? A DG 16 N1 ? ? ? 1_555 A DG  19 O6 ? ? A DG 16 A DG  19  1_555 ? ? ? ? ? ? TYPE_6_PAIR ?     ? ? 
hydrog22 hydrog ?    ? A DG 16 N2 ? ? ? 1_555 A DG  19 N7 ? ? A DG 16 A DG  19  1_555 ? ? ? ? ? ? TYPE_6_PAIR ?     ? ? 
hydrog23 hydrog ?    ? A DG 16 N7 ? ? ? 1_555 A DG  26 N2 ? ? A DG 16 A DG  26  1_555 ? ? ? ? ? ? TYPE_6_PAIR ?     ? ? 
hydrog24 hydrog ?    ? A DG 16 O6 ? ? ? 1_555 A DG  26 N1 ? ? A DG 16 A DG  26  1_555 ? ? ? ? ? ? TYPE_6_PAIR ?     ? ? 
hydrog25 hydrog ?    ? A DG 18 N1 ? ? ? 1_555 A DG  21 O6 ? ? A DG 18 A DG  21  1_555 ? ? ? ? ? ? TYPE_6_PAIR ?     ? ? 
hydrog26 hydrog ?    ? A DG 18 N2 ? ? ? 1_555 A DG  21 N7 ? ? A DG 18 A DG  21  1_555 ? ? ? ? ? ? TYPE_6_PAIR ?     ? ? 
hydrog27 hydrog ?    ? A DG 19 N1 ? ? ? 1_555 A DG  22 O6 ? ? A DG 19 A DG  22  1_555 ? ? ? ? ? ? TYPE_6_PAIR ?     ? ? 
hydrog28 hydrog ?    ? A DG 19 N2 ? ? ? 1_555 A DG  22 N7 ? ? A DG 19 A DG  22  1_555 ? ? ? ? ? ? TYPE_6_PAIR ?     ? ? 
hydrog29 hydrog ?    ? A DG 21 N1 ? ? ? 1_555 A DG  24 O6 ? ? A DG 21 A DG  24  1_555 ? ? ? ? ? ? TYPE_6_PAIR ?     ? ? 
hydrog30 hydrog ?    ? A DG 21 N2 ? ? ? 1_555 A DG  24 N7 ? ? A DG 21 A DG  24  1_555 ? ? ? ? ? ? TYPE_6_PAIR ?     ? ? 
hydrog31 hydrog ?    ? A DG 22 N1 ? ? ? 1_555 A DG  26 O6 ? ? A DG 22 A DG  26  1_555 ? ? ? ? ? ? TYPE_6_PAIR ?     ? ? 
hydrog32 hydrog ?    ? A DG 22 N2 ? ? ? 1_555 A DG  26 N7 ? ? A DG 22 A DG  26  1_555 ? ? ? ? ? ? TYPE_6_PAIR ?     ? ? 
# 
loop_
_struct_conn_type.id 
_struct_conn_type.criteria 
_struct_conn_type.reference 
covale ? ? 
metalc ? ? 
hydrog ? ? 
# 
loop_
_pdbx_struct_conn_angle.id 
_pdbx_struct_conn_angle.ptnr1_label_atom_id 
_pdbx_struct_conn_angle.ptnr1_label_alt_id 
_pdbx_struct_conn_angle.ptnr1_label_asym_id 
_pdbx_struct_conn_angle.ptnr1_label_comp_id 
_pdbx_struct_conn_angle.ptnr1_label_seq_id 
_pdbx_struct_conn_angle.ptnr1_auth_atom_id 
_pdbx_struct_conn_angle.ptnr1_auth_asym_id 
_pdbx_struct_conn_angle.ptnr1_auth_comp_id 
_pdbx_struct_conn_angle.ptnr1_auth_seq_id 
_pdbx_struct_conn_angle.ptnr1_PDB_ins_code 
_pdbx_struct_conn_angle.ptnr1_symmetry 
_pdbx_struct_conn_angle.ptnr2_label_atom_id 
_pdbx_struct_conn_angle.ptnr2_label_alt_id 
_pdbx_struct_conn_angle.ptnr2_label_asym_id 
_pdbx_struct_conn_angle.ptnr2_label_comp_id 
_pdbx_struct_conn_angle.ptnr2_label_seq_id 
_pdbx_struct_conn_angle.ptnr2_auth_atom_id 
_pdbx_struct_conn_angle.ptnr2_auth_asym_id 
_pdbx_struct_conn_angle.ptnr2_auth_comp_id 
_pdbx_struct_conn_angle.ptnr2_auth_seq_id 
_pdbx_struct_conn_angle.ptnr2_PDB_ins_code 
_pdbx_struct_conn_angle.ptnr2_symmetry 
_pdbx_struct_conn_angle.ptnr3_label_atom_id 
_pdbx_struct_conn_angle.ptnr3_label_alt_id 
_pdbx_struct_conn_angle.ptnr3_label_asym_id 
_pdbx_struct_conn_angle.ptnr3_label_comp_id 
_pdbx_struct_conn_angle.ptnr3_label_seq_id 
_pdbx_struct_conn_angle.ptnr3_auth_atom_id 
_pdbx_struct_conn_angle.ptnr3_auth_asym_id 
_pdbx_struct_conn_angle.ptnr3_auth_comp_id 
_pdbx_struct_conn_angle.ptnr3_auth_seq_id 
_pdbx_struct_conn_angle.ptnr3_PDB_ins_code 
_pdbx_struct_conn_angle.ptnr3_symmetry 
_pdbx_struct_conn_angle.value 
_pdbx_struct_conn_angle.value_esd 
1   O6 ? A DG 1  ? A DG 1  ? 1_555 K ? B K . ? A K 101 ? 1_555 O6 ? A DG 3  ? A DG 3  ? 1_555 95.3  ? 
2   O6 ? A DG 1  ? A DG 1  ? 1_555 K ? B K . ? A K 101 ? 1_555 O6 ? A DG 4  ? A DG 4  ? 1_555 64.6  ? 
3   O6 ? A DG 3  ? A DG 3  ? 1_555 K ? B K . ? A K 101 ? 1_555 O6 ? A DG 4  ? A DG 4  ? 1_555 82.7  ? 
4   O6 ? A DG 1  ? A DG 1  ? 1_555 K ? B K . ? A K 101 ? 1_555 O6 ? A DG 6  ? A DG 6  ? 1_555 158.4 ? 
5   O6 ? A DG 3  ? A DG 3  ? 1_555 K ? B K . ? A K 101 ? 1_555 O6 ? A DG 6  ? A DG 6  ? 1_555 75.4  ? 
6   O6 ? A DG 4  ? A DG 4  ? 1_555 K ? B K . ? A K 101 ? 1_555 O6 ? A DG 6  ? A DG 6  ? 1_555 94.6  ? 
7   O6 ? A DG 1  ? A DG 1  ? 1_555 K ? B K . ? A K 101 ? 1_555 O6 ? A DG 7  ? A DG 7  ? 1_555 98.0  ? 
8   O6 ? A DG 3  ? A DG 3  ? 1_555 K ? B K . ? A K 101 ? 1_555 O6 ? A DG 7  ? A DG 7  ? 1_555 133.9 ? 
9   O6 ? A DG 4  ? A DG 4  ? 1_555 K ? B K . ? A K 101 ? 1_555 O6 ? A DG 7  ? A DG 7  ? 1_555 64.1  ? 
10  O6 ? A DG 6  ? A DG 6  ? 1_555 K ? B K . ? A K 101 ? 1_555 O6 ? A DG 7  ? A DG 7  ? 1_555 76.3  ? 
11  O6 ? A DG 1  ? A DG 1  ? 1_555 K ? B K . ? A K 101 ? 1_555 O6 ? A DG 9  ? A DG 9  ? 1_555 132.9 ? 
12  O6 ? A DG 3  ? A DG 3  ? 1_555 K ? B K . ? A K 101 ? 1_555 O6 ? A DG 9  ? A DG 9  ? 1_555 112.8 ? 
13  O6 ? A DG 4  ? A DG 4  ? 1_555 K ? B K . ? A K 101 ? 1_555 O6 ? A DG 9  ? A DG 9  ? 1_555 151.6 ? 
14  O6 ? A DG 6  ? A DG 6  ? 1_555 K ? B K . ? A K 101 ? 1_555 O6 ? A DG 9  ? A DG 9  ? 1_555 68.4  ? 
15  O6 ? A DG 7  ? A DG 7  ? 1_555 K ? B K . ? A K 101 ? 1_555 O6 ? A DG 9  ? A DG 9  ? 1_555 89.1  ? 
16  O6 ? A DG 1  ? A DG 1  ? 1_555 K ? B K . ? A K 101 ? 1_555 O6 ? A DG 10 ? A DG 10 ? 1_555 65.0  ? 
17  O6 ? A DG 3  ? A DG 3  ? 1_555 K ? B K . ? A K 101 ? 1_555 O6 ? A DG 10 ? A DG 10 ? 1_555 156.4 ? 
18  O6 ? A DG 4  ? A DG 4  ? 1_555 K ? B K . ? A K 101 ? 1_555 O6 ? A DG 10 ? A DG 10 ? 1_555 98.7  ? 
19  O6 ? A DG 6  ? A DG 6  ? 1_555 K ? B K . ? A K 101 ? 1_555 O6 ? A DG 10 ? A DG 10 ? 1_555 127.6 ? 
20  O6 ? A DG 7  ? A DG 7  ? 1_555 K ? B K . ? A K 101 ? 1_555 O6 ? A DG 10 ? A DG 10 ? 1_555 65.1  ? 
21  O6 ? A DG 9  ? A DG 9  ? 1_555 K ? B K . ? A K 101 ? 1_555 O6 ? A DG 10 ? A DG 10 ? 1_555 76.6  ? 
22  O6 ? A DG 1  ? A DG 1  ? 1_555 K ? B K . ? A K 101 ? 1_555 O6 ? A DG 12 ? A DG 12 ? 1_555 82.3  ? 
23  O6 ? A DG 3  ? A DG 3  ? 1_555 K ? B K . ? A K 101 ? 1_555 O6 ? A DG 12 ? A DG 12 ? 1_555 71.7  ? 
24  O6 ? A DG 4  ? A DG 4  ? 1_555 K ? B K . ? A K 101 ? 1_555 O6 ? A DG 12 ? A DG 12 ? 1_555 135.9 ? 
25  O6 ? A DG 6  ? A DG 6  ? 1_555 K ? B K . ? A K 101 ? 1_555 O6 ? A DG 12 ? A DG 12 ? 1_555 112.1 ? 
26  O6 ? A DG 7  ? A DG 7  ? 1_555 K ? B K . ? A K 101 ? 1_555 O6 ? A DG 12 ? A DG 12 ? 1_555 153.9 ? 
27  O6 ? A DG 9  ? A DG 9  ? 1_555 K ? B K . ? A K 101 ? 1_555 O6 ? A DG 12 ? A DG 12 ? 1_555 72.5  ? 
28  O6 ? A DG 10 ? A DG 10 ? 1_555 K ? B K . ? A K 101 ? 1_555 O6 ? A DG 12 ? A DG 12 ? 1_555 92.1  ? 
29  O6 ? A DG 1  ? A DG 1  ? 1_555 K ? C K . ? A K 102 ? 1_555 O6 ? A DG 4  ? A DG 4  ? 1_555 71.1  ? 
30  O6 ? A DG 1  ? A DG 1  ? 1_555 K ? C K . ? A K 102 ? 1_555 O6 ? A DG 7  ? A DG 7  ? 1_555 105.9 ? 
31  O6 ? A DG 4  ? A DG 4  ? 1_555 K ? C K . ? A K 102 ? 1_555 O6 ? A DG 7  ? A DG 7  ? 1_555 69.8  ? 
32  O6 ? A DG 1  ? A DG 1  ? 1_555 K ? C K . ? A K 102 ? 1_555 O6 ? A DG 10 ? A DG 10 ? 1_555 68.1  ? 
33  O6 ? A DG 4  ? A DG 4  ? 1_555 K ? C K . ? A K 102 ? 1_555 O6 ? A DG 10 ? A DG 10 ? 1_555 107.7 ? 
34  O6 ? A DG 7  ? A DG 7  ? 1_555 K ? C K . ? A K 102 ? 1_555 O6 ? A DG 10 ? A DG 10 ? 1_555 67.7  ? 
35  O6 ? A DG 1  ? A DG 1  ? 1_555 K ? C K . ? A K 102 ? 1_555 O6 ? A DG 15 ? A DG 15 ? 1_555 87.9  ? 
36  O6 ? A DG 4  ? A DG 4  ? 1_555 K ? C K . ? A K 102 ? 1_555 O6 ? A DG 15 ? A DG 15 ? 1_555 150.7 ? 
37  O6 ? A DG 7  ? A DG 7  ? 1_555 K ? C K . ? A K 102 ? 1_555 O6 ? A DG 15 ? A DG 15 ? 1_555 137.6 ? 
38  O6 ? A DG 10 ? A DG 10 ? 1_555 K ? C K . ? A K 102 ? 1_555 O6 ? A DG 15 ? A DG 15 ? 1_555 81.6  ? 
39  O6 ? A DG 1  ? A DG 1  ? 1_555 K ? C K . ? A K 102 ? 1_555 O6 ? A DG 18 ? A DG 18 ? 1_555 149.3 ? 
40  O6 ? A DG 4  ? A DG 4  ? 1_555 K ? C K . ? A K 102 ? 1_555 O6 ? A DG 18 ? A DG 18 ? 1_555 138.1 ? 
41  O6 ? A DG 7  ? A DG 7  ? 1_555 K ? C K . ? A K 102 ? 1_555 O6 ? A DG 18 ? A DG 18 ? 1_555 83.0  ? 
42  O6 ? A DG 10 ? A DG 10 ? 1_555 K ? C K . ? A K 102 ? 1_555 O6 ? A DG 18 ? A DG 18 ? 1_555 89.6  ? 
43  O6 ? A DG 15 ? A DG 15 ? 1_555 K ? C K . ? A K 102 ? 1_555 O6 ? A DG 18 ? A DG 18 ? 1_555 67.6  ? 
44  O6 ? A DG 1  ? A DG 1  ? 1_555 K ? C K . ? A K 102 ? 1_555 O6 ? A DG 21 ? A DG 21 ? 1_555 143.2 ? 
45  O6 ? A DG 4  ? A DG 4  ? 1_555 K ? C K . ? A K 102 ? 1_555 O6 ? A DG 21 ? A DG 21 ? 1_555 83.6  ? 
46  O6 ? A DG 7  ? A DG 7  ? 1_555 K ? C K . ? A K 102 ? 1_555 O6 ? A DG 21 ? A DG 21 ? 1_555 89.0  ? 
47  O6 ? A DG 10 ? A DG 10 ? 1_555 K ? C K . ? A K 102 ? 1_555 O6 ? A DG 21 ? A DG 21 ? 1_555 147.3 ? 
48  O6 ? A DG 15 ? A DG 15 ? 1_555 K ? C K . ? A K 102 ? 1_555 O6 ? A DG 21 ? A DG 21 ? 1_555 103.7 ? 
49  O6 ? A DG 18 ? A DG 18 ? 1_555 K ? C K . ? A K 102 ? 1_555 O6 ? A DG 21 ? A DG 21 ? 1_555 64.2  ? 
50  O6 ? A DG 1  ? A DG 1  ? 1_555 K ? C K . ? A K 102 ? 1_555 O6 ? A DG 24 ? A DG 24 ? 1_555 84.2  ? 
51  O6 ? A DG 4  ? A DG 4  ? 1_555 K ? C K . ? A K 102 ? 1_555 O6 ? A DG 24 ? A DG 24 ? 1_555 92.4  ? 
52  O6 ? A DG 7  ? A DG 7  ? 1_555 K ? C K . ? A K 102 ? 1_555 O6 ? A DG 24 ? A DG 24 ? 1_555 154.5 ? 
53  O6 ? A DG 10 ? A DG 10 ? 1_555 K ? C K . ? A K 102 ? 1_555 O6 ? A DG 24 ? A DG 24 ? 1_555 137.1 ? 
54  O6 ? A DG 15 ? A DG 15 ? 1_555 K ? C K . ? A K 102 ? 1_555 O6 ? A DG 24 ? A DG 24 ? 1_555 64.6  ? 
55  O6 ? A DG 18 ? A DG 18 ? 1_555 K ? C K . ? A K 102 ? 1_555 O6 ? A DG 24 ? A DG 24 ? 1_555 100.3 ? 
56  O6 ? A DG 21 ? A DG 21 ? 1_555 K ? C K . ? A K 102 ? 1_555 O6 ? A DG 24 ? A DG 24 ? 1_555 70.3  ? 
57  O6 ? A DG 15 ? A DG 15 ? 1_555 K ? D K . ? A K 103 ? 1_555 O6 ? A DG 16 ? A DG 16 ? 1_555 85.2  ? 
58  O6 ? A DG 15 ? A DG 15 ? 1_555 K ? D K . ? A K 103 ? 1_555 O6 ? A DG 18 ? A DG 18 ? 1_555 70.9  ? 
59  O6 ? A DG 16 ? A DG 16 ? 1_555 K ? D K . ? A K 103 ? 1_555 O6 ? A DG 18 ? A DG 18 ? 1_555 97.4  ? 
60  O6 ? A DG 15 ? A DG 15 ? 1_555 K ? D K . ? A K 103 ? 1_555 O6 ? A DG 19 ? A DG 19 ? 1_555 140.2 ? 
61  O6 ? A DG 16 ? A DG 16 ? 1_555 K ? D K . ? A K 103 ? 1_555 O6 ? A DG 19 ? A DG 19 ? 1_555 67.4  ? 
62  O6 ? A DG 18 ? A DG 18 ? 1_555 K ? D K . ? A K 103 ? 1_555 O6 ? A DG 19 ? A DG 19 ? 1_555 84.1  ? 
63  O6 ? A DG 15 ? A DG 15 ? 1_555 K ? D K . ? A K 103 ? 1_555 O6 ? A DG 21 ? A DG 21 ? 1_555 106.7 ? 
64  O6 ? A DG 16 ? A DG 16 ? 1_555 K ? D K . ? A K 103 ? 1_555 O6 ? A DG 21 ? A DG 21 ? 1_555 153.0 ? 
65  O6 ? A DG 18 ? A DG 18 ? 1_555 K ? D K . ? A K 103 ? 1_555 O6 ? A DG 21 ? A DG 21 ? 1_555 65.4  ? 
66  O6 ? A DG 19 ? A DG 19 ? 1_555 K ? D K . ? A K 103 ? 1_555 O6 ? A DG 21 ? A DG 21 ? 1_555 89.3  ? 
67  O6 ? A DG 15 ? A DG 15 ? 1_555 K ? D K . ? A K 103 ? 1_555 O6 ? A DG 22 ? A DG 22 ? 1_555 149.0 ? 
68  O6 ? A DG 16 ? A DG 16 ? 1_555 K ? D K . ? A K 103 ? 1_555 O6 ? A DG 22 ? A DG 22 ? 1_555 100.9 ? 
69  O6 ? A DG 18 ? A DG 18 ? 1_555 K ? D K . ? A K 103 ? 1_555 O6 ? A DG 22 ? A DG 22 ? 1_555 136.8 ? 
70  O6 ? A DG 19 ? A DG 19 ? 1_555 K ? D K . ? A K 103 ? 1_555 O6 ? A DG 22 ? A DG 22 ? 1_555 67.9  ? 
71  O6 ? A DG 21 ? A DG 21 ? 1_555 K ? D K . ? A K 103 ? 1_555 O6 ? A DG 22 ? A DG 22 ? 1_555 81.5  ? 
72  O6 ? A DG 15 ? A DG 15 ? 1_555 K ? D K . ? A K 103 ? 1_555 O6 ? A DG 24 ? A DG 24 ? 1_555 66.9  ? 
73  O6 ? A DG 16 ? A DG 16 ? 1_555 K ? D K . ? A K 103 ? 1_555 O6 ? A DG 24 ? A DG 24 ? 1_555 135.8 ? 
74  O6 ? A DG 18 ? A DG 18 ? 1_555 K ? D K . ? A K 103 ? 1_555 O6 ? A DG 24 ? A DG 24 ? 1_555 104.3 ? 
75  O6 ? A DG 19 ? A DG 19 ? 1_555 K ? D K . ? A K 103 ? 1_555 O6 ? A DG 24 ? A DG 24 ? 1_555 151.8 ? 
76  O6 ? A DG 21 ? A DG 21 ? 1_555 K ? D K . ? A K 103 ? 1_555 O6 ? A DG 24 ? A DG 24 ? 1_555 70.8  ? 
77  O6 ? A DG 22 ? A DG 22 ? 1_555 K ? D K . ? A K 103 ? 1_555 O6 ? A DG 24 ? A DG 24 ? 1_555 89.0  ? 
78  O6 ? A DG 15 ? A DG 15 ? 1_555 K ? D K . ? A K 103 ? 1_555 O6 ? A DG 26 ? A DG 26 ? 1_555 91.1  ? 
79  O6 ? A DG 16 ? A DG 16 ? 1_555 K ? D K . ? A K 103 ? 1_555 O6 ? A DG 26 ? A DG 26 ? 1_555 68.0  ? 
80  O6 ? A DG 18 ? A DG 18 ? 1_555 K ? D K . ? A K 103 ? 1_555 O6 ? A DG 26 ? A DG 26 ? 1_555 158.2 ? 
81  O6 ? A DG 19 ? A DG 19 ? 1_555 K ? D K . ? A K 103 ? 1_555 O6 ? A DG 26 ? A DG 26 ? 1_555 103.7 ? 
82  O6 ? A DG 21 ? A DG 21 ? 1_555 K ? D K . ? A K 103 ? 1_555 O6 ? A DG 26 ? A DG 26 ? 1_555 134.0 ? 
83  O6 ? A DG 22 ? A DG 22 ? 1_555 K ? D K . ? A K 103 ? 1_555 O6 ? A DG 26 ? A DG 26 ? 1_555 64.1  ? 
84  O6 ? A DG 24 ? A DG 24 ? 1_555 K ? D K . ? A K 103 ? 1_555 O6 ? A DG 26 ? A DG 26 ? 1_555 78.5  ? 
85  O6 ? A DG 16 ? A DG 16 ? 1_555 K ? E K . ? A K 104 ? 1_555 O6 ? A DG 16 ? A DG 16 ? 1_555 0.0   ? 
86  O6 ? A DG 16 ? A DG 16 ? 1_555 K ? E K . ? A K 104 ? 1_555 O6 ? A DG 19 ? A DG 19 ? 1_555 72.5  ? 
87  O6 ? A DG 16 ? A DG 16 ? 1_555 K ? E K . ? A K 104 ? 1_555 O6 ? A DG 19 ? A DG 19 ? 1_555 72.5  ? 
88  O6 ? A DG 16 ? A DG 16 ? 1_555 K ? E K . ? A K 104 ? 1_555 O6 ? A DG 19 ? A DG 19 ? 1_555 72.5  ? 
89  O6 ? A DG 16 ? A DG 16 ? 1_555 K ? E K . ? A K 104 ? 1_555 O6 ? A DG 19 ? A DG 19 ? 1_555 72.5  ? 
90  O6 ? A DG 19 ? A DG 19 ? 1_555 K ? E K . ? A K 104 ? 1_555 O6 ? A DG 19 ? A DG 19 ? 1_555 0.0   ? 
91  O6 ? A DG 16 ? A DG 16 ? 1_555 K ? E K . ? A K 104 ? 1_555 O6 ? A DG 22 ? A DG 22 ? 1_555 112.7 ? 
92  O6 ? A DG 16 ? A DG 16 ? 1_555 K ? E K . ? A K 104 ? 1_555 O6 ? A DG 22 ? A DG 22 ? 1_555 112.7 ? 
93  O6 ? A DG 19 ? A DG 19 ? 1_555 K ? E K . ? A K 104 ? 1_555 O6 ? A DG 22 ? A DG 22 ? 1_555 73.8  ? 
94  O6 ? A DG 19 ? A DG 19 ? 1_555 K ? E K . ? A K 104 ? 1_555 O6 ? A DG 22 ? A DG 22 ? 1_555 73.8  ? 
95  O6 ? A DG 16 ? A DG 16 ? 1_555 K ? E K . ? A K 104 ? 1_555 O6 ? A DG 22 ? A DG 22 ? 1_555 112.7 ? 
96  O6 ? A DG 16 ? A DG 16 ? 1_555 K ? E K . ? A K 104 ? 1_555 O6 ? A DG 22 ? A DG 22 ? 1_555 112.7 ? 
97  O6 ? A DG 19 ? A DG 19 ? 1_555 K ? E K . ? A K 104 ? 1_555 O6 ? A DG 22 ? A DG 22 ? 1_555 73.8  ? 
98  O6 ? A DG 19 ? A DG 19 ? 1_555 K ? E K . ? A K 104 ? 1_555 O6 ? A DG 22 ? A DG 22 ? 1_555 73.8  ? 
99  O6 ? A DG 22 ? A DG 22 ? 1_555 K ? E K . ? A K 104 ? 1_555 O6 ? A DG 22 ? A DG 22 ? 1_555 0.0   ? 
100 O6 ? A DG 16 ? A DG 16 ? 1_555 K ? E K . ? A K 104 ? 1_555 O6 ? A DG 26 ? A DG 26 ? 1_555 69.9  ? 
101 O6 ? A DG 16 ? A DG 16 ? 1_555 K ? E K . ? A K 104 ? 1_555 O6 ? A DG 26 ? A DG 26 ? 1_555 69.9  ? 
102 O6 ? A DG 19 ? A DG 19 ? 1_555 K ? E K . ? A K 104 ? 1_555 O6 ? A DG 26 ? A DG 26 ? 1_555 106.7 ? 
103 O6 ? A DG 19 ? A DG 19 ? 1_555 K ? E K . ? A K 104 ? 1_555 O6 ? A DG 26 ? A DG 26 ? 1_555 106.7 ? 
104 O6 ? A DG 22 ? A DG 22 ? 1_555 K ? E K . ? A K 104 ? 1_555 O6 ? A DG 26 ? A DG 26 ? 1_555 66.8  ? 
105 O6 ? A DG 22 ? A DG 22 ? 1_555 K ? E K . ? A K 104 ? 1_555 O6 ? A DG 26 ? A DG 26 ? 1_555 66.8  ? 
106 O6 ? A DG 16 ? A DG 16 ? 1_555 K ? E K . ? A K 104 ? 1_555 O6 ? A DG 26 ? A DG 26 ? 1_555 69.9  ? 
107 O6 ? A DG 16 ? A DG 16 ? 1_555 K ? E K . ? A K 104 ? 1_555 O6 ? A DG 26 ? A DG 26 ? 1_555 69.9  ? 
108 O6 ? A DG 19 ? A DG 19 ? 1_555 K ? E K . ? A K 104 ? 1_555 O6 ? A DG 26 ? A DG 26 ? 1_555 106.7 ? 
109 O6 ? A DG 19 ? A DG 19 ? 1_555 K ? E K . ? A K 104 ? 1_555 O6 ? A DG 26 ? A DG 26 ? 1_555 106.7 ? 
110 O6 ? A DG 22 ? A DG 22 ? 1_555 K ? E K . ? A K 104 ? 1_555 O6 ? A DG 26 ? A DG 26 ? 1_555 66.8  ? 
111 O6 ? A DG 22 ? A DG 22 ? 1_555 K ? E K . ? A K 104 ? 1_555 O6 ? A DG 26 ? A DG 26 ? 1_555 66.8  ? 
112 O6 ? A DG 26 ? A DG 26 ? 1_555 K ? E K . ? A K 104 ? 1_555 O6 ? A DG 26 ? A DG 26 ? 1_555 0.0   ? 
# 
_pdbx_entry_details.entry_id                   9CIY 
_pdbx_entry_details.nonpolymer_details         ? 
_pdbx_entry_details.sequence_details           ? 
_pdbx_entry_details.compound_details           ? 
_pdbx_entry_details.source_details             ? 
_pdbx_entry_details.has_ligand_of_interest     N 
_pdbx_entry_details.has_protein_modification   N 
# 
loop_
_pdbx_struct_special_symmetry.id 
_pdbx_struct_special_symmetry.PDB_model_num 
_pdbx_struct_special_symmetry.auth_asym_id 
_pdbx_struct_special_symmetry.auth_comp_id 
_pdbx_struct_special_symmetry.auth_seq_id 
_pdbx_struct_special_symmetry.PDB_ins_code 
_pdbx_struct_special_symmetry.label_asym_id 
_pdbx_struct_special_symmetry.label_comp_id 
_pdbx_struct_special_symmetry.label_seq_id 
1 1 A K   104 ? E K   . 
2 1 A NCO 105 ? F NCO . 
3 1 A NCO 105 ? F NCO . 
4 1 A NCO 105 ? F NCO . 
5 1 A NCO 105 ? F NCO . 
6 1 A NCO 105 ? F NCO . 
7 1 A NCO 105 ? F NCO . 
8 1 A NCO 105 ? F NCO . 
9 1 A HOH 203 ? P HOH . 
# 
loop_
_space_group_symop.id 
_space_group_symop.operation_xyz 
1 x,y,z        
2 -y,x,z+1/2   
3 y,-x,z+1/2   
4 x,-y,-z      
5 -x,y,-z      
6 -x,-y,z      
7 y,x,-z+1/2   
8 -y,-x,-z+1/2 
# 
loop_
_pdbx_refine_tls.id 
_pdbx_refine_tls.pdbx_refine_id 
_pdbx_refine_tls.details 
_pdbx_refine_tls.method 
_pdbx_refine_tls.origin_x 
_pdbx_refine_tls.origin_y 
_pdbx_refine_tls.origin_z 
_pdbx_refine_tls.T[1][1] 
_pdbx_refine_tls.T[1][1]_esd 
_pdbx_refine_tls.T[1][2] 
_pdbx_refine_tls.T[1][2]_esd 
_pdbx_refine_tls.T[1][3] 
_pdbx_refine_tls.T[1][3]_esd 
_pdbx_refine_tls.T[2][2] 
_pdbx_refine_tls.T[2][2]_esd 
_pdbx_refine_tls.T[2][3] 
_pdbx_refine_tls.T[2][3]_esd 
_pdbx_refine_tls.T[3][3] 
_pdbx_refine_tls.T[3][3]_esd 
_pdbx_refine_tls.L[1][1] 
_pdbx_refine_tls.L[1][1]_esd 
_pdbx_refine_tls.L[1][2] 
_pdbx_refine_tls.L[1][2]_esd 
_pdbx_refine_tls.L[1][3] 
_pdbx_refine_tls.L[1][3]_esd 
_pdbx_refine_tls.L[2][2] 
_pdbx_refine_tls.L[2][2]_esd 
_pdbx_refine_tls.L[2][3] 
_pdbx_refine_tls.L[2][3]_esd 
_pdbx_refine_tls.L[3][3] 
_pdbx_refine_tls.L[3][3]_esd 
_pdbx_refine_tls.S[1][1] 
_pdbx_refine_tls.S[1][1]_esd 
_pdbx_refine_tls.S[1][2] 
_pdbx_refine_tls.S[1][2]_esd 
_pdbx_refine_tls.S[1][3] 
_pdbx_refine_tls.S[1][3]_esd 
_pdbx_refine_tls.S[2][1] 
_pdbx_refine_tls.S[2][1]_esd 
_pdbx_refine_tls.S[2][2] 
_pdbx_refine_tls.S[2][2]_esd 
_pdbx_refine_tls.S[2][3] 
_pdbx_refine_tls.S[2][3]_esd 
_pdbx_refine_tls.S[3][1] 
_pdbx_refine_tls.S[3][1]_esd 
_pdbx_refine_tls.S[3][2] 
_pdbx_refine_tls.S[3][2]_esd 
_pdbx_refine_tls.S[3][3] 
_pdbx_refine_tls.S[3][3]_esd 
1 'X-RAY DIFFRACTION' ? refined 0.3448  0.6291  2.3349  0.6304 ? 0.1372  ? 0.0617  ? 0.8145 ? -0.0513 ? 0.4998 ? 5.3196  ? 1.3423 ? 1.2726 ? 12.9791 ? -3.8338 ? 8.7234 ? 0.7910 ? 0.0160 ? 0.7045  ? 0.3355  ? -0.5418 ? 0.4123 ? -1.0478 ? -0.6364 ? -0.1560 ? 
2 'X-RAY DIFFRACTION' ? refined -3.4804 -9.5269 -0.2287 0.4443 ? -0.0022 ? -0.0414 ? 1.1447 ? 0.0707  ? 0.4730 ? 1.6062  ? 1.6020 ? 0.9534 ? 1.4716  ? 0.8751  ? 0.6494 ? 0.8693 ? 0.3006 ? -0.5440 ? -0.1513 ? 0.0593  ? 0.7785 ? 0.8731  ? -2.0283 ? -0.9161 ? 
3 'X-RAY DIFFRACTION' ? refined 1.7507  2.8585  -6.5795 0.7283 ? 0.2428  ? 0.0077  ? 1.0076 ? 0.0910  ? 0.7618 ? 12.1914 ? 6.9481 ? 1.8878 ? 7.6570  ? 0.9153  ? 2.9659 ? 0.0029 ? 0.2664 ? 2.1633  ? 0.2051  ? 0.0943  ? 0.6199 ? -0.6719 ? -0.7351 ? -0.2319 ? 
# 
loop_
_pdbx_refine_tls_group.id 
_pdbx_refine_tls_group.pdbx_refine_id 
_pdbx_refine_tls_group.refine_tls_id 
_pdbx_refine_tls_group.beg_label_asym_id 
_pdbx_refine_tls_group.beg_label_seq_id 
_pdbx_refine_tls_group.beg_auth_asym_id 
_pdbx_refine_tls_group.beg_auth_seq_id 
_pdbx_refine_tls_group.beg_PDB_ins_code 
_pdbx_refine_tls_group.end_label_asym_id 
_pdbx_refine_tls_group.end_label_seq_id 
_pdbx_refine_tls_group.end_auth_asym_id 
_pdbx_refine_tls_group.end_auth_seq_id 
_pdbx_refine_tls_group.end_PDB_ins_code 
_pdbx_refine_tls_group.selection 
_pdbx_refine_tls_group.selection_details 
1 'X-RAY DIFFRACTION' 1 ? ? ? ? ? ? ? ? ? ? ? 
;chain 'A' and (resid 1 through 15 )
;
2 'X-RAY DIFFRACTION' 2 ? ? ? ? ? ? ? ? ? ? ? 
;chain 'A' and (resid 16 through 20 )
;
3 'X-RAY DIFFRACTION' 3 ? ? ? ? ? ? ? ? ? ? ? 
;chain 'A' and (resid 21 through 26 )
;
# 
loop_
_chem_comp_atom.comp_id 
_chem_comp_atom.atom_id 
_chem_comp_atom.type_symbol 
_chem_comp_atom.pdbx_aromatic_flag 
_chem_comp_atom.pdbx_stereo_config 
_chem_comp_atom.pdbx_ordinal 
DG  OP3    O  N N 1   
DG  P      P  N N 2   
DG  OP1    O  N N 3   
DG  OP2    O  N N 4   
DG  "O5'"  O  N N 5   
DG  "C5'"  C  N N 6   
DG  "C4'"  C  N R 7   
DG  "O4'"  O  N N 8   
DG  "C3'"  C  N S 9   
DG  "O3'"  O  N N 10  
DG  "C2'"  C  N N 11  
DG  "C1'"  C  N R 12  
DG  N9     N  Y N 13  
DG  C8     C  Y N 14  
DG  N7     N  Y N 15  
DG  C5     C  Y N 16  
DG  C6     C  N N 17  
DG  O6     O  N N 18  
DG  N1     N  N N 19  
DG  C2     C  N N 20  
DG  N2     N  N N 21  
DG  N3     N  N N 22  
DG  C4     C  Y N 23  
DG  HOP3   H  N N 24  
DG  HOP2   H  N N 25  
DG  "H5'"  H  N N 26  
DG  "H5''" H  N N 27  
DG  "H4'"  H  N N 28  
DG  "H3'"  H  N N 29  
DG  "HO3'" H  N N 30  
DG  "H2'"  H  N N 31  
DG  "H2''" H  N N 32  
DG  "H1'"  H  N N 33  
DG  H8     H  N N 34  
DG  H1     H  N N 35  
DG  H21    H  N N 36  
DG  H22    H  N N 37  
DT  OP3    O  N N 38  
DT  P      P  N N 39  
DT  OP1    O  N N 40  
DT  OP2    O  N N 41  
DT  "O5'"  O  N N 42  
DT  "C5'"  C  N N 43  
DT  "C4'"  C  N R 44  
DT  "O4'"  O  N N 45  
DT  "C3'"  C  N S 46  
DT  "O3'"  O  N N 47  
DT  "C2'"  C  N N 48  
DT  "C1'"  C  N R 49  
DT  N1     N  N N 50  
DT  C2     C  N N 51  
DT  O2     O  N N 52  
DT  N3     N  N N 53  
DT  C4     C  N N 54  
DT  O4     O  N N 55  
DT  C5     C  N N 56  
DT  C7     C  N N 57  
DT  C6     C  N N 58  
DT  HOP3   H  N N 59  
DT  HOP2   H  N N 60  
DT  "H5'"  H  N N 61  
DT  "H5''" H  N N 62  
DT  "H4'"  H  N N 63  
DT  "H3'"  H  N N 64  
DT  "HO3'" H  N N 65  
DT  "H2'"  H  N N 66  
DT  "H2''" H  N N 67  
DT  "H1'"  H  N N 68  
DT  H3     H  N N 69  
DT  H71    H  N N 70  
DT  H72    H  N N 71  
DT  H73    H  N N 72  
DT  H6     H  N N 73  
HOH O      O  N N 74  
HOH H1     H  N N 75  
HOH H2     H  N N 76  
K   K      K  N N 77  
MES O1     O  N N 78  
MES C2     C  N N 79  
MES C3     C  N N 80  
MES N4     N  N N 81  
MES C5     C  N N 82  
MES C6     C  N N 83  
MES C7     C  N N 84  
MES C8     C  N N 85  
MES S      S  N N 86  
MES O1S    O  N N 87  
MES O2S    O  N N 88  
MES O3S    O  N N 89  
MES H21    H  N N 90  
MES H22    H  N N 91  
MES H31    H  N N 92  
MES H32    H  N N 93  
MES HN4    H  N N 94  
MES H51    H  N N 95  
MES H52    H  N N 96  
MES H61    H  N N 97  
MES H62    H  N N 98  
MES H71    H  N N 99  
MES H72    H  N N 100 
MES H81    H  N N 101 
MES H82    H  N N 102 
NCO CO     CO N N 103 
NCO N1     N  N N 104 
NCO N2     N  N N 105 
NCO N3     N  N N 106 
NCO N4     N  N N 107 
NCO N5     N  N N 108 
NCO N6     N  N N 109 
NCO HN11   H  N N 110 
NCO HN12   H  N N 111 
NCO HN13   H  N N 112 
NCO HN21   H  N N 113 
NCO HN22   H  N N 114 
NCO HN23   H  N N 115 
NCO HN31   H  N N 116 
NCO HN32   H  N N 117 
NCO HN33   H  N N 118 
NCO HN41   H  N N 119 
NCO HN42   H  N N 120 
NCO HN43   H  N N 121 
NCO HN51   H  N N 122 
NCO HN52   H  N N 123 
NCO HN53   H  N N 124 
NCO HN61   H  N N 125 
NCO HN62   H  N N 126 
NCO HN63   H  N N 127 
PEG C1     C  N N 128 
PEG O1     O  N N 129 
PEG C2     C  N N 130 
PEG O2     O  N N 131 
PEG C3     C  N N 132 
PEG C4     C  N N 133 
PEG O4     O  N N 134 
PEG H11    H  N N 135 
PEG H12    H  N N 136 
PEG HO1    H  N N 137 
PEG H21    H  N N 138 
PEG H22    H  N N 139 
PEG H31    H  N N 140 
PEG H32    H  N N 141 
PEG H41    H  N N 142 
PEG H42    H  N N 143 
PEG HO4    H  N N 144 
# 
loop_
_chem_comp_bond.comp_id 
_chem_comp_bond.atom_id_1 
_chem_comp_bond.atom_id_2 
_chem_comp_bond.value_order 
_chem_comp_bond.pdbx_aromatic_flag 
_chem_comp_bond.pdbx_stereo_config 
_chem_comp_bond.pdbx_ordinal 
DG  OP3   P      sing N N 1   
DG  OP3   HOP3   sing N N 2   
DG  P     OP1    doub N N 3   
DG  P     OP2    sing N N 4   
DG  P     "O5'"  sing N N 5   
DG  OP2   HOP2   sing N N 6   
DG  "O5'" "C5'"  sing N N 7   
DG  "C5'" "C4'"  sing N N 8   
DG  "C5'" "H5'"  sing N N 9   
DG  "C5'" "H5''" sing N N 10  
DG  "C4'" "O4'"  sing N N 11  
DG  "C4'" "C3'"  sing N N 12  
DG  "C4'" "H4'"  sing N N 13  
DG  "O4'" "C1'"  sing N N 14  
DG  "C3'" "O3'"  sing N N 15  
DG  "C3'" "C2'"  sing N N 16  
DG  "C3'" "H3'"  sing N N 17  
DG  "O3'" "HO3'" sing N N 18  
DG  "C2'" "C1'"  sing N N 19  
DG  "C2'" "H2'"  sing N N 20  
DG  "C2'" "H2''" sing N N 21  
DG  "C1'" N9     sing N N 22  
DG  "C1'" "H1'"  sing N N 23  
DG  N9    C8     sing Y N 24  
DG  N9    C4     sing Y N 25  
DG  C8    N7     doub Y N 26  
DG  C8    H8     sing N N 27  
DG  N7    C5     sing Y N 28  
DG  C5    C6     sing N N 29  
DG  C5    C4     doub Y N 30  
DG  C6    O6     doub N N 31  
DG  C6    N1     sing N N 32  
DG  N1    C2     sing N N 33  
DG  N1    H1     sing N N 34  
DG  C2    N2     sing N N 35  
DG  C2    N3     doub N N 36  
DG  N2    H21    sing N N 37  
DG  N2    H22    sing N N 38  
DG  N3    C4     sing N N 39  
DT  OP3   P      sing N N 40  
DT  OP3   HOP3   sing N N 41  
DT  P     OP1    doub N N 42  
DT  P     OP2    sing N N 43  
DT  P     "O5'"  sing N N 44  
DT  OP2   HOP2   sing N N 45  
DT  "O5'" "C5'"  sing N N 46  
DT  "C5'" "C4'"  sing N N 47  
DT  "C5'" "H5'"  sing N N 48  
DT  "C5'" "H5''" sing N N 49  
DT  "C4'" "O4'"  sing N N 50  
DT  "C4'" "C3'"  sing N N 51  
DT  "C4'" "H4'"  sing N N 52  
DT  "O4'" "C1'"  sing N N 53  
DT  "C3'" "O3'"  sing N N 54  
DT  "C3'" "C2'"  sing N N 55  
DT  "C3'" "H3'"  sing N N 56  
DT  "O3'" "HO3'" sing N N 57  
DT  "C2'" "C1'"  sing N N 58  
DT  "C2'" "H2'"  sing N N 59  
DT  "C2'" "H2''" sing N N 60  
DT  "C1'" N1     sing N N 61  
DT  "C1'" "H1'"  sing N N 62  
DT  N1    C2     sing N N 63  
DT  N1    C6     sing N N 64  
DT  C2    O2     doub N N 65  
DT  C2    N3     sing N N 66  
DT  N3    C4     sing N N 67  
DT  N3    H3     sing N N 68  
DT  C4    O4     doub N N 69  
DT  C4    C5     sing N N 70  
DT  C5    C7     sing N N 71  
DT  C5    C6     doub N N 72  
DT  C7    H71    sing N N 73  
DT  C7    H72    sing N N 74  
DT  C7    H73    sing N N 75  
DT  C6    H6     sing N N 76  
HOH O     H1     sing N N 77  
HOH O     H2     sing N N 78  
MES O1    C2     sing N N 79  
MES O1    C6     sing N N 80  
MES C2    C3     sing N N 81  
MES C2    H21    sing N N 82  
MES C2    H22    sing N N 83  
MES C3    N4     sing N N 84  
MES C3    H31    sing N N 85  
MES C3    H32    sing N N 86  
MES N4    C5     sing N N 87  
MES N4    C7     sing N N 88  
MES N4    HN4    sing N N 89  
MES C5    C6     sing N N 90  
MES C5    H51    sing N N 91  
MES C5    H52    sing N N 92  
MES C6    H61    sing N N 93  
MES C6    H62    sing N N 94  
MES C7    C8     sing N N 95  
MES C7    H71    sing N N 96  
MES C7    H72    sing N N 97  
MES C8    S      sing N N 98  
MES C8    H81    sing N N 99  
MES C8    H82    sing N N 100 
MES S     O1S    doub N N 101 
MES S     O2S    doub N N 102 
MES S     O3S    sing N N 103 
NCO CO    N1     sing N N 104 
NCO CO    N2     sing N N 105 
NCO CO    N3     sing N N 106 
NCO CO    N4     sing N N 107 
NCO CO    N5     sing N N 108 
NCO CO    N6     sing N N 109 
NCO N1    HN11   sing N N 110 
NCO N1    HN12   sing N N 111 
NCO N1    HN13   sing N N 112 
NCO N2    HN21   sing N N 113 
NCO N2    HN22   sing N N 114 
NCO N2    HN23   sing N N 115 
NCO N3    HN31   sing N N 116 
NCO N3    HN32   sing N N 117 
NCO N3    HN33   sing N N 118 
NCO N4    HN41   sing N N 119 
NCO N4    HN42   sing N N 120 
NCO N4    HN43   sing N N 121 
NCO N5    HN51   sing N N 122 
NCO N5    HN52   sing N N 123 
NCO N5    HN53   sing N N 124 
NCO N6    HN61   sing N N 125 
NCO N6    HN62   sing N N 126 
NCO N6    HN63   sing N N 127 
PEG C1    O1     sing N N 128 
PEG C1    C2     sing N N 129 
PEG C1    H11    sing N N 130 
PEG C1    H12    sing N N 131 
PEG O1    HO1    sing N N 132 
PEG C2    O2     sing N N 133 
PEG C2    H21    sing N N 134 
PEG C2    H22    sing N N 135 
PEG O2    C3     sing N N 136 
PEG C3    C4     sing N N 137 
PEG C3    H31    sing N N 138 
PEG C3    H32    sing N N 139 
PEG C4    O4     sing N N 140 
PEG C4    H41    sing N N 141 
PEG C4    H42    sing N N 142 
PEG O4    HO4    sing N N 143 
# 
loop_
_ndb_struct_conf_na.entry_id 
_ndb_struct_conf_na.feature 
9CIY 'z-form double helix' 
9CIY 'bulge loop'          
9CIY 'triple helix'        
# 
loop_
_ndb_struct_na_base_pair.model_number 
_ndb_struct_na_base_pair.i_label_asym_id 
_ndb_struct_na_base_pair.i_label_comp_id 
_ndb_struct_na_base_pair.i_label_seq_id 
_ndb_struct_na_base_pair.i_symmetry 
_ndb_struct_na_base_pair.j_label_asym_id 
_ndb_struct_na_base_pair.j_label_comp_id 
_ndb_struct_na_base_pair.j_label_seq_id 
_ndb_struct_na_base_pair.j_symmetry 
_ndb_struct_na_base_pair.shear 
_ndb_struct_na_base_pair.stretch 
_ndb_struct_na_base_pair.stagger 
_ndb_struct_na_base_pair.buckle 
_ndb_struct_na_base_pair.propeller 
_ndb_struct_na_base_pair.opening 
_ndb_struct_na_base_pair.pair_number 
_ndb_struct_na_base_pair.pair_name 
_ndb_struct_na_base_pair.i_auth_asym_id 
_ndb_struct_na_base_pair.i_auth_seq_id 
_ndb_struct_na_base_pair.i_PDB_ins_code 
_ndb_struct_na_base_pair.j_auth_asym_id 
_ndb_struct_na_base_pair.j_auth_seq_id 
_ndb_struct_na_base_pair.j_PDB_ins_code 
_ndb_struct_na_base_pair.hbond_type_28 
_ndb_struct_na_base_pair.hbond_type_12 
1 A DG 3  1_555 A DG 12 1_555 1.747  -3.164 -0.039 -8.473 -5.762 -89.222 1 A_DG3:DG12_A  A 3  ? A 12 ? 6 3 
1 A DG 4  1_555 A DG 1  1_555 1.565  -3.394 0.027  -4.563 0.477  -89.928 2 A_DG4:DG1_A   A 4  ? A 1  ? 6 3 
1 A DG 6  1_555 A DG 9  1_555 -1.779 3.273  -0.083 8.530  6.064  89.653  3 A_DG6:DG9_A   A 6  ? A 9  ? 6 3 
1 A DG 7  1_555 A DG 10 1_555 -1.588 3.485  -0.061 5.879  3.353  89.957  4 A_DG7:DG10_A  A 7  ? A 10 ? 6 3 
1 A DG 16 1_555 A DG 19 1_555 -1.581 3.322  0.012  6.476  1.961  91.133  5 A_DG16:DG19_A A 16 ? A 19 ? 6 3 
1 A DG 26 1_555 A DG 22 1_555 1.337  -3.441 0.353  -7.342 2.383  -89.710 6 A_DG26:DG22_A A 26 ? A 22 ? 6 3 
1 A DG 18 1_555 A DG 21 1_555 -1.468 3.352  0.059  -0.633 -0.504 93.566  7 A_DG18:DG21_A A 18 ? A 21 ? 6 3 
# 
loop_
_ndb_struct_na_base_pair_step.model_number 
_ndb_struct_na_base_pair_step.i_label_asym_id_1 
_ndb_struct_na_base_pair_step.i_label_comp_id_1 
_ndb_struct_na_base_pair_step.i_label_seq_id_1 
_ndb_struct_na_base_pair_step.i_symmetry_1 
_ndb_struct_na_base_pair_step.j_label_asym_id_1 
_ndb_struct_na_base_pair_step.j_label_comp_id_1 
_ndb_struct_na_base_pair_step.j_label_seq_id_1 
_ndb_struct_na_base_pair_step.j_symmetry_1 
_ndb_struct_na_base_pair_step.i_label_asym_id_2 
_ndb_struct_na_base_pair_step.i_label_comp_id_2 
_ndb_struct_na_base_pair_step.i_label_seq_id_2 
_ndb_struct_na_base_pair_step.i_symmetry_2 
_ndb_struct_na_base_pair_step.j_label_asym_id_2 
_ndb_struct_na_base_pair_step.j_label_comp_id_2 
_ndb_struct_na_base_pair_step.j_label_seq_id_2 
_ndb_struct_na_base_pair_step.j_symmetry_2 
_ndb_struct_na_base_pair_step.shift 
_ndb_struct_na_base_pair_step.slide 
_ndb_struct_na_base_pair_step.rise 
_ndb_struct_na_base_pair_step.tilt 
_ndb_struct_na_base_pair_step.roll 
_ndb_struct_na_base_pair_step.twist 
_ndb_struct_na_base_pair_step.x_displacement 
_ndb_struct_na_base_pair_step.y_displacement 
_ndb_struct_na_base_pair_step.helical_rise 
_ndb_struct_na_base_pair_step.inclination 
_ndb_struct_na_base_pair_step.tip 
_ndb_struct_na_base_pair_step.helical_twist 
_ndb_struct_na_base_pair_step.step_number 
_ndb_struct_na_base_pair_step.step_name 
_ndb_struct_na_base_pair_step.i_auth_asym_id_1 
_ndb_struct_na_base_pair_step.i_auth_seq_id_1 
_ndb_struct_na_base_pair_step.i_PDB_ins_code_1 
_ndb_struct_na_base_pair_step.j_auth_asym_id_1 
_ndb_struct_na_base_pair_step.j_auth_seq_id_1 
_ndb_struct_na_base_pair_step.j_PDB_ins_code_1 
_ndb_struct_na_base_pair_step.i_auth_asym_id_2 
_ndb_struct_na_base_pair_step.i_auth_seq_id_2 
_ndb_struct_na_base_pair_step.i_PDB_ins_code_2 
_ndb_struct_na_base_pair_step.j_auth_asym_id_2 
_ndb_struct_na_base_pair_step.j_auth_seq_id_2 
_ndb_struct_na_base_pair_step.j_PDB_ins_code_2 
1 A DG 3  1_555 A DG 12 1_555 A DG 4  1_555 A DG 1  1_555 0.656  -0.839 3.526 -3.048 2.711  -25.410  1.044 0.529  3.646 -6.113 
-6.872  -25.730  1 AA_DG3DG4:DG1DG12_AA    A 3  ? A 12 ? A 4  ? A 1  ? 
1 A DG 6  1_555 A DG 9  1_555 A DG 7  1_555 A DG 10 1_555 0.593  -0.748 3.467 -4.522 1.872  -24.156  1.130 -0.113 3.563 -4.414 
-10.665 -24.639  2 AA_DG6DG7:DG10DG9_AA    A 6  ? A 9  ? A 7  ? A 10 ? 
1 A DG 16 1_555 A DG 19 1_555 A DG 26 1_555 A DG 22 1_555 1.562  -3.313 0.271 -2.845 -3.720 -179.378 1.656 0.781  0.271 1.860  
-1.423  -179.379 3 AA_DG16DG26:DG22DG19_AA A 16 ? A 19 ? A 26 ? A 22 ? 
1 A DG 26 1_555 A DG 22 1_555 A DG 18 1_555 A DG 21 1_555 -1.419 3.111  3.319 -1.525 0.632  125.234  1.746 0.786  3.338 0.356  
0.859   125.241  4 AA_DG26DG18:DG21DG22_AA A 26 ? A 22 ? A 18 ? A 21 ? 
# 
_pdbx_audit_support.funding_organization   'National Institutes of Health/National Cancer Institute (NIH/NCI)' 
_pdbx_audit_support.country                'United States' 
_pdbx_audit_support.grant_number           1R15CA253134 
_pdbx_audit_support.ordinal                1 
# 
_pdbx_initial_refinement_model.id               1 
_pdbx_initial_refinement_model.entity_id_list   ? 
_pdbx_initial_refinement_model.type             'experimental model' 
_pdbx_initial_refinement_model.source_name      PDB 
_pdbx_initial_refinement_model.accession_code   9C46 
_pdbx_initial_refinement_model.details          'left-right hybrid G-quadruplex' 
# 
_space_group.name_H-M_alt     'P 42 2 2' 
_space_group.name_Hall        'P 4c 2' 
_space_group.IT_number        93 
_space_group.crystal_system   tetragonal 
_space_group.id               1 
# 
_atom_sites.entry_id                    9CIY 
_atom_sites.Cartn_transf_matrix[1][1]   ? 
_atom_sites.Cartn_transf_matrix[1][2]   ? 
_atom_sites.Cartn_transf_matrix[1][3]   ? 
_atom_sites.Cartn_transf_matrix[2][1]   ? 
_atom_sites.Cartn_transf_matrix[2][2]   ? 
_atom_sites.Cartn_transf_matrix[2][3]   ? 
_atom_sites.Cartn_transf_matrix[3][1]   ? 
_atom_sites.Cartn_transf_matrix[3][2]   ? 
_atom_sites.Cartn_transf_matrix[3][3]   ? 
_atom_sites.Cartn_transf_vector[1]      ? 
_atom_sites.Cartn_transf_vector[2]      ? 
_atom_sites.Cartn_transf_vector[3]      ? 
_atom_sites.Cartn_transform_axes        ? 
_atom_sites.fract_transf_matrix[1][1]   -0.00062745 
_atom_sites.fract_transf_matrix[1][2]   -0.01283626 
_atom_sites.fract_transf_matrix[1][3]   -0.00534298 
_atom_sites.fract_transf_matrix[2][1]   0.01136663 
_atom_sites.fract_transf_matrix[2][2]   -0.00355374 
_atom_sites.fract_transf_matrix[2][3]   0.00720287 
_atom_sites.fract_transf_matrix[3][1]   -0.01381743 
_atom_sites.fract_transf_matrix[3][2]   -0.00696941 
_atom_sites.fract_transf_matrix[3][3]   0.01836633 
_atom_sites.fract_transf_vector[1]      0.399271 
_atom_sites.fract_transf_vector[2]      0.217807 
_atom_sites.fract_transf_vector[3]      0.086575 
_atom_sites.solution_primary            ? 
_atom_sites.solution_secondary          ? 
_atom_sites.solution_hydrogens          ? 
_atom_sites.special_details             ? 
# 
loop_
_atom_type.symbol 
_atom_type.scat_dispersion_real 
_atom_type.scat_dispersion_imag 
_atom_type.scat_Cromer_Mann_a1 
_atom_type.scat_Cromer_Mann_a2 
_atom_type.scat_Cromer_Mann_a3 
_atom_type.scat_Cromer_Mann_a4 
_atom_type.scat_Cromer_Mann_b1 
_atom_type.scat_Cromer_Mann_b2 
_atom_type.scat_Cromer_Mann_b3 
_atom_type.scat_Cromer_Mann_b4 
_atom_type.scat_Cromer_Mann_c 
_atom_type.scat_source 
_atom_type.scat_dispersion_source 
C  ? ? 3.54356  2.42580 ? ? 25.62398 1.50364  ? ? 0.0 
;2-Gaussian fit: Grosse-Kunstleve RW, Sauter NK, Adams PD: Newsletter of the IUCr Commission on Crystallographic Computing 2004, 3, 22-31.
;
? 
CO ? ? 21.85313 5.04979 ? ? 2.45200  36.11361 ? ? 0.0 
;2-Gaussian fit: Grosse-Kunstleve RW, Sauter NK, Adams PD: Newsletter of the IUCr Commission on Crystallographic Computing 2004, 3, 22-31.
;
? 
K  ? ? 16.37977 2.54835 ? ? 4.54127  84.28225 ? ? 0.0 
;2-Gaussian fit: Grosse-Kunstleve RW, Sauter NK, Adams PD: Newsletter of the IUCr Commission on Crystallographic Computing 2004, 3, 22-31.
;
? 
N  ? ? 4.01032  2.96436 ? ? 19.97189 1.75589  ? ? 0.0 
;2-Gaussian fit: Grosse-Kunstleve RW, Sauter NK, Adams PD: Newsletter of the IUCr Commission on Crystallographic Computing 2004, 3, 22-31.
;
? 
O  ? ? 4.49882  3.47563 ? ? 15.80542 1.70748  ? ? 0.0 
;2-Gaussian fit: Grosse-Kunstleve RW, Sauter NK, Adams PD: Newsletter of the IUCr Commission on Crystallographic Computing 2004, 3, 22-31.
;
? 
P  ? ? 9.51135  5.44231 ? ? 1.42069  35.72801 ? ? 0.0 
;2-Gaussian fit: Grosse-Kunstleve RW, Sauter NK, Adams PD: Newsletter of the IUCr Commission on Crystallographic Computing 2004, 3, 22-31.
;
? 
S  ? ? 9.55732  6.39887 ? ? 1.23737  29.19336 ? ? 0.0 
;2-Gaussian fit: Grosse-Kunstleve RW, Sauter NK, Adams PD: Newsletter of the IUCr Commission on Crystallographic Computing 2004, 3, 22-31.
;
? 
# 
loop_
_atom_site.group_PDB 
_atom_site.id 
_atom_site.type_symbol 
_atom_site.label_atom_id 
_atom_site.label_alt_id 
_atom_site.label_comp_id 
_atom_site.label_asym_id 
_atom_site.label_entity_id 
_atom_site.label_seq_id 
_atom_site.pdbx_PDB_ins_code 
_atom_site.Cartn_x 
_atom_site.Cartn_y 
_atom_site.Cartn_z 
_atom_site.occupancy 
_atom_site.B_iso_or_equiv 
_atom_site.pdbx_formal_charge 
_atom_site.auth_seq_id 
_atom_site.auth_comp_id 
_atom_site.auth_asym_id 
_atom_site.auth_atom_id 
_atom_site.pdbx_PDB_model_num 
ATOM   1   O  "O5'" . DG  A 1 1  ? 8.190   6.541   -1.046  1.00 85.87  ? 1   DG  A "O5'" 1 
ATOM   2   C  "C5'" . DG  A 1 1  ? 7.369   5.388   -1.170  1.00 78.05  ? 1   DG  A "C5'" 1 
ATOM   3   C  "C4'" . DG  A 1 1  ? 6.162   5.679   -2.045  1.00 80.61  ? 1   DG  A "C4'" 1 
ATOM   4   O  "O4'" . DG  A 1 1  ? 5.293   4.514   -2.071  1.00 70.38  ? 1   DG  A "O4'" 1 
ATOM   5   C  "C3'" . DG  A 1 1  ? 5.283   6.844   -1.576  1.00 80.59  ? 1   DG  A "C3'" 1 
ATOM   6   O  "O3'" . DG  A 1 1  ? 4.794   7.569   -2.710  1.00 80.03  ? 1   DG  A "O3'" 1 
ATOM   7   C  "C2'" . DG  A 1 1  ? 4.153   6.130   -0.835  1.00 71.30  ? 1   DG  A "C2'" 1 
ATOM   8   C  "C1'" . DG  A 1 1  ? 3.986   4.896   -1.705  1.00 66.37  ? 1   DG  A "C1'" 1 
ATOM   9   N  N9    . DG  A 1 1  ? 3.349   3.769   -1.035  1.00 58.59  ? 1   DG  A N9    1 
ATOM   10  C  C8    . DG  A 1 1  ? 3.923   2.924   -0.118  1.00 64.54  ? 1   DG  A C8    1 
ATOM   11  N  N7    . DG  A 1 1  ? 3.113   1.998   0.311   1.00 63.55  ? 1   DG  A N7    1 
ATOM   12  C  C5    . DG  A 1 1  ? 1.925   2.240   -0.365  1.00 63.17  ? 1   DG  A C5    1 
ATOM   13  C  C6    . DG  A 1 1  ? 0.686   1.553   -0.308  1.00 56.41  ? 1   DG  A C6    1 
ATOM   14  O  O6    . DG  A 1 1  ? 0.387   0.559   0.369   1.00 53.90  ? 1   DG  A O6    1 
ATOM   15  N  N1    . DG  A 1 1  ? -0.257  2.125   -1.155  1.00 68.75  ? 1   DG  A N1    1 
ATOM   16  C  C2    . DG  A 1 1  ? -0.035  3.219   -1.956  1.00 58.44  ? 1   DG  A C2    1 
ATOM   17  N  N2    . DG  A 1 1  ? -1.074  3.622   -2.701  1.00 61.51  ? 1   DG  A N2    1 
ATOM   18  N  N3    . DG  A 1 1  ? 1.121   3.872   -2.023  1.00 61.06  ? 1   DG  A N3    1 
ATOM   19  C  C4    . DG  A 1 1  ? 2.053   3.327   -1.202  1.00 76.69  ? 1   DG  A C4    1 
ATOM   20  P  P     . DT  A 1 2  ? 4.409   9.127   -2.589  1.00 82.00  ? 2   DT  A P     1 
ATOM   21  O  OP1   . DT  A 1 2  ? 4.381   9.691   -3.957  1.00 91.03  ? 2   DT  A OP1   1 
ATOM   22  O  OP2   . DT  A 1 2  ? 5.265   9.738   -1.548  1.00 88.22  ? 2   DT  A OP2   1 
ATOM   23  O  "O5'" . DT  A 1 2  ? 2.921   9.114   -2.016  1.00 87.28  ? 2   DT  A "O5'" 1 
ATOM   24  C  "C5'" . DT  A 1 2  ? 1.891   8.427   -2.713  1.00 79.67  ? 2   DT  A "C5'" 1 
ATOM   25  C  "C4'" . DT  A 1 2  ? 0.576   8.548   -1.967  1.00 86.14  ? 2   DT  A "C4'" 1 
ATOM   26  O  "O4'" . DT  A 1 2  ? 0.706   7.934   -0.658  1.00 85.20  ? 2   DT  A "O4'" 1 
ATOM   27  C  "C3'" . DT  A 1 2  ? 0.110   9.981   -1.715  1.00 93.33  ? 2   DT  A "C3'" 1 
ATOM   28  O  "O3'" . DT  A 1 2  ? -1.296  10.058  -1.821  1.00 95.71  ? 2   DT  A "O3'" 1 
ATOM   29  C  "C2'" . DT  A 1 2  ? 0.574   10.251  -0.288  1.00 77.54  ? 2   DT  A "C2'" 1 
ATOM   30  C  "C1'" . DT  A 1 2  ? 0.415   8.878   0.349   1.00 78.88  ? 2   DT  A "C1'" 1 
ATOM   31  N  N1    . DT  A 1 2  ? 1.332   8.646   1.487   1.00 79.34  ? 2   DT  A N1    1 
ATOM   32  C  C2    . DT  A 1 2  ? 0.808   8.250   2.692   1.00 89.89  ? 2   DT  A C2    1 
ATOM   33  O  O2    . DT  A 1 2  ? -0.384  8.074   2.871   1.00 92.39  ? 2   DT  A O2    1 
ATOM   34  N  N3    . DT  A 1 2  ? 1.732   8.063   3.686   1.00 78.49  ? 2   DT  A N3    1 
ATOM   35  C  C4    . DT  A 1 2  ? 3.100   8.232   3.597   1.00 87.19  ? 2   DT  A C4    1 
ATOM   36  O  O4    . DT  A 1 2  ? 3.848   8.039   4.550   1.00 96.37  ? 2   DT  A O4    1 
ATOM   37  C  C5    . DT  A 1 2  ? 3.586   8.652   2.303   1.00 88.13  ? 2   DT  A C5    1 
ATOM   38  C  C7    . DT  A 1 2  ? 5.054   8.867   2.085   1.00 74.10  ? 2   DT  A C7    1 
ATOM   39  C  C6    . DT  A 1 2  ? 2.688   8.838   1.320   1.00 78.26  ? 2   DT  A C6    1 
ATOM   40  P  P     . DG  A 1 3  ? -1.989  10.132  -3.269  1.00 115.48 ? 3   DG  A P     1 
ATOM   41  O  OP1   . DG  A 1 3  ? -0.995  10.668  -4.229  1.00 92.06  ? 3   DG  A OP1   1 
ATOM   42  O  OP2   . DG  A 1 3  ? -3.283  10.830  -3.086  1.00 114.21 ? 3   DG  A OP2   1 
ATOM   43  O  "O5'" . DG  A 1 3  ? -2.276  8.601   -3.636  1.00 86.54  ? 3   DG  A "O5'" 1 
ATOM   44  C  "C5'" . DG  A 1 3  ? -3.003  8.279   -4.813  1.00 89.36  ? 3   DG  A "C5'" 1 
ATOM   45  C  "C4'" . DG  A 1 3  ? -4.308  7.567   -4.481  1.00 91.39  ? 3   DG  A "C4'" 1 
ATOM   46  O  "O4'" . DG  A 1 3  ? -4.046  6.419   -3.632  1.00 98.24  ? 3   DG  A "O4'" 1 
ATOM   47  C  "C3'" . DG  A 1 3  ? -5.344  8.395   -3.723  1.00 90.26  ? 3   DG  A "C3'" 1 
ATOM   48  O  "O3'" . DG  A 1 3  ? -6.656  7.914   -4.031  1.00 89.37  ? 3   DG  A "O3'" 1 
ATOM   49  C  "C2'" . DG  A 1 3  ? -4.989  8.065   -2.277  1.00 88.66  ? 3   DG  A "C2'" 1 
ATOM   50  C  "C1'" . DG  A 1 3  ? -4.755  6.570   -2.420  1.00 86.33  ? 3   DG  A "C1'" 1 
ATOM   51  N  N9    . DG  A 1 3  ? -3.966  5.959   -1.362  1.00 75.95  ? 3   DG  A N9    1 
ATOM   52  C  C8    . DG  A 1 3  ? -2.699  6.304   -0.963  1.00 82.23  ? 3   DG  A C8    1 
ATOM   53  N  N7    . DG  A 1 3  ? -2.234  5.545   -0.008  1.00 81.13  ? 3   DG  A N7    1 
ATOM   54  C  C5    . DG  A 1 3  ? -3.255  4.631   0.229   1.00 76.66  ? 3   DG  A C5    1 
ATOM   55  C  C6    . DG  A 1 3  ? -3.327  3.562   1.153   1.00 72.84  ? 3   DG  A C6    1 
ATOM   56  O  O6    . DG  A 1 3  ? -2.474  3.194   1.972   1.00 60.51  ? 3   DG  A O6    1 
ATOM   57  N  N1    . DG  A 1 3  ? -4.543  2.886   1.063   1.00 72.96  ? 3   DG  A N1    1 
ATOM   58  C  C2    . DG  A 1 3  ? -5.558  3.204   0.190   1.00 75.35  ? 3   DG  A C2    1 
ATOM   59  N  N2    . DG  A 1 3  ? -6.656  2.435   0.244   1.00 75.26  ? 3   DG  A N2    1 
ATOM   60  N  N3    . DG  A 1 3  ? -5.500  4.203   -0.678  1.00 79.62  ? 3   DG  A N3    1 
ATOM   61  C  C4    . DG  A 1 3  ? -4.323  4.870   -0.603  1.00 83.51  ? 3   DG  A C4    1 
ATOM   62  P  P     . DG  A 1 4  ? -7.319  8.125   -5.483  1.00 118.38 ? 4   DG  A P     1 
ATOM   63  O  OP1   . DG  A 1 4  ? -6.314  8.587   -6.470  1.00 99.65  ? 4   DG  A OP1   1 
ATOM   64  O  OP2   . DG  A 1 4  ? -8.535  8.940   -5.259  1.00 109.42 ? 4   DG  A OP2   1 
ATOM   65  O  "O5'" . DG  A 1 4  ? -7.817  6.657   -5.889  1.00 94.84  ? 4   DG  A "O5'" 1 
ATOM   66  C  "C5'" . DG  A 1 4  ? -6.910  5.566   -5.887  1.00 82.58  ? 4   DG  A "C5'" 1 
ATOM   67  C  "C4'" . DG  A 1 4  ? -7.652  4.243   -5.821  1.00 82.14  ? 4   DG  A "C4'" 1 
ATOM   68  O  "O4'" . DG  A 1 4  ? -6.709  3.181   -5.498  1.00 91.15  ? 4   DG  A "O4'" 1 
ATOM   69  C  "C3'" . DG  A 1 4  ? -8.729  4.159   -4.744  1.00 84.45  ? 4   DG  A "C3'" 1 
ATOM   70  O  "O3'" . DG  A 1 4  ? -9.730  3.220   -5.133  1.00 87.30  ? 4   DG  A "O3'" 1 
ATOM   71  C  "C2'" . DG  A 1 4  ? -7.933  3.651   -3.550  1.00 81.99  ? 4   DG  A "C2'" 1 
ATOM   72  C  "C1'" . DG  A 1 4  ? -7.023  2.636   -4.229  1.00 74.32  ? 4   DG  A "C1'" 1 
ATOM   73  N  N9    . DG  A 1 4  ? -5.780  2.377   -3.507  1.00 76.65  ? 4   DG  A N9    1 
ATOM   74  C  C8    . DG  A 1 4  ? -4.632  3.129   -3.535  1.00 68.86  ? 4   DG  A C8    1 
ATOM   75  N  N7    . DG  A 1 4  ? -3.680  2.649   -2.785  1.00 70.08  ? 4   DG  A N7    1 
ATOM   76  C  C5    . DG  A 1 4  ? -4.232  1.504   -2.224  1.00 71.31  ? 4   DG  A C5    1 
ATOM   77  C  C6    . DG  A 1 4  ? -3.673  0.565   -1.321  1.00 67.61  ? 4   DG  A C6    1 
ATOM   78  O  O6    . DG  A 1 4  ? -2.538  0.556   -0.824  1.00 65.60  ? 4   DG  A O6    1 
ATOM   79  N  N1    . DG  A 1 4  ? -4.575  -0.448  -1.007  1.00 67.43  ? 4   DG  A N1    1 
ATOM   80  C  C2    . DG  A 1 4  ? -5.854  -0.540  -1.500  1.00 64.47  ? 4   DG  A C2    1 
ATOM   81  N  N2    . DG  A 1 4  ? -6.580  -1.588  -1.083  1.00 63.54  ? 4   DG  A N2    1 
ATOM   82  N  N3    . DG  A 1 4  ? -6.388  0.332   -2.341  1.00 69.94  ? 4   DG  A N3    1 
ATOM   83  C  C4    . DG  A 1 4  ? -5.523  1.322   -2.659  1.00 66.32  ? 4   DG  A C4    1 
ATOM   84  P  P     . DT  A 1 5  ? -11.248 3.372   -4.614  1.00 99.68  ? 5   DT  A P     1 
ATOM   85  O  OP1   . DT  A 1 5  ? -12.060 2.368   -5.334  1.00 97.13  ? 5   DT  A OP1   1 
ATOM   86  O  OP2   . DT  A 1 5  ? -11.625 4.803   -4.678  1.00 99.04  ? 5   DT  A OP2   1 
ATOM   87  O  "O5'" . DT  A 1 5  ? -11.175 2.926   -3.080  1.00 93.61  ? 5   DT  A "O5'" 1 
ATOM   88  C  "C5'" . DT  A 1 5  ? -10.898 1.570   -2.752  1.00 86.69  ? 5   DT  A "C5'" 1 
ATOM   89  C  "C4'" . DT  A 1 5  ? -10.844 1.373   -1.246  1.00 85.94  ? 5   DT  A "C4'" 1 
ATOM   90  O  "O4'" . DT  A 1 5  ? -9.813  2.224   -0.680  1.00 81.65  ? 5   DT  A "O4'" 1 
ATOM   91  C  "C3'" . DT  A 1 5  ? -12.135 1.719   -0.497  1.00 96.81  ? 5   DT  A "C3'" 1 
ATOM   92  O  "O3'" . DT  A 1 5  ? -12.341 0.791   0.558   1.00 104.00 ? 5   DT  A "O3'" 1 
ATOM   93  C  "C2'" . DT  A 1 5  ? -11.844 3.114   0.047   1.00 93.29  ? 5   DT  A "C2'" 1 
ATOM   94  C  "C1'" . DT  A 1 5  ? -10.363 2.993   0.367   1.00 100.26 ? 5   DT  A "C1'" 1 
ATOM   95  N  N1    . DT  A 1 5  ? -9.651  4.303   0.420   1.00 106.47 ? 5   DT  A N1    1 
ATOM   96  C  C2    . DT  A 1 5  ? -8.927  4.635   1.546   1.00 103.96 ? 5   DT  A C2    1 
ATOM   97  O  O2    . DT  A 1 5  ? -8.828  3.906   2.519   1.00 92.69  ? 5   DT  A O2    1 
ATOM   98  N  N3    . DT  A 1 5  ? -8.313  5.858   1.489   1.00 101.61 ? 5   DT  A N3    1 
ATOM   99  C  C4    . DT  A 1 5  ? -8.354  6.767   0.445   1.00 104.69 ? 5   DT  A C4    1 
ATOM   100 O  O4    . DT  A 1 5  ? -7.770  7.847   0.491   1.00 102.04 ? 5   DT  A O4    1 
ATOM   101 C  C5    . DT  A 1 5  ? -9.132  6.356   -0.701  1.00 101.92 ? 5   DT  A C5    1 
ATOM   102 C  C7    . DT  A 1 5  ? -9.249  7.254   -1.894  1.00 101.78 ? 5   DT  A C7    1 
ATOM   103 C  C6    . DT  A 1 5  ? -9.736  5.159   -0.658  1.00 99.24  ? 5   DT  A C6    1 
ATOM   104 P  P     . DG  A 1 6  ? -12.897 -0.685  0.248   1.00 107.63 ? 6   DG  A P     1 
ATOM   105 O  OP1   . DG  A 1 6  ? -13.471 -0.663  -1.117  1.00 109.60 ? 6   DG  A OP1   1 
ATOM   106 O  OP2   . DG  A 1 6  ? -13.743 -1.095  1.391   1.00 105.13 ? 6   DG  A OP2   1 
ATOM   107 O  "O5'" . DG  A 1 6  ? -11.582 -1.600  0.257   1.00 94.94  ? 6   DG  A "O5'" 1 
ATOM   108 C  "C5'" . DG  A 1 6  ? -11.690 -3.000  0.013   1.00 89.17  ? 6   DG  A "C5'" 1 
ATOM   109 C  "C4'" . DG  A 1 6  ? -11.061 -3.816  1.136   1.00 94.42  ? 6   DG  A "C4'" 1 
ATOM   110 O  "O4'" . DG  A 1 6  ? -9.672  -3.441  1.315   1.00 85.87  ? 6   DG  A "O4'" 1 
ATOM   111 C  "C3'" . DG  A 1 6  ? -11.695 -3.658  2.515   1.00 82.11  ? 6   DG  A "C3'" 1 
ATOM   112 O  "O3'" . DG  A 1 6  ? -11.460 -4.841  3.276   1.00 89.63  ? 6   DG  A "O3'" 1 
ATOM   113 C  "C2'" . DG  A 1 6  ? -10.879 -2.505  3.083   1.00 83.95  ? 6   DG  A "C2'" 1 
ATOM   114 C  "C1'" . DG  A 1 6  ? -9.493  -2.931  2.622   1.00 77.11  ? 6   DG  A "C1'" 1 
ATOM   115 N  N9    . DG  A 1 6  ? -8.516  -1.860  2.544   1.00 69.67  ? 6   DG  A N9    1 
ATOM   116 C  C8    . DG  A 1 6  ? -8.608  -0.706  1.807   1.00 71.38  ? 6   DG  A C8    1 
ATOM   117 N  N7    . DG  A 1 6  ? -7.556  0.055   1.906   1.00 68.51  ? 6   DG  A N7    1 
ATOM   118 C  C5    . DG  A 1 6  ? -6.705  -0.649  2.750   1.00 66.03  ? 6   DG  A C5    1 
ATOM   119 C  C6    . DG  A 1 6  ? -5.412  -0.323  3.220   1.00 76.93  ? 6   DG  A C6    1 
ATOM   120 O  O6    . DG  A 1 6  ? -4.741  0.690   2.975   1.00 70.76  ? 6   DG  A O6    1 
ATOM   121 N  N1    . DG  A 1 6  ? -4.899  -1.315  4.056   1.00 73.51  ? 6   DG  A N1    1 
ATOM   122 C  C2    . DG  A 1 6  ? -5.561  -2.472  4.397   1.00 73.13  ? 6   DG  A C2    1 
ATOM   123 N  N2    . DG  A 1 6  ? -4.912  -3.311  5.218   1.00 67.11  ? 6   DG  A N2    1 
ATOM   124 N  N3    . DG  A 1 6  ? -6.773  -2.789  3.960   1.00 75.55  ? 6   DG  A N3    1 
ATOM   125 C  C4    . DG  A 1 6  ? -7.281  -1.833  3.144   1.00 66.55  ? 6   DG  A C4    1 
ATOM   126 P  P     . DG  A 1 7  ? -12.183 -6.234  2.924   1.00 109.79 ? 7   DG  A P     1 
ATOM   127 O  OP1   . DG  A 1 7  ? -12.814 -6.183  1.586   1.00 92.38  ? 7   DG  A OP1   1 
ATOM   128 O  OP2   . DG  A 1 7  ? -12.999 -6.589  4.107   1.00 118.54 ? 7   DG  A OP2   1 
ATOM   129 O  "O5'" . DG  A 1 7  ? -10.974 -7.272  2.826   1.00 95.04  ? 7   DG  A "O5'" 1 
ATOM   130 C  "C5'" . DG  A 1 7  ? -9.931  -7.063  1.889   1.00 72.04  ? 7   DG  A "C5'" 1 
ATOM   131 C  "C4'" . DG  A 1 7  ? -8.674  -7.775  2.334   1.00 74.42  ? 7   DG  A "C4'" 1 
ATOM   132 O  "O4'" . DG  A 1 7  ? -7.526  -7.214  1.635   1.00 81.87  ? 7   DG  A "O4'" 1 
ATOM   133 C  "C3'" . DG  A 1 7  ? -8.362  -7.632  3.820   1.00 65.86  ? 7   DG  A "C3'" 1 
ATOM   134 O  "O3'" . DG  A 1 7  ? -7.688  -8.790  4.279   1.00 82.54  ? 7   DG  A "O3'" 1 
ATOM   135 C  "C2'" . DG  A 1 7  ? -7.449  -6.415  3.838   1.00 77.76  ? 7   DG  A "C2'" 1 
ATOM   136 C  "C1'" . DG  A 1 7  ? -6.635  -6.650  2.573   1.00 72.16  ? 7   DG  A "C1'" 1 
ATOM   137 N  N9    . DG  A 1 7  ? -6.053  -5.434  2.013   1.00 62.17  ? 7   DG  A N9    1 
ATOM   138 C  C8    . DG  A 1 7  ? -6.656  -4.529  1.171   1.00 61.59  ? 7   DG  A C8    1 
ATOM   139 N  N7    . DG  A 1 7  ? -5.883  -3.527  0.848   1.00 61.66  ? 7   DG  A N7    1 
ATOM   140 C  C5    . DG  A 1 7  ? -4.690  -3.786  1.520   1.00 55.05  ? 7   DG  A C5    1 
ATOM   141 C  C6    . DG  A 1 7  ? -3.477  -3.050  1.556   1.00 68.79  ? 7   DG  A C6    1 
ATOM   142 O  O6    . DG  A 1 7  ? -3.201  -1.986  0.980   1.00 68.99  ? 7   DG  A O6    1 
ATOM   143 N  N1    . DG  A 1 7  ? -2.524  -3.668  2.362   1.00 63.15  ? 7   DG  A N1    1 
ATOM   144 C  C2    . DG  A 1 7  ? -2.718  -4.842  3.047   1.00 67.27  ? 7   DG  A C2    1 
ATOM   145 N  N2    . DG  A 1 7  ? -1.683  -5.281  3.777   1.00 68.50  ? 7   DG  A N2    1 
ATOM   146 N  N3    . DG  A 1 7  ? -3.848  -5.538  3.024   1.00 61.04  ? 7   DG  A N3    1 
ATOM   147 C  C4    . DG  A 1 7  ? -4.785  -4.953  2.243   1.00 60.19  ? 7   DG  A C4    1 
ATOM   148 P  P     . DT  A 1 8  ? -7.769  -9.226  5.825   1.00 81.40  ? 8   DT  A P     1 
ATOM   149 O  OP1   . DT  A 1 8  ? -7.129  -10.556 5.926   1.00 89.15  ? 8   DT  A OP1   1 
ATOM   150 O  OP2   . DT  A 1 8  ? -9.162  -9.039  6.293   1.00 90.03  ? 8   DT  A OP2   1 
ATOM   151 O  "O5'" . DT  A 1 8  ? -6.838  -8.167  6.581   1.00 72.60  ? 8   DT  A "O5'" 1 
ATOM   152 C  "C5'" . DT  A 1 8  ? -5.421  -8.245  6.452   1.00 67.57  ? 8   DT  A "C5'" 1 
ATOM   153 C  "C4'" . DT  A 1 8  ? -4.737  -7.239  7.365   1.00 68.73  ? 8   DT  A "C4'" 1 
ATOM   154 O  "O4'" . DT  A 1 8  ? -5.197  -5.898  7.048   1.00 84.56  ? 8   DT  A "O4'" 1 
ATOM   155 C  "C3'" . DT  A 1 8  ? -5.002  -7.435  8.857   1.00 71.11  ? 8   DT  A "C3'" 1 
ATOM   156 O  "O3'" . DT  A 1 8  ? -3.824  -7.159  9.605   1.00 79.38  ? 8   DT  A "O3'" 1 
ATOM   157 C  "C2'" . DT  A 1 8  ? -6.097  -6.413  9.147   1.00 78.53  ? 8   DT  A "C2'" 1 
ATOM   158 C  "C1'" . DT  A 1 8  ? -5.710  -5.280  8.210   1.00 73.73  ? 8   DT  A "C1'" 1 
ATOM   159 N  N1    . DT  A 1 8  ? -6.860  -4.419  7.816   1.00 77.37  ? 8   DT  A N1    1 
ATOM   160 C  C2    . DT  A 1 8  ? -6.785  -3.060  8.012   1.00 84.09  ? 8   DT  A C2    1 
ATOM   161 O  O2    . DT  A 1 8  ? -5.813  -2.509  8.496   1.00 91.15  ? 8   DT  A O2    1 
ATOM   162 N  N3    . DT  A 1 8  ? -7.893  -2.362  7.615   1.00 79.23  ? 8   DT  A N3    1 
ATOM   163 C  C4    . DT  A 1 8  ? -9.048  -2.876  7.059   1.00 89.73  ? 8   DT  A C4    1 
ATOM   164 O  O4    . DT  A 1 8  ? -9.996  -2.164  6.739   1.00 109.01 ? 8   DT  A O4    1 
ATOM   165 C  C5    . DT  A 1 8  ? -9.064  -4.309  6.882   1.00 87.43  ? 8   DT  A C5    1 
ATOM   166 C  C7    . DT  A 1 8  ? -10.265 -4.983  6.289   1.00 91.85  ? 8   DT  A C7    1 
ATOM   167 C  C6    . DT  A 1 8  ? -7.981  -5.001  7.265   1.00 82.55  ? 8   DT  A C6    1 
ATOM   168 P  P     . DG  A 1 9  ? -2.563  -8.153  9.526   1.00 82.34  ? 9   DG  A P     1 
ATOM   169 O  OP1   . DG  A 1 9  ? -3.067  -9.479  9.109   1.00 79.39  ? 9   DG  A OP1   1 
ATOM   170 O  OP2   . DG  A 1 9  ? -1.813  -8.024  10.792  1.00 73.04  ? 9   DG  A OP2   1 
ATOM   171 O  "O5'" . DG  A 1 9  ? -1.674  -7.544  8.337   1.00 84.93  ? 9   DG  A "O5'" 1 
ATOM   172 C  "C5'" . DG  A 1 9  ? -0.449  -8.164  7.959   1.00 66.25  ? 9   DG  A "C5'" 1 
ATOM   173 C  "C4'" . DG  A 1 9  ? 0.722   -7.215  8.153   1.00 65.35  ? 9   DG  A "C4'" 1 
ATOM   174 O  "O4'" . DG  A 1 9  ? 0.601   -6.090  7.247   1.00 61.46  ? 9   DG  A "O4'" 1 
ATOM   175 C  "C3'" . DG  A 1 9  ? 0.846   -6.611  9.547   1.00 58.39  ? 9   DG  A "C3'" 1 
ATOM   176 O  "O3'" . DG  A 1 9  ? 2.232   -6.405  9.907   1.00 75.48  ? 9   DG  A "O3'" 1 
ATOM   177 C  "C2'" . DG  A 1 9  ? 0.114   -5.277  9.390   1.00 65.46  ? 9   DG  A "C2'" 1 
ATOM   178 C  "C1'" . DG  A 1 9  ? 0.531   -4.883  7.981   1.00 66.66  ? 9   DG  A "C1'" 1 
ATOM   179 N  N9    . DG  A 1 9  ? -0.409  -4.013  7.287   1.00 67.13  ? 9   DG  A N9    1 
ATOM   180 C  C8    . DG  A 1 9  ? -1.738  -4.262  7.047   1.00 66.05  ? 9   DG  A C8    1 
ATOM   181 N  N7    . DG  A 1 9  ? -2.327  -3.324  6.359   1.00 69.91  ? 9   DG  A N7    1 
ATOM   182 C  C5    . DG  A 1 9  ? -1.318  -2.402  6.109   1.00 63.76  ? 9   DG  A C5    1 
ATOM   183 C  C6    . DG  A 1 9  ? -1.360  -1.177  5.404   1.00 64.02  ? 9   DG  A C6    1 
ATOM   184 O  O6    . DG  A 1 9  ? -2.330  -0.650  4.839   1.00 63.67  ? 9   DG  A O6    1 
ATOM   185 N  N1    . DG  A 1 9  ? -0.115  -0.548  5.385   1.00 62.67  ? 9   DG  A N1    1 
ATOM   186 C  C2    . DG  A 1 9  ? 1.025   -1.046  5.975   1.00 69.39  ? 9   DG  A C2    1 
ATOM   187 N  N2    . DG  A 1 9  ? 2.137   -0.301  5.851   1.00 53.82  ? 9   DG  A N2    1 
ATOM   188 N  N3    . DG  A 1 9  ? 1.075   -2.196  6.637   1.00 67.27  ? 9   DG  A N3    1 
ATOM   189 C  C4    . DG  A 1 9  ? -0.129  -2.816  6.665   1.00 61.43  ? 9   DG  A C4    1 
ATOM   190 P  P     . DG  A 1 10 ? 3.420   -7.362  9.379   1.00 77.57  ? 10  DG  A P     1 
ATOM   191 O  OP1   . DG  A 1 10 ? 2.991   -8.775  9.320   1.00 66.18  ? 10  DG  A OP1   1 
ATOM   192 O  OP2   . DG  A 1 10 ? 4.596   -7.037  10.217  1.00 65.36  ? 10  DG  A OP2   1 
ATOM   193 O  "O5'" . DG  A 1 10 ? 3.706   -6.814  7.903   1.00 76.23  ? 10  DG  A "O5'" 1 
ATOM   194 C  "C5'" . DG  A 1 10 ? 4.847   -7.230  7.192   1.00 61.34  ? 10  DG  A "C5'" 1 
ATOM   195 C  "C4'" . DG  A 1 10 ? 5.395   -6.084  6.364   1.00 73.11  ? 10  DG  A "C4'" 1 
ATOM   196 O  "O4'" . DG  A 1 10 ? 4.456   -5.743  5.308   1.00 64.88  ? 10  DG  A "O4'" 1 
ATOM   197 C  "C3'" . DG  A 1 10 ? 5.648   -4.786  7.140   1.00 61.19  ? 10  DG  A "C3'" 1 
ATOM   198 O  "O3'" . DG  A 1 10 ? 6.929   -4.295  6.814   1.00 63.75  ? 10  DG  A "O3'" 1 
ATOM   199 C  "C2'" . DG  A 1 10 ? 4.540   -3.849  6.642   1.00 61.09  ? 10  DG  A "C2'" 1 
ATOM   200 C  "C1'" . DG  A 1 10 ? 4.371   -4.342  5.218   1.00 55.59  ? 10  DG  A "C1'" 1 
ATOM   201 N  N9    . DG  A 1 10 ? 3.096   -3.987  4.595   1.00 55.73  ? 10  DG  A N9    1 
ATOM   202 C  C8    . DG  A 1 10 ? 1.905   -4.653  4.718   1.00 56.46  ? 10  DG  A C8    1 
ATOM   203 N  N7    . DG  A 1 10 ? 0.935   -4.111  4.040   1.00 61.12  ? 10  DG  A N7    1 
ATOM   204 C  C5    . DG  A 1 10 ? 1.521   -3.017  3.417   1.00 51.64  ? 10  DG  A C5    1 
ATOM   205 C  C6    . DG  A 1 10 ? 0.956   -2.052  2.545   1.00 54.37  ? 10  DG  A C6    1 
ATOM   206 O  O6    . DG  A 1 10 ? -0.214  -1.974  2.142   1.00 63.86  ? 10  DG  A O6    1 
ATOM   207 N  N1    . DG  A 1 10 ? 1.901   -1.111  2.136   1.00 66.08  ? 10  DG  A N1    1 
ATOM   208 C  C2    . DG  A 1 10 ? 3.224   -1.107  2.526   1.00 64.44  ? 10  DG  A C2    1 
ATOM   209 N  N2    . DG  A 1 10 ? 3.989   -0.122  2.034   1.00 54.93  ? 10  DG  A N2    1 
ATOM   210 N  N3    . DG  A 1 10 ? 3.759   -2.006  3.340   1.00 53.91  ? 10  DG  A N3    1 
ATOM   211 C  C4    . DG  A 1 10 ? 2.853   -2.929  3.744   1.00 50.43  ? 10  DG  A C4    1 
ATOM   212 P  P     . DT  A 1 11 ? 7.736   -3.374  7.852   1.00 68.73  ? 11  DT  A P     1 
ATOM   213 O  OP1   . DT  A 1 11 ? 9.134   -3.283  7.379   1.00 61.18  ? 11  DT  A OP1   1 
ATOM   214 O  OP2   . DT  A 1 11 ? 7.460   -3.875  9.216   1.00 83.21  ? 11  DT  A OP2   1 
ATOM   215 O  "O5'" . DT  A 1 11 ? 7.046   -1.941  7.703   1.00 74.85  ? 11  DT  A "O5'" 1 
ATOM   216 C  "C5'" . DT  A 1 11 ? 7.058   -1.268  6.449   1.00 69.50  ? 11  DT  A "C5'" 1 
ATOM   217 C  "C4'" . DT  A 1 11 ? 6.550   0.156   6.596   1.00 72.61  ? 11  DT  A "C4'" 1 
ATOM   218 O  "O4'" . DT  A 1 11 ? 5.143   0.141   6.953   1.00 65.69  ? 11  DT  A "O4'" 1 
ATOM   219 C  "C3'" . DT  A 1 11 ? 7.239   0.980   7.674   1.00 65.40  ? 11  DT  A "C3'" 1 
ATOM   220 O  "O3'" . DT  A 1 11 ? 7.274   2.334   7.285   1.00 73.26  ? 11  DT  A "O3'" 1 
ATOM   221 C  "C2'" . DT  A 1 11 ? 6.331   0.778   8.877   1.00 78.70  ? 11  DT  A "C2'" 1 
ATOM   222 C  "C1'" . DT  A 1 11 ? 4.961   0.743   8.219   1.00 69.60  ? 11  DT  A "C1'" 1 
ATOM   223 N  N1    . DT  A 1 11 ? 3.967   -0.058  8.965   1.00 72.30  ? 11  DT  A N1    1 
ATOM   224 C  C2    . DT  A 1 11 ? 2.729   0.477   9.213   1.00 71.74  ? 11  DT  A C2    1 
ATOM   225 O  O2    . DT  A 1 11 ? 2.402   1.591   8.858   1.00 77.57  ? 11  DT  A O2    1 
ATOM   226 N  N3    . DT  A 1 11 ? 1.878   -0.345  9.897   1.00 65.45  ? 11  DT  A N3    1 
ATOM   227 C  C4    . DT  A 1 11 ? 2.137   -1.629  10.343  1.00 68.96  ? 11  DT  A C4    1 
ATOM   228 O  O4    . DT  A 1 11 ? 1.305   -2.292  10.950  1.00 82.64  ? 11  DT  A O4    1 
ATOM   229 C  C5    . DT  A 1 11 ? 3.455   -2.131  10.049  1.00 69.75  ? 11  DT  A C5    1 
ATOM   230 C  C7    . DT  A 1 11 ? 3.850   -3.510  10.488  1.00 74.13  ? 11  DT  A C7    1 
ATOM   231 C  C6    . DT  A 1 11 ? 4.298   -1.331  9.381   1.00 69.08  ? 11  DT  A C6    1 
ATOM   232 P  P     . DG  A 1 12 ? 8.268   2.801   6.116   1.00 78.27  ? 12  DG  A P     1 
ATOM   233 O  OP1   . DG  A 1 12 ? 9.355   1.801   6.032   1.00 84.42  ? 12  DG  A OP1   1 
ATOM   234 O  OP2   . DG  A 1 12 ? 8.578   4.229   6.349   1.00 67.21  ? 12  DG  A OP2   1 
ATOM   235 O  "O5'" . DG  A 1 12 ? 7.396   2.652   4.783   1.00 83.83  ? 12  DG  A "O5'" 1 
ATOM   236 C  "C5'" . DG  A 1 12 ? 7.999   2.862   3.520   1.00 78.82  ? 12  DG  A "C5'" 1 
ATOM   237 C  "C4'" . DG  A 1 12 ? 7.357   4.025   2.785   1.00 64.19  ? 12  DG  A "C4'" 1 
ATOM   238 O  "O4'" . DG  A 1 12 ? 6.007   3.676   2.398   1.00 65.03  ? 12  DG  A "O4'" 1 
ATOM   239 C  "C3'" . DG  A 1 12 ? 7.237   5.326   3.570   1.00 69.34  ? 12  DG  A "C3'" 1 
ATOM   240 O  "O3'" . DG  A 1 12 ? 7.311   6.425   2.662   1.00 83.72  ? 12  DG  A "O3'" 1 
ATOM   241 C  "C2'" . DG  A 1 12 ? 5.841   5.204   4.179   1.00 63.45  ? 12  DG  A "C2'" 1 
ATOM   242 C  "C1'" . DG  A 1 12 ? 5.084   4.532   3.038   1.00 75.74  ? 12  DG  A "C1'" 1 
ATOM   243 N  N9    . DG  A 1 12 ? 3.950   3.713   3.454   1.00 70.95  ? 12  DG  A N9    1 
ATOM   244 C  C8    . DG  A 1 12 ? 3.967   2.666   4.342   1.00 62.29  ? 12  DG  A C8    1 
ATOM   245 N  N7    . DG  A 1 12 ? 2.802   2.096   4.491   1.00 71.79  ? 12  DG  A N7    1 
ATOM   246 C  C5    . DG  A 1 12 ? 1.966   2.796   3.631   1.00 66.26  ? 12  DG  A C5    1 
ATOM   247 C  C6    . DG  A 1 12 ? 0.588   2.627   3.359   1.00 60.46  ? 12  DG  A C6    1 
ATOM   248 O  O6    . DG  A 1 12 ? -0.194  1.796   3.842   1.00 62.45  ? 12  DG  A O6    1 
ATOM   249 N  N1    . DG  A 1 12 ? 0.131   3.552   2.425   1.00 65.55  ? 12  DG  A N1    1 
ATOM   250 C  C2    . DG  A 1 12 ? 0.909   4.515   1.827   1.00 69.41  ? 12  DG  A C2    1 
ATOM   251 N  N2    . DG  A 1 12 ? 0.291   5.318   0.947   1.00 70.94  ? 12  DG  A N2    1 
ATOM   252 N  N3    . DG  A 1 12 ? 2.201   4.682   2.071   1.00 69.74  ? 12  DG  A N3    1 
ATOM   253 C  C4    . DG  A 1 12 ? 2.660   3.791   2.981   1.00 60.71  ? 12  DG  A C4    1 
ATOM   254 P  P     . DT  A 1 13 ? 8.644   7.320   2.545   1.00 84.66  ? 13  DT  A P     1 
ATOM   255 O  OP1   . DT  A 1 13 ? 8.664   8.245   3.700   1.00 92.33  ? 13  DT  A OP1   1 
ATOM   256 O  OP2   . DT  A 1 13 ? 8.690   7.855   1.167   1.00 86.61  ? 13  DT  A OP2   1 
ATOM   257 O  "O5'" . DT  A 1 13 ? 9.850   6.276   2.699   1.00 93.21  ? 13  DT  A "O5'" 1 
ATOM   258 C  "C5'" . DT  A 1 13 ? 10.352  5.571   1.562   1.00 82.59  ? 13  DT  A "C5'" 1 
ATOM   259 C  "C4'" . DT  A 1 13 ? 11.831  5.268   1.733   1.00 88.27  ? 13  DT  A "C4'" 1 
ATOM   260 O  "O4'" . DT  A 1 13 ? 12.587  6.181   0.905   1.00 97.72  ? 13  DT  A "O4'" 1 
ATOM   261 C  "C3'" . DT  A 1 13 ? 12.349  5.459   3.152   1.00 97.64  ? 13  DT  A "C3'" 1 
ATOM   262 O  "O3'" . DT  A 1 13 ? 12.289  4.204   3.923   1.00 119.16 ? 13  DT  A "O3'" 1 
ATOM   263 C  "C2'" . DT  A 1 13 ? 13.768  5.997   2.969   1.00 109.04 ? 13  DT  A "C2'" 1 
ATOM   264 C  "C1'" . DT  A 1 13 ? 13.721  6.668   1.594   1.00 104.46 ? 13  DT  A "C1'" 1 
ATOM   265 N  N1    . DT  A 1 13 ? 13.650  8.161   1.642   1.00 99.38  ? 13  DT  A N1    1 
ATOM   266 C  C2    . DT  A 1 13 ? 14.812  8.883   1.772   1.00 100.91 ? 13  DT  A C2    1 
ATOM   267 O  O2    . DT  A 1 13 ? 15.910  8.367   1.864   1.00 118.28 ? 13  DT  A O2    1 
ATOM   268 N  N3    . DT  A 1 13 ? 14.644  10.241  1.798   1.00 106.37 ? 13  DT  A N3    1 
ATOM   269 C  C4    . DT  A 1 13 ? 13.455  10.938  1.704   1.00 112.53 ? 13  DT  A C4    1 
ATOM   270 O  O4    . DT  A 1 13 ? 13.407  12.165  1.739   1.00 105.87 ? 13  DT  A O4    1 
ATOM   271 C  C5    . DT  A 1 13 ? 12.271  10.120  1.564   1.00 109.63 ? 13  DT  A C5    1 
ATOM   272 C  C7    . DT  A 1 13 ? 10.921  10.764  1.453   1.00 110.68 ? 13  DT  A C7    1 
ATOM   273 C  C6    . DT  A 1 13 ? 12.425  8.787   1.537   1.00 100.09 ? 13  DT  A C6    1 
ATOM   274 P  P     . DT  A 1 14 ? 13.243  2.924   3.652   1.00 111.08 ? 14  DT  A P     1 
ATOM   275 O  OP1   . DT  A 1 14 ? 13.105  2.110   4.877   1.00 105.10 ? 14  DT  A OP1   1 
ATOM   276 O  OP2   . DT  A 1 14 ? 14.610  3.263   3.206   1.00 99.76  ? 14  DT  A OP2   1 
ATOM   277 O  "O5'" . DT  A 1 14 ? 12.512  2.114   2.479   1.00 113.34 ? 14  DT  A "O5'" 1 
ATOM   278 C  "C5'" . DT  A 1 14 ? 11.535  1.117   2.805   1.00 99.74  ? 14  DT  A "C5'" 1 
ATOM   279 C  "C4'" . DT  A 1 14 ? 11.615  -0.080  1.862   1.00 102.57 ? 14  DT  A "C4'" 1 
ATOM   280 O  "O4'" . DT  A 1 14 ? 12.337  0.280   0.655   1.00 93.00  ? 14  DT  A "O4'" 1 
ATOM   281 C  "C3'" . DT  A 1 14 ? 12.345  -1.301  2.409   1.00 98.99  ? 14  DT  A "C3'" 1 
ATOM   282 O  "O3'" . DT  A 1 14 ? 11.850  -2.469  1.763   1.00 99.97  ? 14  DT  A "O3'" 1 
ATOM   283 C  "C2'" . DT  A 1 14 ? 13.776  -1.013  1.984   1.00 82.25  ? 14  DT  A "C2'" 1 
ATOM   284 C  "C1'" . DT  A 1 14 ? 13.541  -0.465  0.583   1.00 85.93  ? 14  DT  A "C1'" 1 
ATOM   285 N  N1    . DT  A 1 14 ? 14.601  0.444   0.111   1.00 84.49  ? 14  DT  A N1    1 
ATOM   286 C  C2    . DT  A 1 14 ? 15.870  -0.041  -0.127  1.00 103.21 ? 14  DT  A C2    1 
ATOM   287 O  O2    . DT  A 1 14 ? 16.187  -1.208  0.040   1.00 108.29 ? 14  DT  A O2    1 
ATOM   288 N  N3    . DT  A 1 14 ? 16.765  0.900   -0.567  1.00 91.91  ? 14  DT  A N3    1 
ATOM   289 C  C4    . DT  A 1 14 ? 16.520  2.244   -0.790  1.00 94.48  ? 14  DT  A C4    1 
ATOM   290 O  O4    . DT  A 1 14 ? 17.392  3.014   -1.187  1.00 91.57  ? 14  DT  A O4    1 
ATOM   291 C  C5    . DT  A 1 14 ? 15.165  2.679   -0.524  1.00 100.45 ? 14  DT  A C5    1 
ATOM   292 C  C7    . DT  A 1 14 ? 14.768  4.112   -0.729  1.00 83.07  ? 14  DT  A C7    1 
ATOM   293 C  C6    . DT  A 1 14 ? 14.288  1.768   -0.095  1.00 89.30  ? 14  DT  A C6    1 
ATOM   294 P  P     . DG  A 1 15 ? 11.822  -3.883  2.525   1.00 104.00 ? 15  DG  A P     1 
ATOM   295 O  OP1   . DG  A 1 15 ? 12.975  -3.954  3.449   1.00 103.35 ? 15  DG  A OP1   1 
ATOM   296 O  OP2   . DG  A 1 15 ? 11.621  -4.921  1.487   1.00 91.99  ? 15  DG  A OP2   1 
ATOM   297 O  "O5'" . DG  A 1 15 ? 10.488  -3.821  3.396   1.00 77.97  ? 15  DG  A "O5'" 1 
ATOM   298 C  "C5'" . DG  A 1 15 ? 9.241   -3.690  2.751   1.00 58.08  ? 15  DG  A "C5'" 1 
ATOM   299 C  "C4'" . DG  A 1 15 ? 8.243   -4.674  3.318   1.00 54.51  ? 15  DG  A "C4'" 1 
ATOM   300 O  "O4'" . DG  A 1 15 ? 6.901   -4.183  3.078   1.00 63.51  ? 15  DG  A "O4'" 1 
ATOM   301 C  "C3'" . DG  A 1 15 ? 8.287   -6.067  2.701   1.00 63.35  ? 15  DG  A "C3'" 1 
ATOM   302 O  "O3'" . DG  A 1 15 ? 7.936   -7.036  3.688   1.00 49.24  ? 15  DG  A "O3'" 1 
ATOM   303 C  "C2'" . DG  A 1 15 ? 7.229   -5.969  1.602   1.00 63.68  ? 15  DG  A "C2'" 1 
ATOM   304 C  "C1'" . DG  A 1 15 ? 6.184   -5.114  2.293   1.00 47.93  ? 15  DG  A "C1'" 1 
ATOM   305 N  N9    . DG  A 1 15 ? 5.310   -4.367  1.393   1.00 64.63  ? 15  DG  A N9    1 
ATOM   306 C  C8    . DG  A 1 15 ? 5.619   -3.224  0.703   1.00 47.32  ? 15  DG  A C8    1 
ATOM   307 N  N7    . DG  A 1 15 ? 4.623   -2.759  0.002   1.00 47.20  ? 15  DG  A N7    1 
ATOM   308 C  C5    . DG  A 1 15 ? 3.587   -3.646  0.247   1.00 50.66  ? 15  DG  A C5    1 
ATOM   309 C  C6    . DG  A 1 15 ? 2.258   -3.655  -0.244  1.00 54.96  ? 15  DG  A C6    1 
ATOM   310 O  O6    . DG  A 1 15 ? 1.722   -2.854  -1.021  1.00 55.13  ? 15  DG  A O6    1 
ATOM   311 N  N1    . DG  A 1 15 ? 1.529   -4.731  0.262   1.00 56.20  ? 15  DG  A N1    1 
ATOM   312 C  C2    . DG  A 1 15 ? 2.029   -5.676  1.131   1.00 69.63  ? 15  DG  A C2    1 
ATOM   313 N  N2    . DG  A 1 15 ? 1.187   -6.645  1.508   1.00 52.34  ? 15  DG  A N2    1 
ATOM   314 N  N3    . DG  A 1 15 ? 3.270   -5.674  1.594   1.00 59.23  ? 15  DG  A N3    1 
ATOM   315 C  C4    . DG  A 1 15 ? 3.990   -4.636  1.110   1.00 45.39  ? 15  DG  A C4    1 
ATOM   316 P  P     . DG  A 1 16 ? 7.895   -8.598  3.314   1.00 63.89  ? 16  DG  A P     1 
ATOM   317 O  OP1   . DG  A 1 16 ? 8.034   -9.357  4.577   1.00 85.15  ? 16  DG  A OP1   1 
ATOM   318 O  OP2   . DG  A 1 16 ? 8.836   -8.834  2.196   1.00 56.18  ? 16  DG  A OP2   1 
ATOM   319 O  "O5'" . DG  A 1 16 ? 6.415   -8.819  2.736   1.00 67.61  ? 16  DG  A "O5'" 1 
ATOM   320 C  "C5'" . DG  A 1 16 ? 5.299   -8.884  3.615   1.00 51.06  ? 16  DG  A "C5'" 1 
ATOM   321 C  "C4'" . DG  A 1 16 ? 4.260   -9.859  3.088   1.00 59.48  ? 16  DG  A "C4'" 1 
ATOM   322 O  "O4'" . DG  A 1 16 ? 3.379   -9.190  2.146   1.00 57.52  ? 16  DG  A "O4'" 1 
ATOM   323 C  "C3'" . DG  A 1 16 ? 4.823   -11.059 2.337   1.00 59.67  ? 16  DG  A "C3'" 1 
ATOM   324 O  "O3'" . DG  A 1 16 ? 3.983   -12.175 2.539   1.00 77.05  ? 16  DG  A "O3'" 1 
ATOM   325 C  "C2'" . DG  A 1 16 ? 4.771   -10.591 0.887   1.00 50.88  ? 16  DG  A "C2'" 1 
ATOM   326 C  "C1'" . DG  A 1 16 ? 3.468   -9.814  0.881   1.00 55.47  ? 16  DG  A "C1'" 1 
ATOM   327 N  N9    . DG  A 1 16 ? 3.415   -8.772  -0.131  1.00 66.62  ? 16  DG  A N9    1 
ATOM   328 C  C8    . DG  A 1 16 ? 4.431   -7.930  -0.502  1.00 45.64  ? 16  DG  A C8    1 
ATOM   329 N  N7    . DG  A 1 16 ? 4.087   -7.080  -1.424  1.00 51.42  ? 16  DG  A N7    1 
ATOM   330 C  C5    . DG  A 1 16 ? 2.756   -7.373  -1.680  1.00 57.33  ? 16  DG  A C5    1 
ATOM   331 C  C6    . DG  A 1 16 ? 1.848   -6.774  -2.586  1.00 60.45  ? 16  DG  A C6    1 
ATOM   332 O  O6    . DG  A 1 16 ? 2.055   -5.838  -3.364  1.00 54.76  ? 16  DG  A O6    1 
ATOM   333 N  N1    . DG  A 1 16 ? 0.589   -7.372  -2.530  1.00 60.50  ? 16  DG  A N1    1 
ATOM   334 C  C2    . DG  A 1 16 ? 0.254   -8.413  -1.697  1.00 55.37  ? 16  DG  A C2    1 
ATOM   335 N  N2    . DG  A 1 16 ? -1.007  -8.860  -1.780  1.00 54.78  ? 16  DG  A N2    1 
ATOM   336 N  N3    . DG  A 1 16 ? 1.097   -8.979  -0.840  1.00 47.31  ? 16  DG  A N3    1 
ATOM   337 C  C4    . DG  A 1 16 ? 2.325   -8.409  -0.889  1.00 65.39  ? 16  DG  A C4    1 
ATOM   338 P  P     . DT  A 1 17 ? 4.272   -13.193 3.745   1.00 72.27  ? 17  DT  A P     1 
ATOM   339 O  OP1   . DT  A 1 17 ? 4.571   -12.407 4.957   1.00 65.63  ? 17  DT  A OP1   1 
ATOM   340 O  OP2   . DT  A 1 17 ? 5.240   -14.196 3.250   1.00 69.66  ? 17  DT  A OP2   1 
ATOM   341 O  "O5'" . DT  A 1 17 ? 2.870   -13.926 3.968   1.00 76.61  ? 17  DT  A "O5'" 1 
ATOM   342 C  "C5'" . DT  A 1 17 ? 1.707   -13.177 4.280   1.00 69.42  ? 17  DT  A "C5'" 1 
ATOM   343 C  "C4'" . DT  A 1 17 ? 0.473   -14.037 4.093   1.00 67.63  ? 17  DT  A "C4'" 1 
ATOM   344 O  "O4'" . DT  A 1 17 ? 0.566   -15.210 4.951   1.00 87.36  ? 17  DT  A "O4'" 1 
ATOM   345 C  "C3'" . DT  A 1 17 ? -0.854  -13.369 4.449   1.00 78.78  ? 17  DT  A "C3'" 1 
ATOM   346 O  "O3'" . DT  A 1 17 ? -1.864  -13.844 3.575   1.00 67.76  ? 17  DT  A "O3'" 1 
ATOM   347 C  "C2'" . DT  A 1 17 ? -1.092  -13.870 5.873   1.00 76.29  ? 17  DT  A "C2'" 1 
ATOM   348 C  "C1'" . DT  A 1 17 ? -0.603  -15.302 5.733   1.00 83.66  ? 17  DT  A "C1'" 1 
ATOM   349 N  N1    . DT  A 1 17 ? -0.273  -15.981 7.027   1.00 85.18  ? 17  DT  A N1    1 
ATOM   350 C  C2    . DT  A 1 17 ? -1.105  -16.972 7.490   1.00 80.34  ? 17  DT  A C2    1 
ATOM   351 O  O2    . DT  A 1 17 ? -2.108  -17.326 6.903   1.00 89.26  ? 17  DT  A O2    1 
ATOM   352 N  N3    . DT  A 1 17 ? -0.720  -17.538 8.676   1.00 95.92  ? 17  DT  A N3    1 
ATOM   353 C  C4    . DT  A 1 17 ? 0.395   -17.220 9.430   1.00 95.58  ? 17  DT  A C4    1 
ATOM   354 O  O4    . DT  A 1 17 ? 0.656   -17.786 10.487  1.00 100.30 ? 17  DT  A O4    1 
ATOM   355 C  C5    . DT  A 1 17 ? 1.229   -16.175 8.887   1.00 78.70  ? 17  DT  A C5    1 
ATOM   356 C  C7    . DT  A 1 17 ? 2.466   -15.747 9.620   1.00 80.06  ? 17  DT  A C7    1 
ATOM   357 C  C6    . DT  A 1 17 ? 0.860   -15.612 7.725   1.00 84.10  ? 17  DT  A C6    1 
ATOM   358 P  P     . DG  A 1 18 ? -2.267  -13.024 2.255   1.00 72.57  ? 18  DG  A P     1 
ATOM   359 O  OP1   . DG  A 1 18 ? -3.382  -13.776 1.632   1.00 59.31  ? 18  DG  A OP1   1 
ATOM   360 O  OP2   . DG  A 1 18 ? -1.037  -12.739 1.475   1.00 65.71  ? 18  DG  A OP2   1 
ATOM   361 O  "O5'" . DG  A 1 18 ? -2.835  -11.636 2.819   1.00 68.11  ? 18  DG  A "O5'" 1 
ATOM   362 C  "C5'" . DG  A 1 18 ? -4.149  -11.570 3.344   1.00 59.53  ? 18  DG  A "C5'" 1 
ATOM   363 C  "C4'" . DG  A 1 18 ? -5.027  -10.655 2.507   1.00 59.72  ? 18  DG  A "C4'" 1 
ATOM   364 O  "O4'" . DG  A 1 18 ? -4.382  -9.363  2.335   1.00 73.74  ? 18  DG  A "O4'" 1 
ATOM   365 C  "C3'" . DG  A 1 18 ? -5.350  -11.152 1.094   1.00 64.46  ? 18  DG  A "C3'" 1 
ATOM   366 O  "O3'" . DG  A 1 18 ? -6.733  -10.927 0.832   1.00 69.57  ? 18  DG  A "O3'" 1 
ATOM   367 C  "C2'" . DG  A 1 18 ? -4.457  -10.272 0.211   1.00 57.76  ? 18  DG  A "C2'" 1 
ATOM   368 C  "C1'" . DG  A 1 18 ? -4.512  -8.974  0.988   1.00 66.44  ? 18  DG  A "C1'" 1 
ATOM   369 N  N9    . DG  A 1 18 ? -3.460  -8.006  0.670   1.00 59.51  ? 18  DG  A N9    1 
ATOM   370 C  C8    . DG  A 1 18 ? -2.182  -7.984  1.169   1.00 48.35  ? 18  DG  A C8    1 
ATOM   371 N  N7    . DG  A 1 18 ? -1.469  -6.985  0.728   1.00 55.37  ? 18  DG  A N7    1 
ATOM   372 C  C5    . DG  A 1 18 ? -2.330  -6.292  -0.110  1.00 54.63  ? 18  DG  A C5    1 
ATOM   373 C  C6    . DG  A 1 18 ? -2.111  -5.121  -0.877  1.00 62.94  ? 18  DG  A C6    1 
ATOM   374 O  O6    . DG  A 1 18 ? -1.079  -4.441  -0.962  1.00 48.33  ? 18  DG  A O6    1 
ATOM   375 N  N1    . DG  A 1 18 ? -3.250  -4.751  -1.592  1.00 54.07  ? 18  DG  A N1    1 
ATOM   376 C  C2    . DG  A 1 18 ? -4.440  -5.431  -1.572  1.00 57.68  ? 18  DG  A C2    1 
ATOM   377 N  N2    . DG  A 1 18 ? -5.429  -4.923  -2.332  1.00 55.04  ? 18  DG  A N2    1 
ATOM   378 N  N3    . DG  A 1 18 ? -4.654  -6.532  -0.859  1.00 65.34  ? 18  DG  A N3    1 
ATOM   379 C  C4    . DG  A 1 18 ? -3.561  -6.902  -0.155  1.00 51.55  ? 18  DG  A C4    1 
ATOM   380 P  P     . DG  A 1 19 ? -7.476  -11.655 -0.394  1.00 83.15  ? 19  DG  A P     1 
ATOM   381 O  OP1   . DG  A 1 19 ? -8.567  -12.492 0.156   1.00 84.81  ? 19  DG  A OP1   1 
ATOM   382 O  OP2   . DG  A 1 19 ? -6.447  -12.247 -1.278  1.00 93.22  ? 19  DG  A OP2   1 
ATOM   383 O  "O5'" . DG  A 1 19 ? -8.159  -10.453 -1.191  1.00 90.72  ? 19  DG  A "O5'" 1 
ATOM   384 C  "C5'" . DG  A 1 19 ? -7.367  -9.405  -1.705  1.00 72.59  ? 19  DG  A "C5'" 1 
ATOM   385 C  "C4'" . DG  A 1 19 ? -8.103  -8.670  -2.806  1.00 79.14  ? 19  DG  A "C4'" 1 
ATOM   386 O  "O4'" . DG  A 1 19 ? -7.268  -7.595  -3.296  1.00 90.15  ? 19  DG  A "O4'" 1 
ATOM   387 C  "C3'" . DG  A 1 19 ? -8.385  -9.499  -4.037  1.00 82.38  ? 19  DG  A "C3'" 1 
ATOM   388 O  "O3'" . DG  A 1 19 ? -9.367  -8.841  -4.827  1.00 95.14  ? 19  DG  A "O3'" 1 
ATOM   389 C  "C2'" . DG  A 1 19 ? -7.016  -9.468  -4.718  1.00 71.52  ? 19  DG  A "C2'" 1 
ATOM   390 C  "C1'" . DG  A 1 19 ? -6.610  -8.010  -4.484  1.00 69.96  ? 19  DG  A "C1'" 1 
ATOM   391 N  N9    . DG  A 1 19 ? -5.179  -7.789  -4.292  1.00 68.42  ? 19  DG  A N9    1 
ATOM   392 C  C8    . DG  A 1 19 ? -4.324  -8.512  -3.496  1.00 74.94  ? 19  DG  A C8    1 
ATOM   393 N  N7    . DG  A 1 19 ? -3.100  -8.053  -3.495  1.00 54.54  ? 19  DG  A N7    1 
ATOM   394 C  C5    . DG  A 1 19 ? -3.151  -6.946  -4.329  1.00 52.45  ? 19  DG  A C5    1 
ATOM   395 C  C6    . DG  A 1 19 ? -2.129  -6.047  -4.708  1.00 57.62  ? 19  DG  A C6    1 
ATOM   396 O  O6    . DG  A 1 19 ? -0.936  -6.049  -4.364  1.00 59.31  ? 19  DG  A O6    1 
ATOM   397 N  N1    . DG  A 1 19 ? -2.605  -5.066  -5.579  1.00 64.86  ? 19  DG  A N1    1 
ATOM   398 C  C2    . DG  A 1 19 ? -3.911  -4.968  -6.016  1.00 63.58  ? 19  DG  A C2    1 
ATOM   399 N  N2    . DG  A 1 19 ? -4.190  -3.954  -6.844  1.00 53.79  ? 19  DG  A N2    1 
ATOM   400 N  N3    . DG  A 1 19 ? -4.875  -5.805  -5.664  1.00 56.59  ? 19  DG  A N3    1 
ATOM   401 C  C4    . DG  A 1 19 ? -4.425  -6.766  -4.823  1.00 57.00  ? 19  DG  A C4    1 
ATOM   402 P  P     . DT  A 1 20 ? -10.898 -9.335  -4.827  1.00 94.37  ? 20  DT  A P     1 
ATOM   403 O  OP1   . DT  A 1 20 ? -11.429 -9.340  -3.444  1.00 82.07  ? 20  DT  A OP1   1 
ATOM   404 O  OP2   . DT  A 1 20 ? -10.944 -10.566 -5.647  1.00 100.38 ? 20  DT  A OP2   1 
ATOM   405 O  "O5'" . DT  A 1 20 ? -11.657 -8.174  -5.613  1.00 101.07 ? 20  DT  A "O5'" 1 
ATOM   406 C  "C5'" . DT  A 1 20 ? -11.548 -6.838  -5.158  1.00 97.03  ? 20  DT  A "C5'" 1 
ATOM   407 C  "C4'" . DT  A 1 20 ? -12.005 -5.869  -6.227  1.00 111.33 ? 20  DT  A "C4'" 1 
ATOM   408 O  "O4'" . DT  A 1 20 ? -13.421 -6.058  -6.475  1.00 104.99 ? 20  DT  A "O4'" 1 
ATOM   409 C  "C3'" . DT  A 1 20 ? -11.855 -4.402  -5.864  1.00 106.14 ? 20  DT  A "C3'" 1 
ATOM   410 O  "O3'" . DT  A 1 20 ? -11.729 -3.624  -7.048  1.00 100.69 ? 20  DT  A "O3'" 1 
ATOM   411 C  "C2'" . DT  A 1 20 ? -13.171 -4.122  -5.145  1.00 97.11  ? 20  DT  A "C2'" 1 
ATOM   412 C  "C1'" . DT  A 1 20 ? -14.152 -4.961  -5.962  1.00 102.61 ? 20  DT  A "C1'" 1 
ATOM   413 N  N1    . DT  A 1 20 ? -15.282 -5.504  -5.169  1.00 128.98 ? 20  DT  A N1    1 
ATOM   414 C  C2    . DT  A 1 20 ? -16.237 -6.265  -5.803  1.00 131.49 ? 20  DT  A C2    1 
ATOM   415 O  O2    . DT  A 1 20 ? -16.208 -6.512  -6.997  1.00 112.98 ? 20  DT  A O2    1 
ATOM   416 N  N3    . DT  A 1 20 ? -17.236 -6.725  -4.987  1.00 136.32 ? 20  DT  A N3    1 
ATOM   417 C  C4    . DT  A 1 20 ? -17.369 -6.510  -3.627  1.00 132.17 ? 20  DT  A C4    1 
ATOM   418 O  O4    . DT  A 1 20 ? -18.307 -6.966  -2.979  1.00 125.21 ? 20  DT  A O4    1 
ATOM   419 C  C5    . DT  A 1 20 ? -16.331 -5.703  -3.022  1.00 128.61 ? 20  DT  A C5    1 
ATOM   420 C  C7    . DT  A 1 20 ? -16.369 -5.399  -1.555  1.00 122.79 ? 20  DT  A C7    1 
ATOM   421 C  C6    . DT  A 1 20 ? -15.348 -5.247  -3.814  1.00 121.58 ? 20  DT  A C6    1 
ATOM   422 P  P     . DG  A 1 21 ? -10.286 -3.365  -7.703  1.00 89.25  ? 21  DG  A P     1 
ATOM   423 O  OP1   . DG  A 1 21 ? -10.488 -2.639  -8.974  1.00 109.64 ? 21  DG  A OP1   1 
ATOM   424 O  OP2   . DG  A 1 21 ? -9.551  -4.647  -7.721  1.00 92.03  ? 21  DG  A OP2   1 
ATOM   425 O  "O5'" . DG  A 1 21 ? -9.589  -2.355  -6.682  1.00 104.01 ? 21  DG  A "O5'" 1 
ATOM   426 C  "C5'" . DG  A 1 21 ? -10.119 -1.050  -6.505  1.00 79.05  ? 21  DG  A "C5'" 1 
ATOM   427 C  "C4'" . DG  A 1 21 ? -9.063  0.005   -6.790  1.00 79.22  ? 21  DG  A "C4'" 1 
ATOM   428 O  "O4'" . DG  A 1 21 ? -8.028  -0.048  -5.771  1.00 76.68  ? 21  DG  A "O4'" 1 
ATOM   429 C  "C3'" . DG  A 1 21 ? -8.336  -0.135  -8.125  1.00 76.82  ? 21  DG  A "C3'" 1 
ATOM   430 O  "O3'" . DG  A 1 21 ? -8.068  1.161   -8.643  1.00 80.90  ? 21  DG  A "O3'" 1 
ATOM   431 C  "C2'" . DG  A 1 21 ? -7.048  -0.857  -7.730  1.00 75.69  ? 21  DG  A "C2'" 1 
ATOM   432 C  "C1'" . DG  A 1 21 ? -6.767  -0.209  -6.386  1.00 75.84  ? 21  DG  A "C1'" 1 
ATOM   433 N  N9    . DG  A 1 21 ? -5.917  -0.994  -5.493  1.00 84.75  ? 21  DG  A N9    1 
ATOM   434 C  C8    . DG  A 1 21 ? -6.272  -2.115  -4.788  1.00 73.81  ? 21  DG  A C8    1 
ATOM   435 N  N7    . DG  A 1 21 ? -5.309  -2.590  -4.054  1.00 71.07  ? 21  DG  A N7    1 
ATOM   436 C  C5    . DG  A 1 21 ? -4.247  -1.724  -4.280  1.00 71.73  ? 21  DG  A C5    1 
ATOM   437 C  C6    . DG  A 1 21 ? -2.934  -1.731  -3.748  1.00 71.27  ? 21  DG  A C6    1 
ATOM   438 O  O6    . DG  A 1 21 ? -2.434  -2.538  -2.946  1.00 63.06  ? 21  DG  A O6    1 
ATOM   439 N  N1    . DG  A 1 21 ? -2.175  -0.666  -4.239  1.00 68.32  ? 21  DG  A N1    1 
ATOM   440 C  C2    . DG  A 1 21 ? -2.637  0.281   -5.128  1.00 73.13  ? 21  DG  A C2    1 
ATOM   441 N  N2    . DG  A 1 21 ? -1.768  1.234   -5.494  1.00 66.89  ? 21  DG  A N2    1 
ATOM   442 N  N3    . DG  A 1 21 ? -3.863  0.292   -5.625  1.00 68.21  ? 21  DG  A N3    1 
ATOM   443 C  C4    . DG  A 1 21 ? -4.609  -0.734  -5.159  1.00 67.35  ? 21  DG  A C4    1 
ATOM   444 P  P     . DG  A 1 22 ? -7.296  1.344   -10.038 1.00 85.04  ? 22  DG  A P     1 
ATOM   445 O  OP1   . DG  A 1 22 ? -7.686  2.664   -10.586 1.00 85.99  ? 22  DG  A OP1   1 
ATOM   446 O  OP2   . DG  A 1 22 ? -7.507  0.116   -10.836 1.00 86.16  ? 22  DG  A OP2   1 
ATOM   447 O  "O5'" . DG  A 1 22 ? -5.749  1.391   -9.621  1.00 98.19  ? 22  DG  A "O5'" 1 
ATOM   448 C  "C5'" . DG  A 1 22 ? -5.234  2.509   -8.904  1.00 77.91  ? 22  DG  A "C5'" 1 
ATOM   449 C  "C4'" . DG  A 1 22 ? -3.846  2.896   -9.398  1.00 76.44  ? 22  DG  A "C4'" 1 
ATOM   450 O  "O4'" . DG  A 1 22 ? -2.834  2.194   -8.641  1.00 71.71  ? 22  DG  A "O4'" 1 
ATOM   451 C  "C3'" . DG  A 1 22 ? -3.549  2.579   -10.856 1.00 76.29  ? 22  DG  A "C3'" 1 
ATOM   452 O  "O3'" . DG  A 1 22 ? -2.591  3.510   -11.352 1.00 78.13  ? 22  DG  A "O3'" 1 
ATOM   453 C  "C2'" . DG  A 1 22 ? -2.955  1.174   -10.759 1.00 70.87  ? 22  DG  A "C2'" 1 
ATOM   454 C  "C1'" . DG  A 1 22 ? -2.136  1.291   -9.480  1.00 68.50  ? 22  DG  A "C1'" 1 
ATOM   455 N  N9    . DG  A 1 22 ? -1.994  0.050   -8.736  1.00 65.76  ? 22  DG  A N9    1 
ATOM   456 C  C8    . DG  A 1 22 ? -2.970  -0.885  -8.492  1.00 69.95  ? 22  DG  A C8    1 
ATOM   457 N  N7    . DG  A 1 22 ? -2.563  -1.878  -7.752  1.00 60.86  ? 22  DG  A N7    1 
ATOM   458 C  C5    . DG  A 1 22 ? -1.237  -1.573  -7.471  1.00 70.64  ? 22  DG  A C5    1 
ATOM   459 C  C6    . DG  A 1 22 ? -0.281  -2.283  -6.710  1.00 64.06  ? 22  DG  A C6    1 
ATOM   460 O  O6    . DG  A 1 22 ? -0.424  -3.354  -6.107  1.00 55.93  ? 22  DG  A O6    1 
ATOM   461 N  N1    . DG  A 1 22 ? 0.947   -1.623  -6.680  1.00 64.99  ? 22  DG  A N1    1 
ATOM   462 C  C2    . DG  A 1 22 ? 1.213   -0.428  -7.307  1.00 59.06  ? 22  DG  A C2    1 
ATOM   463 N  N2    . DG  A 1 22 ? 2.456   0.056   -7.164  1.00 58.85  ? 22  DG  A N2    1 
ATOM   464 N  N3    . DG  A 1 22 ? 0.324   0.247   -8.023  1.00 61.59  ? 22  DG  A N3    1 
ATOM   465 C  C4    . DG  A 1 22 ? -0.875  -0.384  -8.063  1.00 66.29  ? 22  DG  A C4    1 
ATOM   466 P  P     . DT  A 1 23 ? -3.048  4.966   -11.862 1.00 90.75  ? 23  DT  A P     1 
ATOM   467 O  OP1   . DT  A 1 23 ? -4.246  5.406   -11.113 1.00 99.42  ? 23  DT  A OP1   1 
ATOM   468 O  OP2   . DT  A 1 23 ? -3.106  4.891   -13.337 1.00 106.97 ? 23  DT  A OP2   1 
ATOM   469 O  "O5'" . DT  A 1 23 ? -1.842  5.924   -11.425 1.00 85.36  ? 23  DT  A "O5'" 1 
ATOM   470 C  "C5'" . DT  A 1 23 ? -0.572  5.803   -12.058 1.00 106.26 ? 23  DT  A "C5'" 1 
ATOM   471 C  "C4'" . DT  A 1 23 ? 0.441   6.772   -11.460 1.00 119.34 ? 23  DT  A "C4'" 1 
ATOM   472 O  "O4'" . DT  A 1 23 ? 0.124   8.136   -11.853 1.00 115.74 ? 23  DT  A "O4'" 1 
ATOM   473 C  "C3'" . DT  A 1 23 ? 0.522   6.786   -9.929  1.00 90.17  ? 23  DT  A "C3'" 1 
ATOM   474 O  "O3'" . DT  A 1 23 ? 1.868   6.944   -9.537  1.00 79.96  ? 23  DT  A "O3'" 1 
ATOM   475 C  "C2'" . DT  A 1 23 ? -0.286  8.028   -9.570  1.00 111.36 ? 23  DT  A "C2'" 1 
ATOM   476 C  "C1'" . DT  A 1 23 ? 0.128   8.951   -10.702 1.00 115.34 ? 23  DT  A "C1'" 1 
ATOM   477 N  N1    . DT  A 1 23 ? -0.795  10.094  -10.918 1.00 124.82 ? 23  DT  A N1    1 
ATOM   478 C  C2    . DT  A 1 23 ? -0.275  11.324  -11.250 1.00 127.63 ? 23  DT  A C2    1 
ATOM   479 O  O2    . DT  A 1 23 ? 0.919   11.532  -11.380 1.00 130.42 ? 23  DT  A O2    1 
ATOM   480 N  N3    . DT  A 1 23 ? -1.208  12.309  -11.427 1.00 122.89 ? 23  DT  A N3    1 
ATOM   481 C  C4    . DT  A 1 23 ? -2.579  12.191  -11.308 1.00 124.22 ? 23  DT  A C4    1 
ATOM   482 O  O4    . DT  A 1 23 ? -3.334  13.139  -11.488 1.00 135.31 ? 23  DT  A O4    1 
ATOM   483 C  C5    . DT  A 1 23 ? -3.058  10.875  -10.957 1.00 126.15 ? 23  DT  A C5    1 
ATOM   484 C  C7    . DT  A 1 23 ? -4.528  10.624  -10.800 1.00 117.66 ? 23  DT  A C7    1 
ATOM   485 C  C6    . DT  A 1 23 ? -2.153  9.901   -10.780 1.00 118.62 ? 23  DT  A C6    1 
ATOM   486 P  P     . DG  A 1 24 ? 2.774   5.664   -9.200  1.00 82.24  ? 24  DG  A P     1 
ATOM   487 O  OP1   . DG  A 1 24 ? 4.169   6.038   -9.509  1.00 95.67  ? 24  DG  A OP1   1 
ATOM   488 O  OP2   . DG  A 1 24 ? 2.163   4.477   -9.835  1.00 92.99  ? 24  DG  A OP2   1 
ATOM   489 O  "O5'" . DG  A 1 24 ? 2.649   5.521   -7.614  1.00 79.07  ? 24  DG  A "O5'" 1 
ATOM   490 C  "C5'" . DG  A 1 24 ? 3.357   6.415   -6.763  1.00 74.16  ? 24  DG  A "C5'" 1 
ATOM   491 C  "C4'" . DG  A 1 24 ? 4.286   5.653   -5.836  1.00 70.53  ? 24  DG  A "C4'" 1 
ATOM   492 O  "O4'" . DG  A 1 24 ? 3.505   4.805   -4.949  1.00 69.16  ? 24  DG  A "O4'" 1 
ATOM   493 C  "C3'" . DG  A 1 24 ? 5.277   4.719   -6.535  1.00 66.94  ? 24  DG  A "C3'" 1 
ATOM   494 O  "O3'" . DG  A 1 24 ? 6.500   4.712   -5.820  1.00 77.26  ? 24  DG  A "O3'" 1 
ATOM   495 C  "C2'" . DG  A 1 24 ? 4.581   3.369   -6.425  1.00 64.08  ? 24  DG  A "C2'" 1 
ATOM   496 C  "C1'" . DG  A 1 24 ? 4.001   3.488   -5.028  1.00 65.08  ? 24  DG  A "C1'" 1 
ATOM   497 N  N9    . DG  A 1 24 ? 2.924   2.544   -4.737  1.00 64.01  ? 24  DG  A N9    1 
ATOM   498 C  C8    . DG  A 1 24 ? 1.662   2.528   -5.269  1.00 65.21  ? 24  DG  A C8    1 
ATOM   499 N  N7    . DG  A 1 24 ? 0.916   1.557   -4.808  1.00 64.01  ? 24  DG  A N7    1 
ATOM   500 C  C5    . DG  A 1 24 ? 1.738   0.889   -3.916  1.00 62.15  ? 24  DG  A C5    1 
ATOM   501 C  C6    . DG  A 1 24 ? 1.483   -0.252  -3.116  1.00 61.44  ? 24  DG  A C6    1 
ATOM   502 O  O6    . DG  A 1 24 ? 0.441   -0.921  -3.035  1.00 60.99  ? 24  DG  A O6    1 
ATOM   503 N  N1    . DG  A 1 24 ? 2.596   -0.603  -2.356  1.00 60.22  ? 24  DG  A N1    1 
ATOM   504 C  C2    . DG  A 1 24 ? 3.798   0.062   -2.368  1.00 60.35  ? 24  DG  A C2    1 
ATOM   505 N  N2    . DG  A 1 24 ? 4.755   -0.424  -1.564  1.00 60.13  ? 24  DG  A N2    1 
ATOM   506 N  N3    . DG  A 1 24 ? 4.047   1.129   -3.113  1.00 61.19  ? 24  DG  A N3    1 
ATOM   507 C  C4    . DG  A 1 24 ? 2.978   1.483   -3.860  1.00 62.15  ? 24  DG  A C4    1 
ATOM   508 P  P     . DT  A 1 25 ? 7.743   5.595   -6.321  1.00 87.97  ? 25  DT  A P     1 
ATOM   509 O  OP1   . DT  A 1 25 ? 7.249   6.974   -6.556  1.00 71.72  ? 25  DT  A OP1   1 
ATOM   510 O  OP2   . DT  A 1 25 ? 8.382   4.838   -7.422  1.00 76.24  ? 25  DT  A OP2   1 
ATOM   511 O  "O5'" . DT  A 1 25 ? 8.743   5.586   -5.065  1.00 68.77  ? 25  DT  A "O5'" 1 
ATOM   512 C  "C5'" . DT  A 1 25 ? 9.651   6.668   -4.855  1.00 72.63  ? 25  DT  A "C5'" 1 
ATOM   513 C  "C4'" . DT  A 1 25 ? 10.977  6.165   -4.303  1.00 82.66  ? 25  DT  A "C4'" 1 
ATOM   514 O  "O4'" . DT  A 1 25 ? 11.952  7.244   -4.316  1.00 71.07  ? 25  DT  A "O4'" 1 
ATOM   515 C  "C3'" . DT  A 1 25 ? 10.932  5.657   -2.854  1.00 75.36  ? 25  DT  A "C3'" 1 
ATOM   516 O  "O3'" . DT  A 1 25 ? 11.695  4.454   -2.723  1.00 96.22  ? 25  DT  A "O3'" 1 
ATOM   517 C  "C2'" . DT  A 1 25 ? 11.569  6.800   -2.076  1.00 80.23  ? 25  DT  A "C2'" 1 
ATOM   518 C  "C1'" . DT  A 1 25 ? 12.609  7.268   -3.074  1.00 80.82  ? 25  DT  A "C1'" 1 
ATOM   519 N  N1    . DT  A 1 25 ? 13.106  8.635   -2.813  1.00 84.94  ? 25  DT  A N1    1 
ATOM   520 C  C2    . DT  A 1 25 ? 14.394  8.797   -2.370  1.00 87.04  ? 25  DT  A C2    1 
ATOM   521 O  O2    . DT  A 1 25 ? 15.159  7.864   -2.192  1.00 89.77  ? 25  DT  A O2    1 
ATOM   522 N  N3    . DT  A 1 25 ? 14.764  10.096  -2.146  1.00 79.35  ? 25  DT  A N3    1 
ATOM   523 C  C4    . DT  A 1 25 ? 13.986  11.224  -2.315  1.00 83.74  ? 25  DT  A C4    1 
ATOM   524 O  O4    . DT  A 1 25 ? 14.411  12.353  -2.089  1.00 104.99 ? 25  DT  A O4    1 
ATOM   525 C  C5    . DT  A 1 25 ? 12.638  10.982  -2.779  1.00 81.98  ? 25  DT  A C5    1 
ATOM   526 C  C7    . DT  A 1 25 ? 11.699  12.129  -2.999  1.00 86.37  ? 25  DT  A C7    1 
ATOM   527 C  C6    . DT  A 1 25 ? 12.267  9.713   -3.000  1.00 80.59  ? 25  DT  A C6    1 
ATOM   528 P  P     . DG  A 1 26 ? 10.937  3.044   -2.600  1.00 83.74  ? 26  DG  A P     1 
ATOM   529 O  OP1   . DG  A 1 26 ? 10.306  3.001   -1.261  1.00 83.97  ? 26  DG  A OP1   1 
ATOM   530 O  OP2   . DG  A 1 26 ? 11.858  1.951   -2.987  1.00 72.37  ? 26  DG  A OP2   1 
ATOM   531 O  "O5'" . DG  A 1 26 ? 9.802   3.178   -3.718  1.00 77.10  ? 26  DG  A "O5'" 1 
ATOM   532 C  "C5'" . DG  A 1 26 ? 8.655   2.383   -3.662  1.00 75.86  ? 26  DG  A "C5'" 1 
ATOM   533 C  "C4'" . DG  A 1 26 ? 8.966   0.973   -4.107  1.00 60.81  ? 26  DG  A "C4'" 1 
ATOM   534 O  "O4'" . DG  A 1 26 ? 7.870   0.130   -3.744  1.00 67.58  ? 26  DG  A "O4'" 1 
ATOM   535 C  "C3'" . DG  A 1 26 ? 9.120   0.798   -5.607  1.00 66.53  ? 26  DG  A "C3'" 1 
ATOM   536 O  "O3'" . DG  A 1 26 ? 10.482  0.960   -5.976  1.00 97.51  ? 26  DG  A "O3'" 1 
ATOM   537 C  "C2'" . DG  A 1 26 ? 8.647   -0.638  -5.853  1.00 56.20  ? 26  DG  A "C2'" 1 
ATOM   538 C  "C1'" . DG  A 1 26 ? 7.832   -0.976  -4.598  1.00 62.39  ? 26  DG  A "C1'" 1 
ATOM   539 N  N9    . DG  A 1 26 ? 6.441   -1.277  -4.867  1.00 55.47  ? 26  DG  A N9    1 
ATOM   540 C  C8    . DG  A 1 26 ? 5.593   -0.612  -5.716  1.00 56.14  ? 26  DG  A C8    1 
ATOM   541 N  N7    . DG  A 1 26 ? 4.395   -1.123  -5.750  1.00 55.82  ? 26  DG  A N7    1 
ATOM   542 C  C5    . DG  A 1 26 ? 4.456   -2.188  -4.857  1.00 57.84  ? 26  DG  A C5    1 
ATOM   543 C  C6    . DG  A 1 26 ? 3.460   -3.114  -4.472  1.00 54.44  ? 26  DG  A C6    1 
ATOM   544 O  O6    . DG  A 1 26 ? 2.279   -3.173  -4.860  1.00 54.67  ? 26  DG  A O6    1 
ATOM   545 N  N1    . DG  A 1 26 ? 3.947   -4.033  -3.540  1.00 54.33  ? 26  DG  A N1    1 
ATOM   546 C  C2    . DG  A 1 26 ? 5.240   -4.045  -3.046  1.00 71.16  ? 26  DG  A C2    1 
ATOM   547 N  N2    . DG  A 1 26 ? 5.539   -5.004  -2.157  1.00 55.46  ? 26  DG  A N2    1 
ATOM   548 N  N3    . DG  A 1 26 ? 6.173   -3.182  -3.403  1.00 62.38  ? 26  DG  A N3    1 
ATOM   549 C  C4    . DG  A 1 26 ? 5.712   -2.288  -4.308  1.00 60.20  ? 26  DG  A C4    1 
HETATM 550 K  K     . K   B 2 .  ? -1.914  0.457   2.123   1.00 58.21  ? 101 K   A K     1 
HETATM 551 K  K     . K   C 2 .  ? -0.900  -1.605  -0.654  1.00 50.28  ? 102 K   A K     1 
HETATM 552 K  K     . K   D 2 .  ? 0.238   -3.677  -3.249  1.00 44.78  ? 103 K   A K     1 
HETATM 553 K  K     . K   E 2 .  ? 1.246   -5.472  -5.853  0.50 39.07  ? 104 K   A K     1 
HETATM 554 CO CO    . NCO F 3 .  ? -11.033 -1.630  -13.632 0.25 127.23 ? 105 NCO A CO    1 
HETATM 555 N  N1    . NCO F 3 .  ? -9.893  -1.022  -15.131 0.25 122.47 ? 105 NCO A N1    1 
HETATM 556 N  N2    . NCO F 3 .  ? -12.172 -2.235  -12.133 0.25 122.47 ? 105 NCO A N2    1 
HETATM 557 N  N3    . NCO F 3 .  ? -12.644 -1.115  -14.650 0.25 124.18 ? 105 NCO A N3    1 
HETATM 558 N  N4    . NCO F 3 .  ? -10.944 0.191   -12.875 0.25 119.82 ? 105 NCO A N4    1 
HETATM 559 N  N5    . NCO F 3 .  ? -9.421  -2.138  -12.613 0.25 124.19 ? 105 NCO A N5    1 
HETATM 560 N  N6    . NCO F 3 .  ? -11.122 -3.450  -14.390 0.25 119.82 ? 105 NCO A N6    1 
HETATM 561 CO CO    . NCO G 3 .  ? 15.956  15.326  0.361   1.00 122.01 ? 106 NCO A CO    1 
HETATM 562 N  N1    . NCO G 3 .  ? 17.359  15.059  -1.012  1.00 106.07 ? 106 NCO A N1    1 
HETATM 563 N  N2    . NCO G 3 .  ? 14.553  15.592  1.733   1.00 115.49 ? 106 NCO A N2    1 
HETATM 564 N  N3    . NCO G 3 .  ? 14.604  15.599  -1.062  1.00 94.93  ? 106 NCO A N3    1 
HETATM 565 N  N4    . NCO G 3 .  ? 16.339  17.270  0.366   1.00 107.10 ? 106 NCO A N4    1 
HETATM 566 N  N5    . NCO G 3 .  ? 17.307  15.047  1.782   1.00 82.95  ? 106 NCO A N5    1 
HETATM 567 N  N6    . NCO G 3 .  ? 15.576  13.382  0.361   1.00 109.00 ? 106 NCO A N6    1 
HETATM 568 CO CO    . NCO H 3 .  ? 15.092  1.758   -5.339  0.61 109.33 ? 107 NCO A CO    1 
HETATM 569 N  N1    . NCO H 3 .  ? 16.275  2.553   -6.712  0.61 98.23  ? 107 NCO A N1    1 
HETATM 570 N  N2    . NCO H 3 .  ? 13.916  0.940   -3.972  0.61 78.71  ? 107 NCO A N2    1 
HETATM 571 N  N3    . NCO H 3 .  ? 13.531  2.020   -6.529  0.61 78.56  ? 107 NCO A N3    1 
HETATM 572 N  N4    . NCO H 3 .  ? 14.779  3.548   -4.554  0.61 92.80  ? 107 NCO A N4    1 
HETATM 573 N  N5    . NCO H 3 .  ? 16.646  1.496   -4.139  0.61 93.75  ? 107 NCO A N5    1 
HETATM 574 N  N6    . NCO H 3 .  ? 15.431  -0.015  -6.149  0.61 85.49  ? 107 NCO A N6    1 
HETATM 575 O  O1    A MES I 4 .  ? -4.911  8.395   1.994   0.54 83.83  ? 108 MES A O1    1 
HETATM 576 O  O1    B MES I 4 .  ? -3.891  10.075  0.072   0.46 83.99  ? 108 MES A O1    1 
HETATM 577 C  C2    A MES I 4 .  ? -3.852  9.326   1.939   0.54 84.69  ? 108 MES A C2    1 
HETATM 578 C  C2    B MES I 4 .  ? -3.983  11.471  0.207   0.46 83.63  ? 108 MES A C2    1 
HETATM 579 C  C3    A MES I 4 .  ? -3.175  9.605   3.268   0.54 84.26  ? 108 MES A C3    1 
HETATM 580 C  C3    B MES I 4 .  ? -3.072  11.978  1.306   0.46 79.31  ? 108 MES A C3    1 
HETATM 581 N  N4    A MES I 4 .  ? -3.829  8.833   4.364   0.54 91.36  ? 108 MES A N4    1 
HETATM 582 N  N4    B MES I 4 .  ? -3.406  11.305  2.601   0.46 89.26  ? 108 MES A N4    1 
HETATM 583 C  C5    A MES I 4 .  ? -3.824  7.394   3.968   0.54 86.50  ? 108 MES A C5    1 
HETATM 584 C  C5    B MES I 4 .  ? -3.390  9.819   2.425   0.46 86.53  ? 108 MES A C5    1 
HETATM 585 C  C6    A MES I 4 .  ? -4.647  7.206   2.708   0.54 78.08  ? 108 MES A C6    1 
HETATM 586 C  C6    B MES I 4 .  ? -4.271  9.421   1.256   0.46 81.78  ? 108 MES A C6    1 
HETATM 587 C  C7    A MES I 4 .  ? -3.165  9.092   5.681   0.54 87.86  ? 108 MES A C7    1 
HETATM 588 C  C7    B MES I 4 .  ? -2.504  11.770  3.700   0.46 86.58  ? 108 MES A C7    1 
HETATM 589 C  C8    A MES I 4 .  ? -1.871  8.324   5.845   0.54 91.65  ? 108 MES A C8    1 
HETATM 590 C  C8    B MES I 4 .  ? -1.139  11.119  3.648   0.46 81.44  ? 108 MES A C8    1 
HETATM 591 S  S     A MES I 4 .  ? -0.491  9.444   6.217   0.54 97.34  ? 108 MES A S     1 
HETATM 592 S  S     B MES I 4 .  ? 0.141   12.356  3.299   0.46 91.56  ? 108 MES A S     1 
HETATM 593 O  O1S   A MES I 4 .  ? -0.384  10.317  5.033   0.54 86.55  ? 108 MES A O1S   1 
HETATM 594 O  O1S   B MES I 4 .  ? -0.046  12.698  1.877   0.46 85.11  ? 108 MES A O1S   1 
HETATM 595 O  O2S   A MES I 4 .  ? 0.662   8.550   6.412   0.54 91.16  ? 108 MES A O2S   1 
HETATM 596 O  O2S   B MES I 4 .  ? -0.164  13.457  4.227   0.46 84.58  ? 108 MES A O2S   1 
HETATM 597 O  O3S   A MES I 4 .  ? -0.898  10.162  7.439   0.54 93.42  ? 108 MES A O3S   1 
HETATM 598 O  O3S   B MES I 4 .  ? 1.424   11.681  3.573   0.46 80.22  ? 108 MES A O3S   1 
HETATM 599 C  C1    . PEG J 5 .  ? -3.082  1.247   7.526   1.00 96.86  ? 109 PEG A C1    1 
HETATM 600 O  O1    . PEG J 5 .  ? -2.747  0.630   8.751   1.00 83.98  ? 109 PEG A O1    1 
HETATM 601 C  C2    . PEG J 5 .  ? -2.510  2.644   7.456   1.00 96.19  ? 109 PEG A C2    1 
HETATM 602 O  O2    . PEG J 5 .  ? -1.107  2.616   7.344   1.00 88.90  ? 109 PEG A O2    1 
HETATM 603 C  C3    . PEG J 5 .  ? -0.564  3.876   7.023   1.00 92.75  ? 109 PEG A C3    1 
HETATM 604 C  C4    . PEG J 5 .  ? 0.943   3.856   7.119   1.00 78.96  ? 109 PEG A C4    1 
HETATM 605 O  O4    . PEG J 5 .  ? 1.467   5.149   6.902   1.00 84.22  ? 109 PEG A O4    1 
HETATM 606 C  C1    . PEG K 5 .  ? -5.863  -4.935  12.660  1.00 91.73  ? 110 PEG A C1    1 
HETATM 607 O  O1    . PEG K 5 .  ? -6.134  -6.260  13.052  1.00 100.21 ? 110 PEG A O1    1 
HETATM 608 C  C2    . PEG K 5 .  ? -7.133  -4.281  12.177  1.00 101.10 ? 110 PEG A C2    1 
HETATM 609 O  O2    . PEG K 5 .  ? -6.824  -3.131  11.427  1.00 110.49 ? 110 PEG A O2    1 
HETATM 610 C  C3    . PEG K 5 .  ? -7.832  -2.151  11.483  1.00 110.69 ? 110 PEG A C3    1 
HETATM 611 C  C4    . PEG K 5 .  ? -9.048  -2.576  10.697  1.00 100.74 ? 110 PEG A C4    1 
HETATM 612 O  O4    . PEG K 5 .  ? -9.737  -1.429  10.249  1.00 94.23  ? 110 PEG A O4    1 
HETATM 613 C  C1    . PEG L 5 .  ? -9.688  1.466   5.329   1.00 102.61 ? 111 PEG A C1    1 
HETATM 614 O  O1    . PEG L 5 .  ? -8.850  0.584   6.041   1.00 94.74  ? 111 PEG A O1    1 
HETATM 615 C  C2    . PEG L 5 .  ? -9.254  2.888   5.583   1.00 113.51 ? 111 PEG A C2    1 
HETATM 616 O  O2    . PEG L 5 .  ? -10.190 3.790   5.047   1.00 116.53 ? 111 PEG A O2    1 
HETATM 617 C  C3    . PEG L 5 .  ? -9.884  5.126   5.360   1.00 117.33 ? 111 PEG A C3    1 
HETATM 618 C  C4    . PEG L 5 .  ? -10.610 6.065   4.429   1.00 116.43 ? 111 PEG A C4    1 
HETATM 619 O  O4    . PEG L 5 .  ? -9.964  7.317   4.426   1.00 109.87 ? 111 PEG A O4    1 
HETATM 620 C  C1    . PEG M 5 .  ? 15.594  -6.900  0.331   1.00 111.50 ? 112 PEG A C1    1 
HETATM 621 O  O1    . PEG M 5 .  ? 14.765  -6.905  1.474   1.00 113.30 ? 112 PEG A O1    1 
HETATM 622 C  C2    . PEG M 5 .  ? 15.877  -5.482  -0.097  1.00 99.64  ? 112 PEG A C2    1 
HETATM 623 O  O2    . PEG M 5 .  ? 16.417  -5.470  -1.395  1.00 100.32 ? 112 PEG A O2    1 
HETATM 624 C  C3    . PEG M 5 .  ? 16.922  -4.209  -1.750  1.00 100.11 ? 112 PEG A C3    1 
HETATM 625 C  C4    . PEG M 5 .  ? 16.591  -3.894  -3.187  1.00 87.93  ? 112 PEG A C4    1 
HETATM 626 O  O4    . PEG M 5 .  ? 16.734  -2.507  -3.396  1.00 95.15  ? 112 PEG A O4    1 
HETATM 627 C  C1    . PEG N 5 .  ? -8.907  9.524   -10.343 0.50 94.83  ? 113 PEG A C1    1 
HETATM 628 O  O1    . PEG N 5 .  ? -8.084  8.890   -11.298 0.50 88.37  ? 113 PEG A O1    1 
HETATM 629 C  C2    . PEG N 5 .  ? -8.704  8.890   -8.990  0.50 92.83  ? 113 PEG A C2    1 
HETATM 630 O  O2    . PEG N 5 .  ? -9.796  9.162   -8.146  0.50 99.17  ? 113 PEG A O2    1 
HETATM 631 C  C3    . PEG N 5 .  ? -10.972 8.505   -8.552  0.50 98.15  ? 113 PEG A C3    1 
HETATM 632 C  C4    . PEG N 5 .  ? -11.660 7.863   -7.373  0.50 94.04  ? 113 PEG A C4    1 
HETATM 633 O  O4    . PEG N 5 .  ? -10.985 6.679   -7.012  0.50 86.47  ? 113 PEG A O4    1 
HETATM 634 C  C1    . PEG O 5 .  ? 2.782   5.328   9.992   0.50 91.33  ? 114 PEG A C1    1 
HETATM 635 O  O1    . PEG O 5 .  ? 3.599   4.866   8.936   0.50 81.65  ? 114 PEG A O1    1 
HETATM 636 C  C2    . PEG O 5 .  ? 2.666   4.271   11.064  0.50 88.49  ? 114 PEG A C2    1 
HETATM 637 O  O2    . PEG O 5 .  ? 1.602   3.391   10.788  0.50 80.03  ? 114 PEG A O2    1 
HETATM 638 C  C3    . PEG O 5 .  ? 0.344   3.963   11.045  0.50 85.26  ? 114 PEG A C3    1 
HETATM 639 C  C4    . PEG O 5 .  ? -0.762  3.051   10.573  0.50 87.41  ? 114 PEG A C4    1 
HETATM 640 O  O4    . PEG O 5 .  ? -0.389  1.702   10.747  0.50 86.49  ? 114 PEG A O4    1 
HETATM 641 O  O     . HOH P 6 .  ? 15.878  13.003  2.934   1.00 103.43 ? 201 HOH A O     1 
HETATM 642 O  O     . HOH P 6 .  ? 0.358   -10.360 1.500   1.00 49.45  ? 202 HOH A O     1 
HETATM 643 O  O     . HOH P 6 .  ? 7.569   -6.578  12.096  0.50 77.59  ? 203 HOH A O     1 
HETATM 644 O  O     . HOH P 6 .  ? -0.741  12.318  -7.400  1.00 94.26  ? 204 HOH A O     1 
# 
loop_
_atom_site_anisotrop.id 
_atom_site_anisotrop.type_symbol 
_atom_site_anisotrop.pdbx_label_atom_id 
_atom_site_anisotrop.pdbx_label_alt_id 
_atom_site_anisotrop.pdbx_label_comp_id 
_atom_site_anisotrop.pdbx_label_asym_id 
_atom_site_anisotrop.pdbx_label_seq_id 
_atom_site_anisotrop.pdbx_PDB_ins_code 
_atom_site_anisotrop.U[1][1] 
_atom_site_anisotrop.U[2][2] 
_atom_site_anisotrop.U[3][3] 
_atom_site_anisotrop.U[1][2] 
_atom_site_anisotrop.U[1][3] 
_atom_site_anisotrop.U[2][3] 
_atom_site_anisotrop.pdbx_auth_seq_id 
_atom_site_anisotrop.pdbx_auth_comp_id 
_atom_site_anisotrop.pdbx_auth_asym_id 
_atom_site_anisotrop.pdbx_auth_atom_id 
1   O "O5'" . DG A 1  ? 1.1334 1.0903 1.0388 0.0355  0.1215  0.1505  1  DG A "O5'" 
2   C "C5'" . DG A 1  ? 1.0222 1.0276 0.9159 0.0736  0.1194  0.1234  1  DG A "C5'" 
3   C "C4'" . DG A 1  ? 1.0799 1.0594 0.9234 0.1247  0.1292  0.1164  1  DG A "C4'" 
4   O "O4'" . DG A 1  ? 0.9366 0.9639 0.7738 0.1526  0.1175  0.0902  1  DG A "O4'" 
5   C "C3'" . DG A 1  ? 1.1170 1.0187 0.9264 0.1320  0.1255  0.1007  1  DG A "C3'" 
6   O "O3'" . DG A 1  ? 1.1318 0.9974 0.9114 0.1691  0.1360  0.1233  1  DG A "O3'" 
7   C "C2'" . DG A 1  ? 0.9909 0.9202 0.7980 0.1495  0.1141  0.0609  1  DG A "C2'" 
8   C "C1'" . DG A 1  ? 0.9010 0.9026 0.7182 0.1740  0.1091  0.0662  1  DG A "C1'" 
9   N N9    . DG A 1  ? 0.7816 0.8324 0.6121 0.1733  0.0935  0.0375  1  DG A N9    
10  C C8    . DG A 1  ? 0.8409 0.9209 0.6906 0.1389  0.0828  0.0254  1  DG A C8    
11  N N7    . DG A 1  ? 0.8152 0.9311 0.6684 0.1433  0.0700  0.0040  1  DG A N7    
12  C C5    . DG A 1  ? 0.8109 0.9310 0.6584 0.1820  0.0709  0.0023  1  DG A C5    
13  C C6    . DG A 1  ? 0.7061 0.8681 0.5689 0.1980  0.0574  -0.0111 1  DG A C6    
14  O O6    . DG A 1  ? 0.6579 0.8564 0.5338 0.1793  0.0458  -0.0258 1  DG A O6    
15  N N1    . DG A 1  ? 0.8613 1.0220 0.7291 0.2367  0.0538  -0.0001 1  DG A N1    
16  C C2    . DG A 1  ? 0.7533 0.8669 0.6004 0.2587  0.0629  0.0207  1  DG A C2    
17  N N2    . DG A 1  ? 0.7874 0.9053 0.6444 0.2962  0.0494  0.0338  1  DG A N2    
18  N N3    . DG A 1  ? 0.8095 0.8768 0.6338 0.2421  0.0800  0.0332  1  DG A N3    
19  C C4    . DG A 1  ? 1.0012 1.0796 0.8328 0.2031  0.0830  0.0231  1  DG A C4    
20  P P     . DT A 2  ? 1.2013 0.9633 0.9510 0.1751  0.1395  0.1291  2  DT A P     
21  O OP1   . DT A 2  ? 1.3339 1.0688 1.0561 0.2017  0.1478  0.1697  2  DT A OP1   
22  O OP2   . DT A 2  ? 1.2977 1.0055 1.0491 0.1208  0.1358  0.1235  2  DT A OP2   
23  O "O5'" . DT A 2  ? 1.2711 1.0274 1.0179 0.2155  0.1340  0.0921  2  DT A "O5'" 
24  C "C5'" . DT A 2  ? 1.1504 0.9671 0.9095 0.2606  0.1242  0.0916  2  DT A "C5'" 
25  C "C4'" . DT A 2  ? 1.2238 1.0435 1.0058 0.2921  0.1257  0.0616  2  DT A "C4'" 
26  O "O4'" . DT A 2  ? 1.2018 1.0445 0.9912 0.2599  0.1324  0.0259  2  DT A "O4'" 
27  C "C3'" . DT A 2  ? 1.3517 1.0748 1.1197 0.3178  0.1403  0.0610  2  DT A "C3'" 
28  O "O3'" . DT A 2  ? 1.3587 1.1101 1.1676 0.3733  0.1399  0.0565  2  DT A "O3'" 
29  C "C2'" . DT A 2  ? 1.1789 0.8468 0.9206 0.2788  0.1572  0.0258  2  DT A "C2'" 
30  C "C1'" . DT A 2  ? 1.1555 0.9189 0.9226 0.2607  0.1529  0.0017  2  DT A "C1'" 
31  N N1    . DT A 2  ? 1.1808 0.9181 0.9155 0.2024  0.1520  -0.0195 2  DT A N1    
32  C C2    . DT A 2  ? 1.3179 1.0598 1.0378 0.1942  0.1648  -0.0559 2  DT A C2    
33  O O2    . DT A 2  ? 1.3295 1.1061 1.0747 0.2341  0.1840  -0.0707 2  DT A O2    
34  N N3    . DT A 2  ? 1.1995 0.9066 0.8763 0.1354  0.1534  -0.0699 2  DT A N3    
35  C C4    . DT A 2  ? 1.3209 1.0023 0.9896 0.0850  0.1280  -0.0485 2  DT A C4    
36  O O4    . DT A 2  ? 1.4567 1.1112 1.0935 0.0310  0.1088  -0.0584 2  DT A O4    
37  C C5    . DT A 2  ? 1.3188 1.0093 1.0206 0.0981  0.1243  -0.0089 2  DT A C5    
38  C C7    . DT A 2  ? 1.1396 0.8200 0.8558 0.0462  0.1053  0.0236  2  DT A C7    
39  C C6    . DT A 2  ? 1.1801 0.8911 0.9021 0.1555  0.1375  0.0022  2  DT A C6    
40  P P     . DG A 3  ? 1.5942 1.3726 1.4211 0.4186  0.1108  0.0972  3  DG A P     
41  O OP1   . DG A 3  ? 1.3373 1.0544 1.1059 0.4011  0.1046  0.1335  3  DG A OP1   
42  O OP2   . DG A 3  ? 1.5641 1.3322 1.4433 0.4764  0.1164  0.0965  3  DG A OP2   
43  O "O5'" . DG A 3  ? 1.1814 1.0737 1.0331 0.4097  0.0848  0.0944  3  DG A "O5'" 
44  C "C5'" . DG A 3  ? 1.2010 1.1326 1.0615 0.4397  0.0463  0.1234  3  DG A "C5'" 
45  C "C4'" . DG A 3  ? 1.1691 1.1928 1.1106 0.4608  0.0281  0.1123  3  DG A "C4'" 
46  O "O4'" . DG A 3  ? 1.2333 1.3144 1.1851 0.4221  0.0383  0.0797  3  DG A "O4'" 
47  C "C3'" . DG A 3  ? 1.1288 1.1533 1.1474 0.5030  0.0520  0.1049  3  DG A "C3'" 
48  O "O3'" . DG A 3  ? 1.0563 1.1746 1.1647 0.5330  0.0200  0.1210  3  DG A "O3'" 
49  C "C2'" . DG A 3  ? 1.1073 1.1366 1.1247 0.4710  0.0962  0.0607  3  DG A "C2'" 
50  C "C1'" . DG A 3  ? 1.0531 1.1610 1.0662 0.4314  0.0692  0.0547  3  DG A "C1'" 
51  N N9    . DG A 3  ? 0.9324 1.0390 0.9145 0.3840  0.0929  0.0225  3  DG A N9    
52  C C8    . DG A 3  ? 1.0563 1.0930 0.9750 0.3496  0.1104  0.0122  3  DG A C8    
53  N N7    . DG A 3  ? 1.0399 1.0959 0.9466 0.3089  0.1186  -0.0121 3  DG A N7    
54  C C5    . DG A 3  ? 0.9379 1.0776 0.8973 0.3160  0.1109  -0.0189 3  DG A C5    
55  C C6    . DG A 3  ? 0.8709 1.0586 0.8381 0.2819  0.1137  -0.0387 3  DG A C6    
56  O O6    . DG A 3  ? 0.7369 0.9003 0.6618 0.2403  0.1197  -0.0549 3  DG A O6    
57  N N1    . DG A 3  ? 0.8215 1.0937 0.8569 0.2967  0.1028  -0.0329 3  DG A N1    
58  C C2    . DG A 3  ? 0.8179 1.1297 0.9151 0.3393  0.0850  -0.0094 3  DG A C2    
59  N N2    . DG A 3  ? 0.7605 1.1639 0.9349 0.3407  0.0697  -0.0012 3  DG A N2    
60  N N3    . DG A 3  ? 0.8911 1.1561 0.9780 0.3743  0.0776  0.0097  3  DG A N3    
61  C C4    . DG A 3  ? 0.9946 1.1713 1.0073 0.3603  0.0943  0.0029  3  DG A C4    
62  P P     . DG A 4  ? 1.4166 1.5441 1.5370 0.5662  -0.0431 0.1708  4  DG A P     
63  O OP1   . DG A 4  ? 1.2491 1.2821 1.2550 0.5545  -0.0559 0.1927  4  DG A OP1   
64  O OP2   . DG A 4  ? 1.2567 1.4112 1.4894 0.6255  -0.0383 0.1884  4  DG A OP2   
65  O "O5'" . DG A 4  ? 1.0778 1.3039 1.2218 0.5389  -0.0950 0.1739  4  DG A "O5'" 
66  C "C5'" . DG A 4  ? 0.9493 1.1737 1.0148 0.4879  -0.0963 0.1506  4  DG A "C5'" 
67  C "C4'" . DG A 4  ? 0.8951 1.2137 1.0124 0.4650  -0.1352 0.1454  4  DG A "C4'" 
68  O "O4'" . DG A 4  ? 1.0349 1.3443 1.0840 0.4181  -0.1229 0.1150  4  DG A "O4'" 
69  C "C3'" . DG A 4  ? 0.8482 1.2599 1.1007 0.4764  -0.1129 0.1376  4  DG A "C3'" 
70  O "O3'" . DG A 4  ? 0.8311 1.3330 1.1531 0.4641  -0.1721 0.1568  4  DG A "O3'" 
71  C "C2'" . DG A 4  ? 0.8310 1.2336 1.0504 0.4382  -0.0595 0.0953  4  DG A "C2'" 
72  C "C1'" . DG A 4  ? 0.7778 1.1495 0.8965 0.3984  -0.0936 0.0893  4  DG A "C1'" 
73  N N9    . DG A 4  ? 0.8434 1.1713 0.8977 0.3660  -0.0529 0.0593  4  DG A N9    
74  C C8    . DG A 4  ? 0.7933 1.0427 0.7805 0.3649  -0.0219 0.0554  4  DG A C8    
75  N N7    . DG A 4  ? 0.8235 1.0598 0.7796 0.3295  0.0020  0.0324  4  DG A N7    
76  C C5    . DG A 4  ? 0.8048 1.1059 0.7988 0.3075  -0.0121 0.0188  4  DG A C5    
77  C C6    . DG A 4  ? 0.7579 1.0713 0.7396 0.2675  -0.0028 -0.0030 4  DG A C6    
78  O O6    . DG A 4  ? 0.7585 1.0337 0.7002 0.2442  0.0165  -0.0141 4  DG A O6    
79  N N1    . DG A 4  ? 0.7181 1.0972 0.7466 0.2520  -0.0244 -0.0058 4  DG A N1    
80  C C2    . DG A 4  ? 0.6401 1.0768 0.7327 0.2699  -0.0536 0.0120  4  DG A C2    
81  N N2    . DG A 4  ? 0.5911 1.0913 0.7317 0.2429  -0.0732 0.0115  4  DG A N2    
82  N N3    . DG A 4  ? 0.7033 1.1366 0.8174 0.3088  -0.0673 0.0340  4  DG A N3    
83  C C4    . DG A 4  ? 0.7016 1.0606 0.7575 0.3271  -0.0442 0.0352  4  DG A C4    
84  P P     . DT A 5  ? 0.8886 1.5098 1.3890 0.4925  -0.1716 0.1789  5  DT A P     
85  O OP1   . DT A 5  ? 0.8152 1.5117 1.3634 0.4662  -0.2551 0.2070  5  DT A OP1   
86  O OP2   . DT A 5  ? 0.8711 1.4672 1.4249 0.5560  -0.1459 0.1988  5  DT A OP2   
87  O "O5'" . DT A 5  ? 0.7857 1.4482 1.3227 0.4688  -0.0988 0.1413  5  DT A "O5'" 
88  C "C5'" . DT A 5  ? 0.7000 1.3897 1.2040 0.4101  -0.1140 0.1230  5  DT A "C5'" 
89  C "C4'" . DT A 5  ? 0.6739 1.3890 1.2024 0.3927  -0.0402 0.0927  5  DT A "C4'" 
90  O "O4'" . DT A 5  ? 0.6841 1.2979 1.1201 0.4035  0.0176  0.0624  5  DT A "O4'" 
91  C "C3'" . DT A 5  ? 0.7267 1.5442 1.4075 0.4234  0.0029  0.1077  5  DT A "C3'" 
92  O "O3'" . DT A 5  ? 0.7904 1.6649 1.4962 0.3803  0.0351  0.0935  5  DT A "O3'" 
93  C "C2'" . DT A 5  ? 0.7159 1.4581 1.3707 0.4740  0.0750  0.0887  5  DT A "C2'" 
94  C "C1'" . DT A 5  ? 0.8953 1.5237 1.3906 0.4350  0.0889  0.0511  5  DT A "C1'" 
95  N N1    . DT A 5  ? 1.0367 1.5508 1.4582 0.4672  0.1245  0.0361  5  DT A N1    
96  C C2    . DT A 5  ? 1.0573 1.4949 1.3977 0.4499  0.1823  -0.0018 5  DT A C2    
97  O O2    . DT A 5  ? 0.9141 1.3730 1.2348 0.4115  0.2078  -0.0230 5  DT A O2    
98  N N3    . DT A 5  ? 1.0869 1.4123 1.3614 0.4747  0.2037  -0.0114 5  DT A N3    
99  C C4    . DT A 5  ? 1.1372 1.4207 1.4199 0.5160  0.1780  0.0150  5  DT A C4    
100 O O4    . DT A 5  ? 1.1616 1.3352 1.3803 0.5312  0.1990  0.0066  5  DT A O4    
101 C C5    . DT A 5  ? 1.0466 1.4154 1.4106 0.5348  0.1185  0.0559  5  DT A C5    
102 C C7    . DT A 5  ? 1.0586 1.3836 1.4250 0.5771  0.0810  0.0919  5  DT A C7    
103 C C6    . DT A 5  ? 0.9549 1.4328 1.3829 0.5086  0.0927  0.0633  5  DT A C6    
104 P P     . DG A 6  ? 0.7897 1.7514 1.5482 0.3243  -0.0315 0.1158  6  DG A P     
105 O OP1   . DG A 6  ? 0.7875 1.7801 1.5969 0.3388  -0.1172 0.1539  6  DG A OP1   
106 O OP2   . DG A 6  ? 0.6899 1.7514 1.5530 0.3080  0.0226  0.1216  6  DG A OP2   
107 O "O5'" . DG A 6  ? 0.7132 1.5799 1.3140 0.2708  -0.0542 0.0842  6  DG A "O5'" 
108 C "C5'" . DG A 6  ? 0.6345 1.5267 1.2270 0.2152  -0.1132 0.0915  6  DG A "C5'" 
109 C "C4'" . DG A 6  ? 0.7307 1.5963 1.2607 0.1681  -0.0777 0.0653  6  DG A "C4'" 
110 O "O4'" . DG A 6  ? 0.7015 1.4580 1.1033 0.1738  -0.0517 0.0331  6  DG A "O4'" 
111 C "C3'" . DG A 6  ? 0.5288 1.4602 1.1308 0.1636  -0.0014 0.0647  6  DG A "C3'" 
112 O "O3'" . DG A 6  ? 0.6379 1.5668 1.2007 0.1035  -0.0030 0.0581  6  DG A "O3'" 
113 C "C2'" . DG A 6  ? 0.6071 1.4538 1.1288 0.1989  0.0643  0.0336  6  DG A "C2'" 
114 C "C1'" . DG A 6  ? 0.5980 1.3434 0.9883 0.1751  0.0235  0.0138  6  DG A "C1'" 
115 N N9    . DG A 6  ? 0.5606 1.2151 0.8713 0.2047  0.0496  -0.0062 6  DG A N9    
116 C C8    . DG A 6  ? 0.5850 1.2167 0.9103 0.2552  0.0521  0.0016  6  DG A C8    
117 N N7    . DG A 6  ? 0.6076 1.1479 0.8478 0.2637  0.0742  -0.0168 6  DG A N7    
118 C C5    . DG A 6  ? 0.6103 1.1171 0.7813 0.2171  0.0828  -0.0373 6  DG A C5    
119 C C6    . DG A 6  ? 0.8074 1.2286 0.8870 0.1987  0.0975  -0.0568 6  DG A C6    
120 O O6    . DG A 6  ? 0.7649 1.1193 0.8044 0.2171  0.1092  -0.0610 6  DG A O6    
121 N N1    . DG A 6  ? 0.7788 1.1956 0.8186 0.1501  0.0920  -0.0669 6  DG A N1    
122 C C2    . DG A 6  ? 0.7417 1.2203 0.8167 0.1219  0.0782  -0.0599 6  DG A C2    
123 N N2    . DG A 6  ? 0.6909 1.1454 0.7135 0.0762  0.0712  -0.0674 6  DG A N2    
124 N N3    . DG A 6  ? 0.7171 1.2756 0.8780 0.1341  0.0664  -0.0418 6  DG A N3    
125 C C4    . DG A 6  ? 0.5827 1.1546 0.7912 0.1826  0.0680  -0.0311 6  DG A C4    
126 P P     . DG A 7  ? 0.8510 1.8453 1.4752 0.0486  -0.0713 0.0870  7  DG A P     
127 O OP1   . DG A 7  ? 0.5971 1.6279 1.2849 0.0643  -0.1454 0.1132  7  DG A OP1   
128 O OP2   . DG A 7  ? 0.9059 1.9863 1.6117 0.0190  -0.0171 0.1029  7  DG A OP2   
129 O "O5'" . DG A 7  ? 0.7467 1.6338 1.2306 0.0072  -0.1134 0.0635  7  DG A "O5'" 
130 C "C5'" . DG A 7  ? 0.5210 1.3127 0.9036 0.0312  -0.1465 0.0439  7  DG A "C5'" 
131 C "C4'" . DG A 7  ? 0.6190 1.3208 0.8877 0.0040  -0.1462 0.0196  7  DG A "C4'" 
132 O "O4'" . DG A 7  ? 0.7691 1.3889 0.9528 0.0387  -0.1480 0.0007  7  DG A "O4'" 
133 C "C3'" . DG A 7  ? 0.5179 1.2166 0.7678 -0.0142 -0.0827 0.0087  7  DG A "C3'" 
134 O "O3'" . DG A 7  ? 0.7680 1.4159 0.9522 -0.0588 -0.1067 0.0037  7  DG A "O3'" 
135 C "C2'" . DG A 7  ? 0.7064 1.3471 0.9009 0.0270  -0.0441 -0.0125 7  DG A "C2'" 
136 C "C1'" . DG A 7  ? 0.6739 1.2551 0.8126 0.0425  -0.0948 -0.0170 7  DG A "C1'" 
137 N N9    . DG A 7  ? 0.5691 1.1121 0.6811 0.0872  -0.0746 -0.0245 7  DG A N9    
138 C C8    . DG A 7  ? 0.5409 1.1059 0.6935 0.1277  -0.0776 -0.0128 7  DG A C8    
139 N N7    . DG A 7  ? 0.5742 1.0853 0.6832 0.1579  -0.0562 -0.0198 7  DG A N7    
140 C C5    . DG A 7  ? 0.5289 0.9880 0.5747 0.1342  -0.0393 -0.0365 7  DG A C5    
141 C C6    . DG A 7  ? 0.7415 1.1383 0.7341 0.1427  -0.0174 -0.0448 7  DG A C6    
142 O O6    . DG A 7  ? 0.7577 1.1242 0.7393 0.1728  -0.0040 -0.0402 7  DG A O6    
143 N N1    . DG A 7  ? 0.6915 1.0611 0.6468 0.1081  -0.0161 -0.0542 7  DG A N1    
144 C C2    . DG A 7  ? 0.7365 1.1258 0.6936 0.0722  -0.0326 -0.0559 7  DG A C2    
145 N N2    . DG A 7  ? 0.7761 1.1308 0.6959 0.0438  -0.0357 -0.0601 7  DG A N2    
146 N N3    . DG A 7  ? 0.6270 1.0670 0.6253 0.0617  -0.0494 -0.0489 7  DG A N3    
147 C C4    . DG A 7  ? 0.5880 1.0652 0.6339 0.0931  -0.0521 -0.0394 7  DG A C4    
148 P P     . DT A 8  ? 0.7557 1.4122 0.9250 -0.1036 -0.0666 0.0072  8  DT A P     
149 O OP1   . DT A 8  ? 0.8930 1.4913 1.0030 -0.1453 -0.1153 0.0094  8  DT A OP1   
150 O OP2   . DT A 8  ? 0.7977 1.5555 1.0674 -0.1116 -0.0295 0.0287  8  DT A OP2   
151 O "O5'" . DT A 8  ? 0.6864 1.2869 0.7851 -0.0822 -0.0136 -0.0164 8  DT A "O5'" 
152 C "C5'" . DT A 8  ? 0.6775 1.1947 0.6953 -0.0802 -0.0366 -0.0309 8  DT A "C5'" 
153 C "C4'" . DT A 8  ? 0.7270 1.1981 0.6865 -0.0751 0.0090  -0.0476 8  DT A "C4'" 
154 O "O4'" . DT A 8  ? 0.9108 1.3994 0.9026 -0.0299 0.0497  -0.0564 8  DT A "O4'" 
155 C "C3'" . DT A 8  ? 0.7741 1.2375 0.6902 -0.1162 0.0451  -0.0469 8  DT A "C3'" 
156 O "O3'" . DT A 8  ? 0.9358 1.3195 0.7607 -0.1338 0.0433  -0.0585 8  DT A "O3'" 
157 C "C2'" . DT A 8  ? 0.8381 1.3484 0.7972 -0.0878 0.1116  -0.0524 8  DT A "C2'" 
158 C "C1'" . DT A 8  ? 0.7796 1.2687 0.7530 -0.0353 0.1110  -0.0653 8  DT A "C1'" 
159 N N1    . DT A 8  ? 0.7771 1.3276 0.8352 0.0108  0.1503  -0.0619 8  DT A N1    
160 C C2    . DT A 8  ? 0.8844 1.3921 0.9187 0.0491  0.1975  -0.0805 8  DT A C2    
161 O O2    . DT A 8  ? 1.0344 1.4529 0.9758 0.0409  0.2053  -0.1004 8  DT A O2    
162 N N3    . DT A 8  ? 0.7710 1.3404 0.8988 0.0970  0.2302  -0.0722 8  DT A N3    
163 C C4    . DT A 8  ? 0.8266 1.5058 1.0768 0.1055  0.2160  -0.0439 8  DT A C4    
164 O O4    . DT A 8  ? 1.0198 1.7572 1.3649 0.1520  0.2437  -0.0325 8  DT A O4    
165 C C5    . DT A 8  ? 0.7806 1.4974 1.0438 0.0549  0.1613  -0.0259 8  DT A C5    
166 C C7    . DT A 8  ? 0.7569 1.5855 1.1474 0.0487  0.1308  0.0077  8  DT A C7    
167 C C6    . DT A 8  ? 0.7758 1.4216 0.9390 0.0130  0.1340  -0.0374 8  DT A C6    
168 P P     . DG A 9  ? 1.0014 1.3369 0.7902 -0.1595 -0.0194 -0.0486 9  DG A P     
169 O OP1   . DG A 9  ? 0.9405 1.3076 0.7685 -0.1763 -0.0558 -0.0313 9  DG A OP1   
170 O OP2   . DG A 9  ? 0.9345 1.2061 0.6346 -0.1970 -0.0175 -0.0504 9  DG A OP2   
171 O "O5'" . DG A 9  ? 1.0311 1.3520 0.8440 -0.1157 -0.0374 -0.0557 9  DG A "O5'" 
172 C "C5'" . DG A 9  ? 0.8075 1.0963 0.6134 -0.1173 -0.0810 -0.0475 9  DG A "C5'" 
173 C "C4'" . DG A 9  ? 0.8171 1.0666 0.5994 -0.1129 -0.0770 -0.0509 9  DG A "C4'" 
174 O "O4'" . DG A 9  ? 0.7556 1.0155 0.5641 -0.0713 -0.0503 -0.0604 9  DG A "O4'" 
175 C "C3'" . DG A 9  ? 0.7663 0.9725 0.4795 -0.1503 -0.0610 -0.0573 9  DG A "C3'" 
176 O "O3'" . DG A 9  ? 1.0041 1.1678 0.6960 -0.1701 -0.0926 -0.0476 9  DG A "O3'" 
177 C "C2'" . DG A 9  ? 0.8560 1.0637 0.5674 -0.1217 -0.0094 -0.0771 9  DG A "C2'" 
178 C "C1'" . DG A 9  ? 0.8450 1.0726 0.6150 -0.0779 -0.0175 -0.0732 9  DG A "C1'" 
179 N N9    . DG A 9  ? 0.8324 1.0841 0.6340 -0.0365 0.0176  -0.0825 9  DG A N9    
180 C C8    . DG A 9  ? 0.7870 1.0927 0.6300 -0.0200 0.0344  -0.0826 9  DG A C8    
181 N N7    . DG A 9  ? 0.8193 1.1400 0.6968 0.0214  0.0577  -0.0857 9  DG A N7    
182 C C5    . DG A 9  ? 0.7697 1.0353 0.6176 0.0313  0.0589  -0.0892 9  DG A C5    
183 C C6    . DG A 9  ? 0.7765 1.0206 0.6353 0.0696  0.0774  -0.0900 9  DG A C6    
184 O O6    . DG A 9  ? 0.7492 1.0205 0.6492 0.1082  0.0944  -0.0876 9  DG A O6    
185 N N1    . DG A 9  ? 0.7905 0.9765 0.6142 0.0579  0.0703  -0.0881 9  DG A N1    
186 C C2    . DG A 9  ? 0.8927 1.0556 0.6882 0.0164  0.0451  -0.0838 9  DG A C2    
187 N N2    . DG A 9  ? 0.7140 0.8333 0.4976 0.0061  0.0379  -0.0755 9  DG A N2    
188 N N3    . DG A 9  ? 0.8622 1.0448 0.6490 -0.0147 0.0243  -0.0822 9  DG A N3    
189 C C4    . DG A 9  ? 0.7659 0.9946 0.5735 -0.0059 0.0342  -0.0862 9  DG A C4    
190 P P     . DG A 10 ? 1.0097 1.1842 0.7535 -0.1658 -0.1423 -0.0233 10 DG A P     
191 O OP1   . DG A 10 ? 0.8572 1.0458 0.6114 -0.1709 -0.1647 -0.0141 10 DG A OP1   
192 O OP2   . DG A 10 ? 0.8758 1.0120 0.5956 -0.2014 -0.1742 -0.0087 10 DG A OP2   
193 O "O5'" . DG A 10 ? 0.9620 1.1661 0.7683 -0.1132 -0.1242 -0.0256 10 DG A "O5'" 
194 C "C5'" . DG A 10 ? 0.7515 0.9677 0.6114 -0.0933 -0.1446 -0.0072 10 DG A "C5'" 
195 C "C4'" . DG A 10 ? 0.8879 1.1120 0.7781 -0.0665 -0.1191 -0.0051 10 DG A "C4'" 
196 O "O4'" . DG A 10 ? 0.7800 1.0176 0.6676 -0.0270 -0.0879 -0.0204 10 DG A "O4'" 
197 C "C3'" . DG A 10 ? 0.7586 0.9493 0.6173 -0.0969 -0.1126 -0.0082 10 DG A "C3'" 
198 O "O3'" . DG A 10 ? 0.7714 0.9697 0.6813 -0.0988 -0.1217 0.0152  10 DG A "O3'" 
199 C "C2'" . DG A 10 ? 0.7673 0.9517 0.6019 -0.0692 -0.0702 -0.0307 10 DG A "C2'" 
200 C "C1'" . DG A 10 ? 0.6707 0.8933 0.5480 -0.0221 -0.0611 -0.0259 10 DG A "C1'" 
201 N N9    . DG A 10 ? 0.6724 0.9056 0.5395 0.0079  -0.0370 -0.0412 10 DG A N9    
202 C C8    . DG A 10 ? 0.6761 0.9313 0.5379 0.0089  -0.0395 -0.0516 10 DG A C8    
203 N N7    . DG A 10 ? 0.7260 0.9976 0.5985 0.0389  -0.0217 -0.0572 10 DG A N7    
204 C C5    . DG A 10 ? 0.6135 0.8623 0.4861 0.0606  -0.0052 -0.0516 10 DG A C5    
205 C C6    . DG A 10 ? 0.6470 0.8929 0.5258 0.0968  0.0129  -0.0497 10 DG A C6    
206 O O6    . DG A 10 ? 0.7532 1.0246 0.6488 0.1197  0.0148  -0.0520 10 DG A O6    
207 N N1    . DG A 10 ? 0.8091 1.0209 0.6808 0.1034  0.0255  -0.0385 10 DG A N1    
208 C C2    . DG A 10 ? 0.7930 0.9885 0.6670 0.0761  0.0201  -0.0283 10 DG A C2    
209 N N2    . DG A 10 ? 0.6800 0.8494 0.5578 0.0806  0.0338  -0.0123 10 DG A N2    
210 N N3    . DG A 10 ? 0.6544 0.8602 0.5335 0.0444  -0.0012 -0.0284 10 DG A N3    
211 C C4    . DG A 10 ? 0.6060 0.8329 0.4771 0.0395  -0.0124 -0.0414 10 DG A C4    
212 P P     . DT A 11 ? 0.8560 1.0119 0.7435 -0.1517 -0.1476 0.0254  11 DT A P     
213 O OP1   . DT A 11 ? 0.7173 0.9107 0.6965 -0.1530 -0.1646 0.0620  11 DT A OP1   
214 O OP2   . DT A 11 ? 1.0759 1.1930 0.8926 -0.1968 -0.1790 0.0182  11 DT A OP2   
215 O "O5'" . DT A 11 ? 0.9666 1.0760 0.8013 -0.1442 -0.1090 0.0013  11 DT A "O5'" 
216 C "C5'" . DT A 11 ? 0.8790 1.0070 0.7546 -0.1035 -0.0757 0.0064  11 DT A "C5'" 
217 C "C4'" . DT A 11 ? 0.9586 1.0220 0.7783 -0.1055 -0.0507 -0.0122 11 DT A "C4'" 
218 O "O4'" . DT A 11 ? 0.8957 0.9411 0.6592 -0.0871 -0.0243 -0.0443 11 DT A "O4'" 
219 C "C3'" . DT A 11 ? 0.9077 0.8982 0.6788 -0.1625 -0.0781 -0.0116 11 DT A "C3'" 
220 O "O3'" . DT A 11 ? 1.0309 0.9672 0.7853 -0.1575 -0.0577 -0.0138 11 DT A "O3'" 
221 C "C2'" . DT A 11 ? 1.1255 1.0654 0.7995 -0.1811 -0.0752 -0.0444 11 DT A "C2'" 
222 C "C1'" . DT A 11 ? 0.9993 0.9675 0.6775 -0.1242 -0.0254 -0.0655 11 DT A "C1'" 
223 N N1    . DT A 11 ? 1.0435 1.0229 0.6808 -0.1265 -0.0141 -0.0846 11 DT A N1    
224 C C2    . DT A 11 ? 1.0581 1.0138 0.6542 -0.1015 0.0329  -0.1118 11 DT A C2    
225 O O2    . DT A 11 ? 1.1472 1.0649 0.7353 -0.0736 0.0627  -0.1230 11 DT A O2    
226 N N3    . DT A 11 ? 0.9786 0.9580 0.5500 -0.1088 0.0463  -0.1218 11 DT A N3    
227 C C4    . DT A 11 ? 1.0116 1.0236 0.5847 -0.1408 0.0126  -0.1076 11 DT A C4    
228 O O4    . DT A 11 ? 1.1878 1.2166 0.7355 -0.1502 0.0290  -0.1136 11 DT A O4    
229 C C5    . DT A 11 ? 1.0037 1.0295 0.6169 -0.1612 -0.0406 -0.0811 11 DT A C5    
230 C C7    . DT A 11 ? 1.0476 1.0995 0.6695 -0.1904 -0.0829 -0.0616 11 DT A C7    
231 C C6    . DT A 11 ? 0.9867 1.0023 0.6358 -0.1519 -0.0485 -0.0706 11 DT A C6    
232 P P     . DG A 12 ? 1.0529 1.0267 0.8942 -0.1484 -0.0541 0.0253  12 DG A P     
233 O OP1   . DG A 12 ? 1.0758 1.1280 1.0037 -0.1639 -0.0836 0.0594  12 DG A OP1   
234 O OP2   . DG A 12 ? 0.9564 0.8409 0.7566 -0.1788 -0.0573 0.0260  12 DG A OP2   
235 O "O5'" . DG A 12 ? 1.1021 1.1186 0.9646 -0.0795 -0.0094 0.0212  12 DG A "O5'" 
236 C "C5'" . DG A 12 ? 1.0067 1.0606 0.9277 -0.0559 0.0091  0.0530  12 DG A "C5'" 
237 C "C4'" . DG A 12 ? 0.8501 0.8526 0.7362 -0.0262 0.0394  0.0498  12 DG A "C4'" 
238 O "O4'" . DG A 12 ? 0.8662 0.8807 0.7241 0.0229  0.0571  0.0254  12 DG A "O4'" 
239 C "C3'" . DG A 12 ? 0.9687 0.8698 0.7962 -0.0560 0.0345  0.0355  12 DG A "C3'" 
240 O "O3'" . DG A 12 ? 1.1646 1.0250 0.9915 -0.0396 0.0551  0.0559  12 DG A "O3'" 
241 C "C2'" . DG A 12 ? 0.9230 0.7967 0.6910 -0.0291 0.0484  -0.0073 12 DG A "C2'" 
242 C "C1'" . DG A 12 ? 1.0425 0.9889 0.8464 0.0276  0.0672  -0.0021 12 DG A "C1'" 
243 N N9    . DG A 12 ? 0.9737 0.9547 0.7676 0.0480  0.0711  -0.0290 12 DG A N9    
244 C C8    . DG A 12 ? 0.8551 0.8667 0.6449 0.0215  0.0540  -0.0415 12 DG A C8    
245 N N7    . DG A 12 ? 0.9654 1.0091 0.7533 0.0441  0.0645  -0.0593 12 DG A N7    
246 C C5    . DG A 12 ? 0.8921 0.9332 0.6923 0.0910  0.0861  -0.0579 12 DG A C5    
247 C C6    . DG A 12 ? 0.7983 0.8777 0.6211 0.1298  0.0997  -0.0661 12 DG A C6    
248 O O6    . DG A 12 ? 0.8031 0.9294 0.6404 0.1272  0.1001  -0.0772 12 DG A O6    
249 N N1    . DG A 12 ? 0.8642 0.9260 0.7003 0.1722  0.1108  -0.0543 12 DG A N1    
250 C C2    . DG A 12 ? 0.9375 0.9437 0.7561 0.1744  0.1125  -0.0370 12 DG A C2    
251 N N2    . DG A 12 ? 0.9596 0.9480 0.7877 0.2176  0.1198  -0.0231 12 DG A N2    
252 N N3    . DG A 12 ? 0.9590 0.9320 0.7590 0.1344  0.1044  -0.0284 12 DG A N3    
253 C C4    . DG A 12 ? 0.8377 0.8346 0.6345 0.0952  0.0898  -0.0396 12 DG A C4    
254 P P     . DT A 13 ? 1.1771 1.0048 1.0349 -0.0905 0.0419  0.0955  13 DT A P     
255 O OP1   . DT A 13 ? 1.3347 1.0495 1.1237 -0.1367 0.0175  0.0733  13 DT A OP1   
256 O OP2   . DT A 13 ? 1.1933 1.0275 1.0700 -0.0577 0.0731  0.1277  13 DT A OP2   
257 O "O5'" . DT A 13 ? 1.2238 1.1487 1.1690 -0.1234 0.0192  0.1246  13 DT A "O5'" 
258 C "C5'" . DT A 13 ? 1.0336 1.0524 1.0521 -0.0919 0.0455  0.1571  13 DT A "C5'" 
259 C "C4'" . DT A 13 ? 1.0491 1.1346 1.1703 -0.1357 0.0273  0.2009  13 DT A "C4'" 
260 O "O4'" . DT A 13 ? 1.1540 1.2396 1.3192 -0.1496 0.0513  0.2469  13 DT A "O4'" 
261 C "C3'" . DT A 13 ? 1.1796 1.2295 1.3008 -0.2047 -0.0311 0.1975  13 DT A "C3'" 
262 O "O3'" . DT A 13 ? 1.4336 1.5290 1.5649 -0.2049 -0.0598 0.1804  13 DT A "O3'" 
263 C "C2'" . DT A 13 ? 1.2773 1.3639 1.5019 -0.2556 -0.0451 0.2562  13 DT A "C2'" 
264 C "C1'" . DT A 13 ? 1.2163 1.3043 1.4485 -0.2210 0.0127  0.2810  13 DT A "C1'" 
265 N N1    . DT A 13 ? 1.2067 1.1857 1.3834 -0.2575 0.0051  0.2867  13 DT A N1    
266 C C2    . DT A 13 ? 1.2008 1.1818 1.4515 -0.3252 -0.0190 0.3366  13 DT A C2    
267 O O2    . DT A 13 ? 1.3463 1.4276 1.7202 -0.3553 -0.0340 0.3795  13 DT A O2    
268 N N3    . DT A 13 ? 1.3328 1.1931 1.5158 -0.3569 -0.0274 0.3377  13 DT A N3    
269 C C4    . DT A 13 ? 1.4922 1.2344 1.5489 -0.3201 -0.0106 0.2948  13 DT A C4    
270 O O4    . DT A 13 ? 1.4651 1.0908 1.4667 -0.3488 -0.0198 0.2994  13 DT A O4    
271 C C5    . DT A 13 ? 1.4663 1.2306 1.4687 -0.2459 0.0164  0.2475  13 DT A C5    
272 C C7    . DT A 13 ? 1.5505 1.2116 1.4434 -0.1972 0.0360  0.2057  13 DT A C7    
273 C C6    . DT A 13 ? 1.2876 1.1664 1.3489 -0.2225 0.0210  0.2458  13 DT A C6    
274 P P     . DT A 14 ? 1.2506 1.4661 1.5037 -0.1929 -0.0640 0.2156  14 DT A P     
275 O OP1   . DT A 14 ? 1.1865 1.3937 1.4129 -0.2185 -0.1149 0.1958  14 DT A OP1   
276 O OP2   . DT A 14 ? 1.0437 1.3246 1.4221 -0.2188 -0.0615 0.2753  14 DT A OP2   
277 O "O5'" . DT A 14 ? 1.2712 1.5257 1.5093 -0.1138 -0.0088 0.1991  14 DT A "O5'" 
278 C "C5'" . DT A 14 ? 1.1206 1.3689 1.3002 -0.0856 -0.0161 0.1589  14 DT A "C5'" 
279 C "C4'" . DT A 14 ? 1.1229 1.4340 1.3404 -0.0301 0.0136  0.1640  14 DT A "C4'" 
280 O "O4'" . DT A 14 ? 0.9724 1.3194 1.2419 -0.0051 0.0609  0.1987  14 DT A "O4'" 
281 C "C3'" . DT A 14 ? 1.0352 1.4009 1.3250 -0.0356 -0.0153 0.1785  14 DT A "C3'" 
282 O "O3'" . DT A 14 ? 1.0509 1.4294 1.3182 0.0178  0.0053  0.1594  14 DT A "O3'" 
283 C "C2'" . DT A 14 ? 0.7606 1.1919 1.1726 -0.0441 -0.0002 0.2320  14 DT A "C2'" 
284 C "C1'" . DT A 14 ? 0.8194 1.2439 1.2015 -0.0015 0.0649  0.2347  14 DT A "C1'" 
285 N N1    . DT A 14 ? 0.7611 1.2223 1.2268 -0.0222 0.0908  0.2847  14 DT A N1    
286 C C2    . DT A 14 ? 0.9225 1.4750 1.5242 -0.0161 0.1089  0.3317  14 DT A C2    
287 O O2    . DT A 14 ? 0.9541 1.5520 1.6084 0.0109  0.1030  0.3323  14 DT A O2    
288 N N3    . DT A 14 ? 0.7401 1.3297 1.4222 -0.0419 0.1356  0.3819  14 DT A N3    
289 C C4    . DT A 14 ? 0.8099 1.3412 1.4386 -0.0745 0.1414  0.3882  14 DT A C4    
290 O O4    . DT A 14 ? 0.7340 1.3016 1.4437 -0.1025 0.1646  0.4395  14 DT A O4    
291 C C5    . DT A 14 ? 0.9706 1.3961 1.4499 -0.0726 0.1201  0.3340  14 DT A C5    
292 C C7    . DT A 14 ? 0.8006 1.1445 1.2112 -0.0986 0.1240  0.3355  14 DT A C7    
293 C C6    . DT A 14 ? 0.8588 1.2626 1.2718 -0.0461 0.0985  0.2867  14 DT A C6    
294 P P     . DG A 15 ? 1.0942 1.4843 1.3730 0.0174  -0.0338 0.1501  15 DG A P     
295 O OP1   . DG A 15 ? 1.0428 1.4702 1.4139 -0.0245 -0.0763 0.1867  15 DG A OP1   
296 O OP2   . DG A 15 ? 0.9436 1.3407 1.2109 0.0778  -0.0008 0.1391  15 DG A OP2   
297 O "O5'" . DG A 15 ? 0.8187 1.1503 0.9934 -0.0080 -0.0617 0.1096  15 DG A "O5'" 
298 C "C5'" . DG A 15 ? 0.6022 0.9040 0.7005 0.0220  -0.0357 0.0779  15 DG A "C5'" 
299 C "C4'" . DG A 15 ? 0.5796 0.8643 0.6272 0.0189  -0.0596 0.0508  15 DG A "C4'" 
300 O "O4'" . DG A 15 ? 0.7230 0.9831 0.7068 0.0299  -0.0436 0.0235  15 DG A "O4'" 
301 C "C3'" . DG A 15 ? 0.6842 0.9806 0.7421 0.0543  -0.0611 0.0491  15 DG A "C3'" 
302 O "O3'" . DG A 15 ? 0.5151 0.7995 0.5562 0.0284  -0.1000 0.0417  15 DG A "O3'" 
303 C "C2'" . DG A 15 ? 0.7140 0.9919 0.7138 0.0904  -0.0359 0.0268  15 DG A "C2'" 
304 C "C1'" . DG A 15 ? 0.5320 0.7956 0.4935 0.0634  -0.0410 0.0101  15 DG A "C1'" 
305 N N9    . DG A 15 ? 0.7581 1.0115 0.6860 0.0907  -0.0180 -0.0001 15 DG A N9    
306 C C8    . DG A 15 ? 0.5414 0.7861 0.4704 0.1059  0.0092  0.0120  15 DG A C8    
307 N N7    . DG A 15 ? 0.5557 0.7878 0.4497 0.1300  0.0180  0.0032  15 DG A N7    
308 C C5    . DG A 15 ? 0.6016 0.8432 0.4802 0.1284  -0.0051 -0.0153 15 DG A C5    
309 C C6    . DG A 15 ? 0.6613 0.9072 0.5198 0.1457  -0.0145 -0.0253 15 DG A C6    
310 O O6    . DG A 15 ? 0.6708 0.9082 0.5157 0.1704  -0.0063 -0.0200 15 DG A O6    
311 N N1    . DG A 15 ? 0.6700 0.9336 0.5317 0.1285  -0.0408 -0.0372 15 DG A N1    
312 C C2    . DG A 15 ? 0.8367 1.1020 0.7068 0.1003  -0.0555 -0.0396 15 DG A C2    
313 N N2    . DG A 15 ? 0.6144 0.8915 0.4827 0.0823  -0.0806 -0.0472 15 DG A N2    
314 N N3    . DG A 15 ? 0.7023 0.9600 0.5879 0.0881  -0.0504 -0.0300 15 DG A N3    
315 C C4    . DG A 15 ? 0.5262 0.7774 0.4208 0.1027  -0.0251 -0.0181 15 DG A C4    
316 P P     . DG A 16 ? 0.8902 0.8172 0.7200 0.1303  0.0432  -0.0817 16 DG A P     
317 O OP1   . DG A 16 ? 1.1935 1.0568 0.9848 0.1155  0.0362  -0.0882 16 DG A OP1   
318 O OP2   . DG A 16 ? 0.7936 0.6962 0.6447 0.1183  0.0250  -0.0924 16 DG A OP2   
319 O "O5'" . DG A 16 ? 0.9133 0.9246 0.7310 0.1357  0.0373  -0.0780 16 DG A "O5'" 
320 C "C5'" . DG A 16 ? 0.6736 0.7511 0.5151 0.1025  0.0421  -0.0439 16 DG A "C5'" 
321 C "C4'" . DG A 16 ? 0.7606 0.8835 0.6160 0.0597  0.0014  -0.0361 16 DG A "C4'" 
322 O "O4'" . DG A 16 ? 0.6987 0.9130 0.5739 0.0828  0.0136  -0.0270 16 DG A "O4'" 
323 C "C3'" . DG A 16 ? 0.7927 0.8451 0.6295 0.0387  -0.0476 -0.0652 16 DG A "C3'" 
324 O "O3'" . DG A 16 ? 1.0028 1.0744 0.8505 -0.0168 -0.0865 -0.0519 16 DG A "O3'" 
325 C "C2'" . DG A 16 ? 0.6705 0.7566 0.5059 0.0742  -0.0447 -0.0813 16 DG A "C2'" 
326 C "C1'" . DG A 16 ? 0.6810 0.8807 0.5457 0.0804  -0.0208 -0.0488 16 DG A "C1'" 
327 N N9    . DG A 16 ? 0.8068 1.0513 0.6733 0.1280  0.0030  -0.0534 16 DG A N9    
328 C C8    . DG A 16 ? 0.5610 0.7653 0.4078 0.1762  0.0293  -0.0729 16 DG A C8    
329 N N7    . DG A 16 ? 0.6144 0.8640 0.4754 0.2002  0.0390  -0.0651 16 DG A N7    
330 C C5    . DG A 16 ? 0.6518 0.9952 0.5314 0.1831  0.0276  -0.0479 16 DG A C5    
331 C C6    . DG A 16 ? 0.6567 1.0850 0.5550 0.1991  0.0309  -0.0347 16 DG A C6    
332 O O6    . DG A 16 ? 0.5876 1.0058 0.4872 0.2252  0.0372  -0.0329 16 DG A O6    
333 N N1    . DG A 16 ? 0.6256 1.1214 0.5518 0.1607  0.0082  -0.0134 16 DG A N1    
334 C C2    . DG A 16 ? 0.5628 1.0455 0.4957 0.1113  -0.0142 -0.0056 16 DG A C2    
335 N N2    . DG A 16 ? 0.5213 1.0781 0.4820 0.0784  -0.0335 0.0147  16 DG A N2    
336 N N3    . DG A 16 ? 0.4938 0.8962 0.4077 0.0944  -0.0187 -0.0166 16 DG A N3    
337 C C4    . DG A 16 ? 0.7534 1.0893 0.6421 0.1329  0.0028  -0.0378 16 DG A C4    
338 P P     . DT A 17 ? 0.9677 0.9716 0.8066 -0.0670 -0.1133 -0.0460 17 DT A P     
339 O OP1   . DT A 17 ? 0.8867 0.8833 0.7235 -0.0553 -0.0736 -0.0298 17 DT A OP1   
340 O OP2   . DT A 17 ? 0.9729 0.8808 0.7931 -0.0770 -0.1551 -0.0797 17 DT A OP2   
341 O "O5'" . DT A 17 ? 0.9923 1.0671 0.8515 -0.1208 -0.1385 -0.0184 17 DT A "O5'" 
342 C "C5'" . DT A 17 ? 0.8576 1.0376 0.7423 -0.1198 -0.1074 0.0119  17 DT A "C5'" 
343 C "C4'" . DT A 17 ? 0.8090 1.0492 0.7112 -0.1686 -0.1405 0.0286  17 DT A "C4'" 
344 O "O4'" . DT A 17 ? 1.0818 1.2656 0.9720 -0.2255 -0.1766 0.0341  17 DT A "O4'" 
345 C "C3'" . DT A 17 ? 0.9010 1.2568 0.8355 -0.1742 -0.1117 0.0597  17 DT A "C3'" 
346 O "O3'" . DT A 17 ? 0.7343 1.1539 0.6863 -0.1924 -0.1380 0.0646  17 DT A "O3'" 
347 C "C2'" . DT A 17 ? 0.8743 1.2181 0.8063 -0.2249 -0.1151 0.0800  17 DT A "C2'" 
348 C "C1'" . DT A 17 ? 1.0039 1.2617 0.9129 -0.2656 -0.1713 0.0656  17 DT A "C1'" 
349 N N1    . DT A 17 ? 1.0494 1.2459 0.9413 -0.3124 -0.1862 0.0759  17 DT A N1    
350 C C2    . DT A 17 ? 0.9803 1.1966 0.8759 -0.3751 -0.2193 0.0942  17 DT A C2    
351 O O2    . DT A 17 ? 1.0649 1.3481 0.9784 -0.3935 -0.2360 0.1019  17 DT A O2    
352 N N3    . DT A 17 ? 1.2049 1.3585 1.0811 -0.4157 -0.2322 0.1038  17 DT A N3    
353 C C4    . DT A 17 ? 1.2337 1.3090 1.0887 -0.4020 -0.2176 0.0970  17 DT A C4    
354 O O4    . DT A 17 ? 1.3193 1.3363 1.1552 -0.4173 -0.2189 0.1077  17 DT A O4    
355 C C5    . DT A 17 ? 1.0257 1.0849 0.8797 -0.3339 -0.1820 0.0767  17 DT A C5    
356 C C7    . DT A 17 ? 1.0777 1.0537 0.9104 -0.3117 -0.1626 0.0674  17 DT A C7    
357 C C6    . DT A 17 ? 1.0681 1.1878 0.9397 -0.2933 -0.1682 0.0672  17 DT A C6    
358 P P     . DG A 18 ? 0.7675 1.2540 0.7359 -0.1461 -0.1237 0.0591  18 DG A P     
359 O OP1   . DG A 18 ? 0.5741 1.1200 0.5595 -0.1809 -0.1577 0.0682  18 DG A OP1   
360 O OP2   . DG A 18 ? 0.7133 1.1277 0.6556 -0.1026 -0.1215 0.0290  18 DG A OP2   
361 O "O5'" . DG A 18 ? 0.6736 1.2432 0.6713 -0.1153 -0.0696 0.0809  18 DG A "O5'" 
362 C "C5'" . DG A 18 ? 0.5218 1.1859 0.5540 -0.1442 -0.0616 0.1078  18 DG A "C5'" 
363 C "C4'" . DG A 18 ? 0.4798 1.2426 0.5467 -0.1103 -0.0430 0.1164  18 DG A "C4'" 
364 O "O4'" . DG A 18 ? 0.6589 1.4171 0.7258 -0.0500 -0.0026 0.1095  18 DG A "O4'" 
365 C "C3'" . DG A 18 ? 0.5359 1.3124 0.6009 -0.1097 -0.0790 0.1066  18 DG A "C3'" 
366 O "O3'" . DG A 18 ? 0.5507 1.4357 0.6568 -0.1193 -0.0778 0.1267  18 DG A "O3'" 
367 C "C2'" . DG A 18 ? 0.4672 1.2118 0.5158 -0.0502 -0.0612 0.0876  18 DG A "C2'" 
368 C "C1'" . DG A 18 ? 0.5560 1.3416 0.6269 -0.0163 -0.0096 0.1013  18 DG A "C1'" 
369 N N9    . DG A 18 ? 0.4892 1.2307 0.5413 0.0392  0.0184  0.0861  18 DG A N9    
370 C C8    . DG A 18 ? 0.3897 1.0386 0.4086 0.0524  0.0294  0.0696  18 DG A C8    
371 N N7    . DG A 18 ? 0.4879 1.1189 0.4967 0.1048  0.0562  0.0587  18 DG A N7    
372 C C5    . DG A 18 ? 0.4410 1.1570 0.4776 0.1276  0.0624  0.0696  18 DG A C5    
373 C C6    . DG A 18 ? 0.5604 1.2452 0.5858 0.1695  0.0705  0.0652  18 DG A C6    
374 O O6    . DG A 18 ? 0.4196 1.0013 0.4156 0.1898  0.0738  0.0520  18 DG A O6    
375 N N1    . DG A 18 ? 0.4160 1.1744 0.4641 0.1717  0.0632  0.0798  18 DG A N1    
376 C C2    . DG A 18 ? 0.4117 1.2783 0.5015 0.1414  0.0517  0.0965  18 DG A C2    
377 N N2    . DG A 18 ? 0.3576 1.2720 0.4616 0.1486  0.0451  0.1079  18 DG A N2    
378 N N3    . DG A 18 ? 0.5028 1.3784 0.6014 0.0947  0.0356  0.1004  18 DG A N3    
379 C C4    . DG A 18 ? 0.3697 1.1547 0.4345 0.0884  0.0394  0.0863  18 DG A C4    
380 P P     . DG A 19 ? 0.7090 1.6296 0.8209 -0.1378 -0.1199 0.1248  19 DG A P     
381 O OP1   . DG A 19 ? 0.7060 1.6771 0.8392 -0.1943 -0.1405 0.1431  19 DG A OP1   
382 O OP2   . DG A 19 ? 0.8796 1.7117 0.9508 -0.1296 -0.1485 0.0976  19 DG A OP2   
383 O "O5'" . DG A 19 ? 0.7638 1.7735 0.9099 -0.0929 -0.0966 0.1342  19 DG A "O5'" 
384 C "C5'" . DG A 19 ? 0.5458 1.5319 0.6803 -0.0362 -0.0709 0.1228  19 DG A "C5'" 
385 C "C4'" . DG A 19 ? 0.5945 1.6574 0.7551 -0.0064 -0.0699 0.1302  19 DG A "C4'" 
386 O "O4'" . DG A 19 ? 0.7478 1.7836 0.8937 0.0495  -0.0442 0.1195  19 DG A "O4'" 
387 C "C3'" . DG A 19 ? 0.6404 1.7023 0.7872 -0.0248 -0.1140 0.1218  19 DG A "C3'" 
388 O "O3'" . DG A 19 ? 0.7640 1.9080 0.9428 -0.0067 -0.1116 0.1356  19 DG A "O3'" 
389 C "C2'" . DG A 19 ? 0.5500 1.5189 0.6486 0.0033  -0.1174 0.0939  19 DG A "C2'" 
390 C "C1'" . DG A 19 ? 0.5233 1.5041 0.6307 0.0571  -0.0714 0.0979  19 DG A "C1'" 
391 N N9    . DG A 19 ? 0.5482 1.4355 0.6161 0.0828  -0.0553 0.0759  19 DG A N9    
392 C C8    . DG A 19 ? 0.6671 1.4719 0.7083 0.0615  -0.0599 0.0623  19 DG A C8    
393 N N7    . DG A 19 ? 0.4426 1.1760 0.4538 0.0947  -0.0412 0.0431  19 DG A N7    
394 C C5    . DG A 19 ? 0.4016 1.1733 0.4181 0.1401  -0.0221 0.0448  19 DG A C5    
395 C C6    . DG A 19 ? 0.4898 1.2181 0.4816 0.1878  0.0027  0.0292  19 DG A C6    
396 O O6    . DG A 19 ? 0.5488 1.1950 0.5097 0.2009  0.0141  0.0091  19 DG A O6    
397 N N1    . DG A 19 ? 0.5562 1.3460 0.5620 0.2214  0.0130  0.0389  19 DG A N1    
398 C C2    . DG A 19 ? 0.5018 1.3741 0.5398 0.2086  0.0010  0.0605  19 DG A C2    
399 N N2    . DG A 19 ? 0.3859 1.2510 0.4069 0.2301  0.0118  0.0657  19 DG A N2    
400 N N3    . DG A 19 ? 0.3859 1.3104 0.4539 0.1674  -0.0217 0.0745  19 DG A N3    
401 C C4    . DG A 19 ? 0.4162 1.2816 0.4679 0.1333  -0.0314 0.0655  19 DG A C4    
402 P P     . DT A 20 ? 0.7222 1.9301 0.9334 -0.0449 -0.1256 0.1542  20 DT A P     
403 O OP1   . DT A 20 ? 0.5453 1.7889 0.7843 -0.0689 -0.1057 0.1697  20 DT A OP1   
404 O OP2   . DT A 20 ? 0.8189 1.9905 1.0047 -0.0784 -0.1697 0.1427  20 DT A OP2   
405 O "O5'" . DT A 20 ? 0.7844 2.0391 1.0167 -0.0072 -0.1062 0.1640  20 DT A "O5'" 
406 C "C5'" . DT A 20 ? 0.7282 1.9879 0.9706 0.0337  -0.0645 0.1695  20 DT A "C5'" 
407 C "C4'" . DT A 20 ? 0.9036 2.1777 1.1487 0.0673  -0.0587 0.1731  20 DT A "C4'" 
408 O "O4'" . DT A 20 ? 0.7912 2.1282 1.0698 0.0456  -0.0721 0.1878  20 DT A "O4'" 
409 C "C3'" . DT A 20 ? 0.8469 2.0978 1.0883 0.1086  -0.0210 0.1759  20 DT A "C3'" 
410 O "O3'" . DT A 20 ? 0.7878 2.0244 1.0137 0.1396  -0.0220 0.1729  20 DT A "O3'" 
411 C "C2'" . DT A 20 ? 0.7022 2.0045 0.9827 0.0940  -0.0117 0.1916  20 DT A "C2'" 
412 C "C1'" . DT A 20 ? 0.7446 2.1061 1.0479 0.0652  -0.0440 0.1990  20 DT A "C1'" 
413 N N1    . DT A 20 ? 1.0492 2.4644 1.3871 0.0287  -0.0477 0.2104  20 DT A N1    
414 C C2    . DT A 20 ? 1.0594 2.5208 1.4157 -0.0001 -0.0766 0.2173  20 DT A C2    
415 O O2    . DT A 20 ? 0.8300 2.2878 1.1751 0.0029  -0.1004 0.2140  20 DT A O2    
416 N N3    . DT A 20 ? 1.0962 2.6024 1.4811 -0.0336 -0.0768 0.2265  20 DT A N3    
417 C C4    . DT A 20 ? 1.0390 2.5481 1.4349 -0.0423 -0.0518 0.2289  20 DT A C4    
418 O O4    . DT A 20 ? 0.9296 2.4789 1.3487 -0.0746 -0.0538 0.2359  20 DT A O4    
419 C C5    . DT A 20 ? 1.0192 2.4737 1.3938 -0.0112 -0.0235 0.2210  20 DT A C5    
420 C C7    . DT A 20 ? 0.9482 2.3890 1.3281 -0.0182 0.0030  0.2204  20 DT A C7    
421 C C6    . DT A 20 ? 0.9542 2.3644 1.3010 0.0227  -0.0228 0.2126  20 DT A C6    
422 P P     . DG A 21 ? 0.8009 1.6666 0.9237 0.2496  0.0040  0.1606  21 DG A P     
423 O OP1   . DG A 21 ? 1.0341 1.9132 1.2187 0.2660  -0.0267 0.2166  21 DG A OP1   
424 O OP2   . DG A 21 ? 0.8775 1.7270 0.8921 0.2148  -0.0062 0.1548  21 DG A OP2   
425 O "O5'" . DG A 21 ? 1.0000 1.8076 1.1443 0.2649  0.0327  0.1184  21 DG A "O5'" 
426 C "C5'" . DG A 21 ? 0.6431 1.4522 0.9083 0.2998  0.0475  0.1088  21 DG A "C5'" 
427 C "C4'" . DG A 21 ? 0.6609 1.4017 0.9474 0.3154  0.0384  0.1209  21 DG A "C4'" 
428 O "O4'" . DG A 21 ? 0.6710 1.3585 0.8839 0.2990  0.0613  0.0725  21 DG A "O4'" 
429 C "C3'" . DG A 21 ? 0.6507 1.3754 0.8925 0.3046  -0.0019 0.1831  21 DG A "C3'" 
430 O "O3'" . DG A 21 ? 0.6858 1.3769 1.0110 0.3269  -0.0173 0.2152  21 DG A "O3'" 
431 C "C2'" . DG A 21 ? 0.6900 1.3698 0.8161 0.2772  0.0044  0.1570  21 DG A "C2'" 
432 C "C1'" . DG A 21 ? 0.6988 1.3390 0.8438 0.2863  0.0372  0.1004  21 DG A "C1'" 
433 N N9    . DG A 21 ? 0.8540 1.4654 0.9008 0.2563  0.0461  0.0649  21 DG A N9    
434 C C8    . DG A 21 ? 0.7267 1.3667 0.7112 0.2286  0.0522  0.0440  21 DG A C8    
435 N N7    . DG A 21 ? 0.7289 1.3302 0.6410 0.2016  0.0489  0.0242  21 DG A N7    
436 C C5    . DG A 21 ? 0.7507 1.2965 0.6783 0.2145  0.0447  0.0263  21 DG A C5    
437 C C6    . DG A 21 ? 0.7788 1.2693 0.6599 0.1966  0.0367  0.0115  21 DG A C6    
438 O O6    . DG A 21 ? 0.7003 1.1779 0.5179 0.1639  0.0263  -0.0020 21 DG A O6    
439 N N1    . DG A 21 ? 0.7419 1.1901 0.6638 0.2168  0.0358  0.0199  21 DG A N1    
440 C C2    . DG A 21 ? 0.7751 1.2308 0.7726 0.2472  0.0373  0.0461  21 DG A C2    
441 N N2    . DG A 21 ? 0.7016 1.1106 0.7295 0.2574  0.0324  0.0572  21 DG A N2    
442 N N3    . DG A 21 ? 0.6798 1.1859 0.7260 0.2633  0.0384  0.0657  21 DG A N3    
443 C C4    . DG A 21 ? 0.6670 1.2175 0.6745 0.2470  0.0443  0.0512  21 DG A C4    
444 P P     . DG A 22 ? 0.7549 1.4321 1.0441 0.3085  -0.0567 0.2831  22 DG A P     
445 O OP1   . DG A 22 ? 0.7285 1.3966 1.1420 0.3319  -0.0828 0.3331  22 DG A OP1   
446 O OP2   . DG A 22 ? 0.7796 1.5098 0.9841 0.2764  -0.0734 0.3061  22 DG A OP2   
447 O "O5'" . DG A 22 ? 0.9692 1.5790 1.1827 0.2952  -0.0409 0.2516  22 DG A "O5'" 
448 C "C5'" . DG A 22 ? 0.7132 1.2631 0.9840 0.3162  -0.0252 0.2253  22 DG A "C5'" 
449 C "C4'" . DG A 22 ? 0.7255 1.2252 0.9538 0.2995  -0.0361 0.2450  22 DG A "C4'" 
450 O "O4'" . DG A 22 ? 0.7046 1.1747 0.8452 0.2820  -0.0162 0.1949  22 DG A "O4'" 
451 C "C3'" . DG A 22 ? 0.7293 1.2595 0.9100 0.2693  -0.0662 0.3072  22 DG A "C3'" 
452 O "O3'" . DG A 22 ? 0.7622 1.2495 0.9567 0.2604  -0.0779 0.3377  22 DG A "O3'" 
453 C "C2'" . DG A 22 ? 0.6915 1.2377 0.7637 0.2415  -0.0530 0.2711  22 DG A "C2'" 
454 C "C1'" . DG A 22 ? 0.6846 1.1726 0.7453 0.2509  -0.0286 0.2135  22 DG A "C1'" 
455 N N9    . DG A 22 ? 0.6688 1.1648 0.6649 0.2373  -0.0171 0.1697  22 DG A N9    
456 C C8    . DG A 22 ? 0.7126 1.2541 0.6911 0.2341  -0.0154 0.1602  22 DG A C8    
457 N N7    . DG A 22 ? 0.6185 1.1508 0.5430 0.2166  -0.0111 0.1263  22 DG A N7    
458 C C5    . DG A 22 ? 0.7650 1.2439 0.6752 0.2102  -0.0106 0.1110  22 DG A C5    
459 C C6    . DG A 22 ? 0.7055 1.1527 0.5756 0.1909  -0.0150 0.0820  22 DG A C6    
460 O O6    . DG A 22 ? 0.6105 1.0672 0.4476 0.1734  -0.0227 0.0674  22 DG A O6    
461 N N1    . DG A 22 ? 0.7303 1.1298 0.6093 0.1901  -0.0156 0.0761  22 DG A N1    
462 C C2    . DG A 22 ? 0.6483 1.0311 0.5648 0.2038  -0.0108 0.0965  22 DG A C2    
463 N N2    . DG A 22 ? 0.6591 0.9969 0.5803 0.1977  -0.0116 0.0870  22 DG A N2    
464 N N3    . DG A 22 ? 0.6591 1.0675 0.6137 0.2196  -0.0103 0.1292  22 DG A N3    
465 C C4    . DG A 22 ? 0.7035 1.1605 0.6547 0.2230  -0.0111 0.1344  22 DG A C4    
466 P P     . DT A 23 ? 0.8888 1.3576 1.2018 0.2776  -0.1083 0.4001  23 DT A P     
467 O OP1   . DT A 23 ? 0.9588 1.4323 1.3865 0.3200  -0.1021 0.3791  23 DT A OP1   
468 O OP2   . DT A 23 ? 1.0905 1.6047 1.3693 0.2385  -0.1462 0.4795  23 DT A OP2   
469 O "O5'" . DT A 23 ? 0.8395 1.2312 1.1727 0.2812  -0.0977 0.3827  23 DT A "O5'" 
470 C "C5'" . DT A 23 ? 1.1349 1.5147 1.3879 0.2431  -0.0999 0.3990  23 DT A "C5'" 
471 C "C4'" . DT A 23 ? 1.3133 1.6184 1.6028 0.2518  -0.0892 0.3769  23 DT A "C4'" 
472 O "O4'" . DT A 23 ? 1.2406 1.5140 1.6429 0.2639  -0.1190 0.4345  23 DT A "O4'" 
473 C "C3'" . DT A 23 ? 0.9518 1.2149 1.2593 0.2817  -0.0558 0.2938  23 DT A "C3'" 
474 O "O3'" . DT A 23 ? 0.8512 1.0672 1.1195 0.2668  -0.0431 0.2641  23 DT A "O3'" 
475 C "C2'" . DT A 23 ? 1.1841 1.4161 1.6309 0.3182  -0.0621 0.2993  23 DT A "C2'" 
476 C "C1'" . DT A 23 ? 1.2267 1.4388 1.7171 0.3010  -0.0998 0.3815  23 DT A "C1'" 
477 N N1    . DT A 23 ? 1.3005 1.4958 1.9465 0.3293  -0.1290 0.4259  23 DT A N1    
478 C C2    . DT A 23 ? 1.3276 1.4653 2.0564 0.3262  -0.1545 0.4702  23 DT A C2    
479 O O2    . DT A 23 ? 1.3937 1.4971 2.0647 0.2992  -0.1508 0.4736  23 DT A O2    
480 N N3    . DT A 23 ? 1.2173 1.3395 2.1126 0.3549  -0.1869 0.5121  23 DT A N3    
481 C C4    . DT A 23 ? 1.1888 1.3517 2.1791 0.3874  -0.1937 0.5100  23 DT A C4    
482 O O4    . DT A 23 ? 1.2854 1.4283 2.4277 0.4061  -0.2227 0.5387  23 DT A O4    
483 C C5    . DT A 23 ? 1.2269 1.4546 2.1119 0.3867  -0.1613 0.4602  23 DT A C5    
484 C C7    . DT A 23 ? 1.0707 1.3526 2.0473 0.4172  -0.1630 0.4523  23 DT A C7    
485 C C6    . DT A 23 ? 1.1836 1.4212 1.9022 0.3574  -0.1324 0.4229  23 DT A C6    
486 P P     . DG A 24 ? 0.9115 1.1415 1.0717 0.2425  -0.0265 0.2198  24 DG A P     
487 O OP1   . DG A 24 ? 1.0980 1.2953 1.2417 0.2190  -0.0277 0.2261  24 DG A OP1   
488 O OP2   . DG A 24 ? 1.0435 1.3402 1.1493 0.2293  -0.0311 0.2339  24 DG A OP2   
489 O "O5'" . DG A 24 ? 0.8815 1.0829 1.0400 0.2596  -0.0043 0.1478  24 DG A "O5'" 
490 C "C5'" . DG A 24 ? 0.8294 0.9694 1.0188 0.2639  0.0055  0.1128  24 DG A "C5'" 
491 C "C4'" . DG A 24 ? 0.8127 0.9381 0.9289 0.2426  0.0126  0.0650  24 DG A "C4'" 
492 O "O4'" . DG A 24 ? 0.7988 0.9537 0.8755 0.2419  0.0232  0.0284  24 DG A "O4'" 
493 C "C3'" . DG A 24 ? 0.7792 0.9241 0.8399 0.2168  0.0003  0.0832  24 DG A "C3'" 
494 O "O3'" . DG A 24 ? 0.9288 1.0351 0.9718 0.2003  -0.0018 0.0522  24 DG A "O3'" 
495 C "C2'" . DG A 24 ? 0.7428 0.9373 0.7546 0.2125  -0.0007 0.0744  24 DG A "C2'" 
496 C "C1'" . DG A 24 ? 0.7622 0.9413 0.7690 0.2192  0.0110  0.0302  24 DG A "C1'" 
497 N N9    . DG A 24 ? 0.7433 0.9690 0.7197 0.2188  0.0145  0.0226  24 DG A N9    
498 C C8    . DG A 24 ? 0.7346 1.0033 0.7398 0.2369  0.0197  0.0430  24 DG A C8    
499 N N7    . DG A 24 ? 0.7193 1.0260 0.6868 0.2285  0.0226  0.0291  24 DG A N7    
500 C C5    . DG A 24 ? 0.7221 1.0076 0.6317 0.2012  0.0151  0.0028  24 DG A C5    
501 C C6    . DG A 24 ? 0.7253 1.0316 0.5776 0.1756  0.0076  -0.0121 24 DG A C6    
502 O O6    . DG A 24 ? 0.7097 1.0603 0.5473 0.1726  0.0118  -0.0100 24 DG A O6    
503 N N1    . DG A 24 ? 0.7341 1.0052 0.5486 0.1475  -0.0112 -0.0254 24 DG A N1    
504 C C2    . DG A 24 ? 0.7454 0.9703 0.5773 0.1468  -0.0180 -0.0295 24 DG A C2    
505 N N2    . DG A 24 ? 0.7619 0.9610 0.5618 0.1161  -0.0430 -0.0385 24 DG A N2    
506 N N3    . DG A 24 ? 0.7457 0.9516 0.6278 0.1708  -0.0058 -0.0200 24 DG A N3    
507 C C4    . DG A 24 ? 0.7359 0.9724 0.6532 0.1962  0.0088  -0.0017 24 DG A C4    
508 P P     . DT A 25 ? 1.0661 1.1353 1.1410 0.1889  -0.0057 0.0683  25 DT A P     
509 O OP1   . DT A 25 ? 0.8488 0.8877 0.9886 0.2072  -0.0030 0.0905  25 DT A OP1   
510 O OP2   . DT A 25 ? 0.9111 1.0207 0.9651 0.1679  -0.0094 0.0916  25 DT A OP2   
511 O "O5'" . DT A 25 ? 0.8425 0.8689 0.9018 0.1747  -0.0098 0.0220  25 DT A "O5'" 
512 C "C5'" . DT A 25 ? 0.8962 0.8716 0.9916 0.1686  -0.0104 0.0155  25 DT A "C5'" 
513 C "C4'" . DT A 25 ? 1.0343 0.9960 1.1104 0.1431  -0.0248 -0.0072 25 DT A "C4'" 
514 O "O4'" . DT A 25 ? 0.8889 0.8058 1.0056 0.1343  -0.0255 -0.0073 25 DT A "O4'" 
515 C "C3'" . DT A 25 ? 0.9603 0.9106 0.9925 0.1297  -0.0356 -0.0482 25 DT A "C3'" 
516 O "O3'" . DT A 25 ? 1.2238 1.1943 1.2378 0.1095  -0.0599 -0.0476 25 DT A "O3'" 
517 C "C2'" . DT A 25 ? 1.0337 0.9292 1.0855 0.1193  -0.0348 -0.0758 25 DT A "C2'" 
518 C "C1'" . DT A 25 ? 1.0287 0.9132 1.1291 0.1168  -0.0378 -0.0466 25 DT A "C1'" 
519 N N1    . DT A 25 ? 1.0850 0.9146 1.2276 0.1140  -0.0329 -0.0580 25 DT A N1    
520 C C2    . DT A 25 ? 1.1174 0.9214 1.2684 0.0889  -0.0489 -0.0722 25 DT A C2    
521 O O2    . DT A 25 ? 1.1500 0.9754 1.2854 0.0706  -0.0692 -0.0739 25 DT A O2    
522 N N3    . DT A 25 ? 1.0235 0.7750 1.2162 0.0857  -0.0435 -0.0842 25 DT A N3    
523 C C4    . DT A 25 ? 1.0746 0.7939 1.3132 0.1067  -0.0255 -0.0835 25 DT A C4    
524 O O4    . DT A 25 ? 1.3447 1.0124 1.6320 0.1016  -0.0237 -0.0968 25 DT A O4    
525 C C5    . DT A 25 ? 1.0419 0.7917 1.2814 0.1350  -0.0124 -0.0660 25 DT A C5    
526 C C7    . DT A 25 ? 1.0823 0.8019 1.3975 0.1617  0.0010  -0.0610 25 DT A C7    
527 C C6    . DT A 25 ? 1.0240 0.8286 1.2096 0.1361  -0.0160 -0.0542 25 DT A C6    
528 P P     . DG A 26 ? 1.0643 1.0782 1.0391 0.1076  -0.0704 -0.0436 26 DG A P     
529 O OP1   . DG A 26 ? 1.0878 1.0925 1.0100 0.0931  -0.0752 -0.0684 26 DG A OP1   
530 O OP2   . DG A 26 ? 0.9051 0.9388 0.9060 0.0945  -0.0932 -0.0359 26 DG A OP2   
531 O "O5'" . DG A 26 ? 0.9663 1.0146 0.9485 0.1345  -0.0448 -0.0200 26 DG A "O5'" 
532 C "C5'" . DG A 26 ? 0.9489 1.0341 0.8994 0.1411  -0.0423 -0.0171 26 DG A "C5'" 
533 C "C4'" . DG A 26 ? 0.7480 0.8674 0.6952 0.1297  -0.0594 -0.0091 26 DG A "C4'" 
534 O "O4'" . DG A 26 ? 0.8364 0.9847 0.7465 0.1295  -0.0627 -0.0091 26 DG A "O4'" 
535 C "C3'" . DG A 26 ? 0.7994 0.9542 0.7742 0.1348  -0.0464 0.0104  26 DG A "C3'" 
536 O "O3'" . DG A 26 ? 1.1824 1.3255 1.1969 0.1217  -0.0488 0.0045  26 DG A "O3'" 
537 C "C2'" . DG A 26 ? 0.6586 0.8553 0.6213 0.1294  -0.0552 0.0085  26 DG A "C2'" 
538 C "C1'" . DG A 26 ? 0.7540 0.9406 0.6757 0.1277  -0.0686 0.0015  26 DG A "C1'" 
539 N N9    . DG A 26 ? 0.6626 0.8866 0.5584 0.1390  -0.0567 0.0121  26 DG A N9    
540 C C8    . DG A 26 ? 0.6609 0.9086 0.5635 0.1579  -0.0355 0.0309  26 DG A C8    
541 N N7    . DG A 26 ? 0.6510 0.9350 0.5347 0.1635  -0.0323 0.0374  26 DG A N7    
542 C C5    . DG A 26 ? 0.6861 0.9684 0.5431 0.1449  -0.0507 0.0224  26 DG A C5    
543 C C6    . DG A 26 ? 0.6422 0.9557 0.4705 0.1370  -0.0567 0.0235  26 DG A C6    
544 O O6    . DG A 26 ? 0.6335 0.9863 0.4572 0.1481  -0.0437 0.0336  26 DG A O6    
545 N N1    . DG A 26 ? 0.6526 0.9492 0.4621 0.1098  -0.0853 0.0166  26 DG A N1    
546 C C2    . DG A 26 ? 0.8745 1.1305 0.6987 0.0944  -0.1084 0.0101  26 DG A C2    
547 N N2    . DG A 26 ? 0.6836 0.9282 0.4954 0.0642  -0.1458 0.0153  26 DG A N2    
548 N N3    . DG A 26 ? 0.7618 0.9917 0.6166 0.1046  -0.1001 0.0041  26 DG A N3    
549 C C4    . DG A 26 ? 0.7257 0.9700 0.5917 0.1291  -0.0693 0.0101  26 DG A C4    
# 
